data_6HAK
#
_entry.id   6HAK
#
_cell.length_a   175.240
_cell.length_b   175.240
_cell.length_c   225.800
_cell.angle_alpha   90.00
_cell.angle_beta   90.00
_cell.angle_gamma   90.00
#
_symmetry.space_group_name_H-M   'P 43 21 2'
#
loop_
_entity.id
_entity.type
_entity.pdbx_description
1 polymer 'Gag-Pol polyprotein'
2 polymer 'Gag-Pol polyprotein'
3 polymer "RNA (5'-R(P*AP*GP*UP*GP*GP*CP*GP*GP*CP*CP*GP*AP*AP*CP*AP*GP*GP*GP*AP*C)-3')"
4 polymer "RNA (5'-R(P*UP*CP*CP*CP*UP*GP*UP*UP*CP*GP*GP*CP*CP*GP*CP*CP*A)-3')"
5 branched beta-D-fructofuranose-(2-1)-alpha-D-glucopyranose
6 non-polymer 'MAGNESIUM ION'
7 water water
#
loop_
_entity_poly.entity_id
_entity_poly.type
_entity_poly.pdbx_seq_one_letter_code
_entity_poly.pdbx_strand_id
1 'polypeptide(L)'
;MVPISPIETVPVKLKPGMDGPKVKQWPLTEEKIKALVEICTEMEKEGKISKIGPENPYNTPVFAIKKKDSTKWRKLVDFR
ELNKRTQDFWEVQLGIPHPAGLKKKKSVTVLDVGDAYFSVPLDEDFRKYTAFTIPSINNETPGIRYQYNVLPQGWKGSPA
IFQSSMTKILEPFKKQNPDIVIYQYMDDLYVGSDLEIGQHRTKIEELRQHLLRWGLTTPDKKHQKEPPFLWMGYELHPDK
WTVQPIVLPEKDSWTVNDICKLVGKLNWASQIYPGIKVRQLSKLLRGTKALTEVIPLTEEAELELAENREILKEPVHGVY
YDPSKDLIAEIQKQGQGQWTYQIYQEPFKNLKTGKYARMRGAHTNDVKQLTEAVQKITTESIVIWGKTPKFKLPIQKETW
ETWWTEYWQATWIPEWEFVNTPPLVKLWYQLEKEPIVGAETFYVDGAANRETKLGKAGYVTNKGRQKVVPLTNTTNQKTE
LQAIYLALQDSGLEVNIVTNSQYALGIIQAQPDKSESELVNQIIEQLIKKEKVYLAWVPAHKGIGGNEQVDKLVSA
;
A,C
2 'polypeptide(L)'
;MAHHHHHHALEVLFQGPISPIETVPVKLKPGMDGPKVKQWPLTEEKIKALVEICTEMEKEGKISKIGPENPYNTPVFAIK
KKDSTKWRKLVDFRELNKRTQDFWEVQLGIPHPAGLKKKKSVTVLDVGDAYFSVPLDEDFRKYTAFTIPSINNETPGIRY
QYNVLPQGWKGSPAIFQSSMTKILEPFKKQNPDIVIYQYMDDLYVGSDLEIGQHRTKIEELRQHLLRWGLTTPDKKHQKE
PPFLWMGYELHPDKWTVQPIVLPEKDSWTVNDIQKLVGKLNWASQIYPGIKVRQLSKLLRGTKALTEVIPLTEEAELELA
ENREILKEPVHGVYYDPSKDLIAEIQKQGQGQWTYQIYQEPFKNLKTGKYARMRGAHTNDVKQLTEAVQKITTESIVIWG
KTPKFKLPIQKETWETWWTEYWQATWIPEWEFVNTPPLVKLWYQ
;
B,D
3 'polyribonucleotide' AGCAGUGGCGGCCGAACAGGGAC T,E
4 'polyribonucleotide' UCCCUGUUCGGCCGCCA P,F
#
# COMPACT_ATOMS: atom_id res chain seq x y z
N PRO A 3 16.52 -66.01 27.21
CA PRO A 3 16.43 -66.13 25.75
C PRO A 3 17.14 -64.99 25.06
N ILE A 4 17.60 -65.16 23.81
CA ILE A 4 18.16 -64.02 23.11
C ILE A 4 16.96 -63.24 22.58
N SER A 5 17.20 -62.09 21.97
CA SER A 5 16.24 -61.02 21.72
C SER A 5 15.28 -61.32 20.57
N PRO A 6 14.07 -60.74 20.60
CA PRO A 6 13.14 -60.91 19.49
C PRO A 6 13.40 -60.02 18.28
N ILE A 7 13.86 -58.77 18.48
CA ILE A 7 14.02 -57.80 17.41
C ILE A 7 15.51 -57.54 17.12
N GLU A 8 15.83 -57.28 15.85
CA GLU A 8 17.22 -57.29 15.38
C GLU A 8 18.09 -56.30 16.16
N THR A 9 19.32 -56.72 16.49
CA THR A 9 20.24 -55.91 17.28
C THR A 9 20.84 -54.78 16.45
N VAL A 10 21.49 -53.84 17.12
CA VAL A 10 22.01 -52.66 16.44
C VAL A 10 23.48 -52.48 16.76
N PRO A 11 24.38 -52.66 15.79
CA PRO A 11 25.83 -52.69 16.10
C PRO A 11 26.34 -51.35 16.60
N VAL A 12 27.09 -51.39 17.70
CA VAL A 12 27.63 -50.19 18.32
C VAL A 12 29.14 -50.33 18.44
N LYS A 13 29.84 -49.19 18.46
CA LYS A 13 31.28 -49.18 18.61
C LYS A 13 31.71 -48.07 19.55
N LEU A 14 32.92 -48.22 20.07
CA LEU A 14 33.52 -47.18 20.88
C LEU A 14 34.22 -46.18 19.97
N LYS A 15 34.57 -45.03 20.54
CA LYS A 15 35.41 -44.09 19.83
C LYS A 15 36.77 -44.71 19.53
N PRO A 16 37.38 -44.40 18.38
CA PRO A 16 38.65 -45.06 18.04
C PRO A 16 39.68 -44.87 19.13
N GLY A 17 40.29 -45.98 19.54
CA GLY A 17 41.36 -45.91 20.53
C GLY A 17 40.91 -45.44 21.89
N MET A 18 39.73 -45.87 22.32
CA MET A 18 39.24 -45.55 23.65
C MET A 18 38.55 -46.77 24.24
N ASP A 19 38.64 -46.90 25.56
CA ASP A 19 38.17 -48.09 26.24
C ASP A 19 37.10 -47.67 27.26
N GLY A 20 36.44 -48.67 27.84
CA GLY A 20 35.30 -48.47 28.69
C GLY A 20 35.50 -47.57 29.89
N PRO A 21 34.40 -47.31 30.61
CA PRO A 21 34.45 -46.38 31.75
C PRO A 21 34.88 -47.06 33.04
N LYS A 22 35.69 -46.35 33.82
CA LYS A 22 36.13 -46.82 35.13
C LYS A 22 35.98 -45.65 36.11
N VAL A 23 34.93 -45.67 36.94
CA VAL A 23 34.71 -44.69 38.00
C VAL A 23 33.92 -45.36 39.10
N LYS A 24 34.36 -45.18 40.35
CA LYS A 24 33.73 -45.76 41.52
C LYS A 24 32.55 -44.90 41.99
N GLN A 25 31.61 -45.55 42.70
CA GLN A 25 30.29 -45.01 42.98
C GLN A 25 30.29 -43.98 44.13
N TRP A 26 29.25 -43.12 44.13
CA TRP A 26 28.98 -42.12 45.19
C TRP A 26 28.60 -42.79 46.52
N PRO A 27 28.58 -42.01 47.61
CA PRO A 27 27.88 -42.45 48.82
C PRO A 27 26.38 -42.17 48.74
N LEU A 28 25.58 -43.11 49.24
CA LEU A 28 24.12 -42.98 49.20
C LEU A 28 23.50 -43.60 50.45
N THR A 29 22.42 -42.97 50.94
CA THR A 29 21.74 -43.36 52.17
C THR A 29 21.05 -44.73 52.02
N GLU A 30 20.81 -45.38 53.17
CA GLU A 30 20.16 -46.67 53.22
C GLU A 30 18.72 -46.64 52.74
N GLU A 31 18.06 -45.48 52.75
CA GLU A 31 16.67 -45.42 52.30
C GLU A 31 16.55 -45.72 50.81
N LYS A 32 17.47 -45.20 49.99
CA LYS A 32 17.42 -45.45 48.56
C LYS A 32 18.06 -46.79 48.18
N ILE A 33 19.13 -47.19 48.89
CA ILE A 33 19.91 -48.37 48.50
C ILE A 33 19.07 -49.64 48.55
N LYS A 34 18.15 -49.73 49.51
CA LYS A 34 17.30 -50.90 49.65
C LYS A 34 16.38 -51.07 48.45
N ALA A 35 15.93 -49.98 47.84
CA ALA A 35 15.01 -50.09 46.71
C ALA A 35 15.68 -50.64 45.46
N LEU A 36 16.96 -50.33 45.23
CA LEU A 36 17.63 -50.72 43.98
C LEU A 36 17.86 -52.23 43.87
N VAL A 37 18.29 -52.86 44.96
CA VAL A 37 18.53 -54.31 44.89
C VAL A 37 17.24 -55.06 44.56
N GLU A 38 16.09 -54.55 45.03
CA GLU A 38 14.80 -55.13 44.61
C GLU A 38 14.58 -54.96 43.12
N ILE A 39 14.81 -53.74 42.60
CA ILE A 39 14.57 -53.46 41.19
C ILE A 39 15.52 -54.25 40.31
N CYS A 40 16.76 -54.44 40.75
CA CYS A 40 17.73 -55.12 39.89
C CYS A 40 17.36 -56.56 39.66
N THR A 41 16.75 -57.22 40.64
CA THR A 41 16.24 -58.57 40.44
C THR A 41 14.89 -58.57 39.75
N GLU A 42 14.12 -57.48 39.85
CA GLU A 42 12.91 -57.38 39.06
C GLU A 42 13.25 -57.15 37.59
N MET A 43 14.32 -56.40 37.30
CA MET A 43 14.84 -56.34 35.93
C MET A 43 15.59 -57.59 35.54
N GLU A 44 16.26 -58.23 36.50
CA GLU A 44 16.91 -59.52 36.26
C GLU A 44 15.90 -60.64 36.03
N LYS A 45 14.79 -60.64 36.79
CA LYS A 45 13.74 -61.63 36.57
C LYS A 45 13.08 -61.42 35.22
N GLU A 46 12.82 -60.18 34.86
CA GLU A 46 12.24 -59.92 33.55
C GLU A 46 13.28 -60.07 32.44
N GLY A 47 14.56 -60.00 32.76
CA GLY A 47 15.62 -60.29 31.81
C GLY A 47 16.41 -59.11 31.27
N LYS A 48 16.23 -57.91 31.82
CA LYS A 48 16.90 -56.70 31.34
C LYS A 48 18.37 -56.59 31.75
N ILE A 49 18.87 -57.49 32.59
CA ILE A 49 20.22 -57.42 33.14
C ILE A 49 20.70 -58.85 33.45
N SER A 50 22.01 -59.00 33.67
CA SER A 50 22.61 -60.27 34.04
C SER A 50 23.82 -59.99 34.94
N LYS A 51 24.08 -60.89 35.89
CA LYS A 51 25.26 -60.76 36.74
C LYS A 51 26.52 -61.22 36.01
N ILE A 52 27.68 -60.73 36.47
CA ILE A 52 28.96 -60.99 35.81
C ILE A 52 30.07 -61.10 36.86
N GLY A 53 31.09 -61.88 36.53
CA GLY A 53 32.26 -62.01 37.37
C GLY A 53 33.12 -60.77 37.30
N PRO A 54 34.32 -60.85 37.89
CA PRO A 54 35.22 -59.68 37.93
C PRO A 54 36.13 -59.55 36.72
N GLU A 55 35.85 -60.31 35.67
CA GLU A 55 36.57 -60.30 34.41
C GLU A 55 36.31 -59.03 33.58
N ASN A 56 35.36 -58.21 34.01
CA ASN A 56 34.86 -57.00 33.38
C ASN A 56 35.44 -55.78 34.08
N PRO A 57 36.55 -55.20 33.59
CA PRO A 57 37.18 -54.10 34.34
C PRO A 57 36.30 -52.87 34.41
N TYR A 58 35.33 -52.74 33.53
CA TYR A 58 34.58 -51.51 33.39
C TYR A 58 33.46 -51.45 34.42
N ASN A 59 33.20 -50.26 34.94
CA ASN A 59 32.16 -50.05 35.94
C ASN A 59 31.72 -48.58 35.85
N THR A 60 30.42 -48.35 36.02
CA THR A 60 29.85 -47.02 35.85
C THR A 60 28.80 -46.83 36.94
N PRO A 61 28.74 -45.65 37.54
CA PRO A 61 27.94 -45.47 38.75
C PRO A 61 26.43 -45.49 38.52
N VAL A 62 25.70 -45.57 39.64
CA VAL A 62 24.25 -45.73 39.70
C VAL A 62 23.74 -44.99 40.92
N PHE A 63 22.51 -44.50 40.85
CA PHE A 63 21.80 -44.05 42.06
C PHE A 63 20.31 -44.01 41.74
N ALA A 64 19.54 -43.27 42.54
CA ALA A 64 18.10 -43.21 42.32
C ALA A 64 17.53 -41.93 42.92
N ILE A 65 16.38 -41.52 42.40
CA ILE A 65 15.66 -40.35 42.85
C ILE A 65 14.20 -40.72 43.00
N LYS A 66 13.58 -40.27 44.09
CA LYS A 66 12.19 -40.60 44.40
C LYS A 66 11.30 -39.38 44.20
N LYS A 67 10.14 -39.62 43.58
CA LYS A 67 9.18 -38.55 43.32
C LYS A 67 8.42 -38.20 44.59
N LYS A 68 7.83 -37.00 44.58
CA LYS A 68 7.03 -36.51 45.70
C LYS A 68 5.58 -36.93 45.53
N ASP A 69 4.98 -37.43 46.61
CA ASP A 69 3.60 -37.88 46.63
C ASP A 69 3.42 -39.13 45.78
N SER A 70 4.52 -39.83 45.48
CA SER A 70 4.49 -41.03 44.68
C SER A 70 5.52 -42.02 45.20
N THR A 71 5.13 -43.30 45.19
CA THR A 71 6.00 -44.38 45.65
C THR A 71 7.07 -44.72 44.64
N LYS A 72 6.76 -44.60 43.35
CA LYS A 72 7.67 -45.05 42.30
C LYS A 72 9.02 -44.36 42.42
N TRP A 73 10.06 -45.05 41.97
CA TRP A 73 11.41 -44.52 41.93
C TRP A 73 11.90 -44.46 40.49
N ARG A 74 12.82 -43.55 40.24
CA ARG A 74 13.54 -43.49 38.97
C ARG A 74 14.93 -44.07 39.14
N LYS A 75 15.27 -45.07 38.34
CA LYS A 75 16.65 -45.52 38.35
C LYS A 75 17.46 -44.58 37.48
N LEU A 76 18.72 -44.39 37.86
CA LEU A 76 19.60 -43.51 37.11
C LEU A 76 21.00 -44.10 37.02
N VAL A 77 21.65 -43.83 35.89
CA VAL A 77 22.99 -44.31 35.60
C VAL A 77 23.84 -43.12 35.24
N ASP A 78 24.98 -42.96 35.91
CA ASP A 78 25.87 -41.85 35.54
C ASP A 78 26.76 -42.33 34.41
N PHE A 79 26.22 -42.26 33.22
CA PHE A 79 26.89 -42.69 32.01
C PHE A 79 27.81 -41.66 31.45
N ARG A 80 28.22 -40.68 32.26
CA ARG A 80 29.00 -39.57 31.71
C ARG A 80 30.22 -40.08 30.94
N GLU A 81 31.01 -40.98 31.55
CA GLU A 81 32.22 -41.44 30.89
C GLU A 81 31.97 -42.47 29.80
N LEU A 82 30.87 -43.22 29.85
CA LEU A 82 30.53 -44.07 28.72
C LEU A 82 30.07 -43.23 27.54
N ASN A 83 29.35 -42.14 27.81
CA ASN A 83 28.85 -41.30 26.73
C ASN A 83 29.98 -40.49 26.09
N LYS A 84 30.94 -40.02 26.88
CA LYS A 84 32.10 -39.35 26.33
C LYS A 84 32.78 -40.20 25.24
N ARG A 85 32.83 -41.51 25.43
CA ARG A 85 33.62 -42.39 24.58
C ARG A 85 32.77 -43.26 23.66
N THR A 86 31.46 -43.10 23.71
CA THR A 86 30.57 -43.75 22.75
C THR A 86 30.53 -42.95 21.45
N GLN A 87 30.44 -43.67 20.34
CA GLN A 87 30.49 -43.08 19.01
C GLN A 87 29.40 -42.02 18.80
N ASP A 88 29.65 -41.14 17.84
CA ASP A 88 28.64 -40.20 17.37
C ASP A 88 27.46 -40.95 16.75
N PHE A 89 26.25 -40.44 16.96
CA PHE A 89 25.07 -40.90 16.24
C PHE A 89 24.46 -39.77 15.43
N TRP A 90 23.72 -40.11 14.38
CA TRP A 90 22.93 -39.13 13.62
C TRP A 90 21.49 -39.27 14.06
N GLU A 91 21.02 -38.30 14.84
CA GLU A 91 19.66 -38.34 15.36
C GLU A 91 18.65 -38.48 14.24
N VAL A 92 17.72 -39.42 14.40
CA VAL A 92 16.69 -39.67 13.40
C VAL A 92 15.43 -38.90 13.77
N GLN A 93 15.54 -38.01 14.75
CA GLN A 93 14.44 -37.13 15.14
C GLN A 93 14.83 -35.70 14.79
N LEU A 94 14.39 -35.26 13.61
CA LEU A 94 14.73 -33.94 13.09
C LEU A 94 13.84 -32.84 13.69
N GLY A 95 12.97 -33.18 14.64
CA GLY A 95 12.14 -32.18 15.26
C GLY A 95 10.99 -32.83 16.00
N ILE A 96 10.02 -32.00 16.39
CA ILE A 96 8.82 -32.43 17.09
C ILE A 96 7.62 -32.06 16.24
N PRO A 97 6.71 -32.99 15.93
CA PRO A 97 5.54 -32.64 15.12
C PRO A 97 4.58 -31.76 15.89
N HIS A 98 3.88 -30.87 15.14
CA HIS A 98 3.07 -29.79 15.69
C HIS A 98 1.59 -30.01 15.39
N PRO A 99 0.69 -29.76 16.36
CA PRO A 99 -0.69 -30.27 16.23
C PRO A 99 -1.46 -29.64 15.09
N ALA A 100 -1.05 -28.47 14.60
CA ALA A 100 -1.73 -27.86 13.46
C ALA A 100 -1.45 -28.59 12.15
N GLY A 101 -0.47 -29.49 12.10
CA GLY A 101 -0.13 -30.23 10.91
C GLY A 101 -0.91 -31.51 10.70
N LEU A 102 -1.67 -31.93 11.73
CA LEU A 102 -2.47 -33.14 11.67
C LEU A 102 -3.65 -32.97 10.73
N LYS A 103 -3.70 -33.78 9.67
CA LYS A 103 -4.88 -33.81 8.83
C LYS A 103 -6.07 -34.33 9.63
N LYS A 104 -7.27 -34.14 9.10
CA LYS A 104 -8.49 -34.51 9.82
C LYS A 104 -8.87 -35.96 9.52
N LYS A 105 -9.06 -36.74 10.59
CA LYS A 105 -9.37 -38.16 10.49
C LYS A 105 -10.49 -38.48 11.47
N LYS A 106 -11.19 -39.58 11.21
CA LYS A 106 -12.37 -39.93 12.00
C LYS A 106 -12.02 -40.48 13.38
N SER A 107 -10.92 -41.22 13.53
CA SER A 107 -10.66 -41.95 14.75
C SER A 107 -9.20 -41.77 15.13
N VAL A 108 -8.95 -41.27 16.34
CA VAL A 108 -7.61 -40.95 16.78
C VAL A 108 -7.36 -41.66 18.10
N THR A 109 -6.39 -42.57 18.10
CA THR A 109 -6.08 -43.37 19.28
C THR A 109 -4.63 -43.11 19.69
N VAL A 110 -4.42 -42.85 20.97
CA VAL A 110 -3.10 -42.56 21.52
C VAL A 110 -2.66 -43.76 22.37
N LEU A 111 -1.51 -44.35 22.03
CA LEU A 111 -0.99 -45.55 22.67
C LEU A 111 0.42 -45.30 23.20
N ASP A 112 0.73 -45.86 24.38
CA ASP A 112 1.99 -45.62 25.10
C ASP A 112 2.76 -46.92 25.31
N VAL A 113 4.00 -46.97 24.81
CA VAL A 113 4.87 -48.13 25.01
C VAL A 113 5.37 -48.18 26.45
N GLY A 114 5.29 -49.36 27.07
CA GLY A 114 5.72 -49.55 28.45
C GLY A 114 7.13 -50.11 28.50
N ASP A 115 7.98 -49.48 29.30
CA ASP A 115 9.41 -49.80 29.37
C ASP A 115 10.07 -49.62 28.01
N ALA A 116 9.88 -48.46 27.39
CA ALA A 116 10.19 -48.30 25.98
C ALA A 116 11.65 -48.61 25.68
N TYR A 117 12.59 -47.96 26.36
CA TYR A 117 13.98 -48.26 26.04
C TYR A 117 14.38 -49.63 26.55
N PHE A 118 13.70 -50.14 27.57
CA PHE A 118 13.97 -51.44 28.18
C PHE A 118 13.46 -52.62 27.36
N SER A 119 12.96 -52.37 26.16
CA SER A 119 12.46 -53.44 25.29
C SER A 119 13.27 -53.56 24.00
N VAL A 120 14.47 -52.99 23.94
CA VAL A 120 15.32 -53.09 22.74
C VAL A 120 16.61 -53.80 23.14
N PRO A 121 17.20 -54.66 22.29
CA PRO A 121 18.42 -55.39 22.68
C PRO A 121 19.72 -54.64 22.47
N LEU A 122 20.43 -54.36 23.56
CA LEU A 122 21.72 -53.71 23.43
C LEU A 122 22.69 -54.70 22.82
N ASP A 123 23.51 -54.23 21.88
CA ASP A 123 24.30 -55.14 21.07
C ASP A 123 25.30 -55.93 21.90
N GLU A 124 25.33 -57.24 21.66
CA GLU A 124 26.03 -58.15 22.56
C GLU A 124 27.46 -57.67 22.81
N ASP A 125 28.14 -57.19 21.76
CA ASP A 125 29.51 -56.71 21.94
C ASP A 125 29.59 -55.53 22.89
N PHE A 126 28.58 -54.66 22.86
CA PHE A 126 28.65 -53.46 23.68
C PHE A 126 28.18 -53.69 25.12
N ARG A 127 27.44 -54.78 25.38
CA ARG A 127 26.83 -54.97 26.69
C ARG A 127 27.87 -54.96 27.80
N LYS A 128 29.17 -55.03 27.46
CA LYS A 128 30.22 -55.06 28.47
C LYS A 128 30.39 -53.72 29.14
N TYR A 129 30.37 -52.63 28.37
CA TYR A 129 30.67 -51.36 28.99
C TYR A 129 29.56 -50.90 29.91
N THR A 130 28.39 -51.50 29.83
CA THR A 130 27.29 -51.19 30.71
C THR A 130 27.45 -51.79 32.09
N ALA A 131 28.66 -52.13 32.49
CA ALA A 131 28.86 -52.83 33.75
C ALA A 131 28.75 -51.84 34.89
N PHE A 132 27.96 -52.19 35.90
CA PHE A 132 27.81 -51.36 37.08
C PHE A 132 27.80 -52.25 38.32
N THR A 133 27.97 -51.64 39.48
CA THR A 133 28.00 -52.38 40.75
C THR A 133 27.01 -51.76 41.72
N ILE A 134 26.27 -52.61 42.44
CA ILE A 134 25.32 -52.15 43.44
C ILE A 134 25.54 -52.90 44.76
N PRO A 135 25.59 -52.20 45.89
CA PRO A 135 25.73 -52.89 47.19
C PRO A 135 24.41 -52.97 47.94
N SER A 136 24.23 -54.02 48.75
CA SER A 136 23.02 -54.14 49.55
C SER A 136 22.97 -53.07 50.64
N ILE A 137 24.00 -53.01 51.48
CA ILE A 137 24.10 -51.99 52.51
C ILE A 137 25.29 -51.10 52.17
N ASN A 138 25.28 -49.91 52.74
CA ASN A 138 26.22 -48.87 52.36
C ASN A 138 27.68 -49.23 52.64
N ASN A 139 27.95 -50.22 53.51
CA ASN A 139 29.34 -50.59 53.77
C ASN A 139 29.59 -52.08 53.92
N GLU A 140 28.66 -52.86 54.45
CA GLU A 140 28.90 -54.25 54.81
C GLU A 140 29.13 -55.13 53.59
N THR A 141 28.09 -55.28 52.77
CA THR A 141 28.15 -56.21 51.65
C THR A 141 29.23 -55.78 50.66
N PRO A 142 30.08 -56.69 50.19
CA PRO A 142 30.97 -56.33 49.07
C PRO A 142 30.22 -55.93 47.80
N GLY A 143 29.20 -56.68 47.40
CA GLY A 143 28.37 -56.32 46.28
C GLY A 143 28.71 -57.06 44.99
N ILE A 144 27.71 -57.10 44.10
CA ILE A 144 27.68 -57.91 42.87
C ILE A 144 27.76 -56.98 41.66
N ARG A 145 28.20 -57.54 40.52
CA ARG A 145 28.31 -56.81 39.27
C ARG A 145 27.40 -57.39 38.20
N TYR A 146 26.72 -56.51 37.46
CA TYR A 146 25.72 -56.86 36.45
C TYR A 146 25.91 -55.98 35.21
N GLN A 147 25.64 -56.53 34.02
CA GLN A 147 25.75 -55.77 32.77
C GLN A 147 24.47 -55.88 31.95
N TYR A 148 24.26 -54.87 31.10
CA TYR A 148 22.94 -54.61 30.51
C TYR A 148 22.60 -55.57 29.37
N ASN A 149 21.32 -55.91 29.29
CA ASN A 149 20.78 -56.70 28.19
C ASN A 149 19.86 -55.91 27.26
N VAL A 150 19.62 -54.64 27.56
CA VAL A 150 18.68 -53.84 26.82
C VAL A 150 19.26 -52.43 26.67
N LEU A 151 18.49 -51.56 26.04
CA LEU A 151 18.91 -50.17 25.92
C LEU A 151 18.67 -49.46 27.24
N PRO A 152 19.68 -48.83 27.83
CA PRO A 152 19.54 -48.29 29.18
C PRO A 152 19.02 -46.85 29.17
N GLN A 153 18.13 -46.56 30.11
CA GLN A 153 17.75 -45.19 30.35
C GLN A 153 19.02 -44.43 30.68
N GLY A 154 19.44 -43.50 29.80
CA GLY A 154 20.56 -42.65 30.10
C GLY A 154 21.82 -42.82 29.28
N TRP A 155 21.81 -43.67 28.26
CA TRP A 155 22.93 -43.76 27.34
C TRP A 155 22.70 -42.79 26.17
N LYS A 156 23.74 -42.58 25.36
CA LYS A 156 23.66 -41.56 24.32
C LYS A 156 23.07 -42.07 23.01
N GLY A 157 22.83 -43.38 22.89
CA GLY A 157 22.22 -43.92 21.70
C GLY A 157 20.85 -44.51 21.95
N SER A 158 20.47 -44.63 23.22
CA SER A 158 19.16 -45.21 23.57
C SER A 158 17.97 -44.50 22.93
N PRO A 159 17.99 -43.19 22.70
CA PRO A 159 16.90 -42.58 21.93
C PRO A 159 17.09 -42.66 20.42
N ALA A 160 18.32 -42.53 19.93
CA ALA A 160 18.54 -42.56 18.48
C ALA A 160 18.35 -43.95 17.88
N ILE A 161 18.55 -45.01 18.68
CA ILE A 161 18.43 -46.39 18.23
C ILE A 161 16.98 -46.87 18.30
N PHE A 162 16.29 -46.54 19.40
CA PHE A 162 14.92 -47.00 19.58
C PHE A 162 14.02 -46.55 18.44
N GLN A 163 14.11 -45.27 18.05
CA GLN A 163 13.30 -44.76 16.95
C GLN A 163 13.73 -45.31 15.61
N SER A 164 14.93 -45.87 15.53
CA SER A 164 15.35 -46.50 14.28
C SER A 164 14.87 -47.94 14.19
N SER A 165 14.98 -48.72 15.27
CA SER A 165 14.42 -50.07 15.29
C SER A 165 12.90 -50.02 15.17
N MET A 166 12.26 -49.13 15.95
CA MET A 166 10.80 -49.06 15.93
C MET A 166 10.28 -48.56 14.60
N THR A 167 11.15 -47.96 13.77
CA THR A 167 10.78 -47.69 12.39
C THR A 167 10.77 -48.98 11.56
N LYS A 168 11.70 -49.88 11.83
CA LYS A 168 11.62 -51.19 11.19
C LYS A 168 10.38 -51.97 11.61
N ILE A 169 9.85 -51.71 12.82
CA ILE A 169 8.74 -52.49 13.38
C ILE A 169 7.40 -52.07 12.77
N LEU A 170 7.11 -50.77 12.78
CA LEU A 170 5.89 -50.27 12.18
C LEU A 170 5.90 -50.37 10.66
N GLU A 171 7.07 -50.72 10.06
CA GLU A 171 7.29 -50.50 8.63
C GLU A 171 6.48 -51.45 7.74
N PRO A 172 6.45 -52.77 7.99
CA PRO A 172 5.46 -53.58 7.25
C PRO A 172 4.02 -53.18 7.53
N PHE A 173 3.66 -52.97 8.81
CA PHE A 173 2.28 -52.67 9.17
C PHE A 173 1.76 -51.51 8.33
N LYS A 174 2.63 -50.57 7.98
CA LYS A 174 2.23 -49.45 7.15
C LYS A 174 1.92 -49.91 5.73
N LYS A 175 2.63 -50.92 5.21
CA LYS A 175 2.29 -51.43 3.89
C LYS A 175 1.04 -52.29 3.92
N GLN A 176 0.69 -52.82 5.10
CA GLN A 176 -0.52 -53.61 5.21
C GLN A 176 -1.77 -52.75 5.26
N ASN A 177 -1.68 -51.55 5.82
CA ASN A 177 -2.83 -50.68 6.01
C ASN A 177 -2.52 -49.27 5.50
N PRO A 178 -2.38 -49.10 4.17
CA PRO A 178 -2.05 -47.75 3.67
C PRO A 178 -3.06 -46.68 4.07
N ASP A 179 -4.31 -47.02 4.32
CA ASP A 179 -5.35 -46.03 4.60
C ASP A 179 -5.41 -45.65 6.07
N ILE A 180 -4.48 -46.16 6.88
CA ILE A 180 -4.34 -45.82 8.30
C ILE A 180 -2.93 -45.24 8.48
N VAL A 181 -2.80 -44.15 9.23
CA VAL A 181 -1.50 -43.50 9.40
C VAL A 181 -1.06 -43.51 10.85
N ILE A 182 0.22 -43.82 11.05
CA ILE A 182 0.86 -43.88 12.35
C ILE A 182 2.00 -42.89 12.33
N TYR A 183 1.84 -41.79 13.05
CA TYR A 183 2.94 -40.88 13.33
C TYR A 183 3.66 -41.40 14.56
N GLN A 184 4.98 -41.26 14.57
CA GLN A 184 5.80 -41.80 15.64
C GLN A 184 6.72 -40.73 16.22
N TYR A 185 6.58 -40.46 17.51
CA TYR A 185 7.51 -39.62 18.25
C TYR A 185 7.85 -40.32 19.55
N MET A 186 9.14 -40.57 19.77
CA MET A 186 9.58 -41.12 21.04
C MET A 186 8.83 -42.38 21.38
N ASP A 187 8.18 -42.40 22.54
CA ASP A 187 7.50 -43.58 23.05
C ASP A 187 5.98 -43.52 22.96
N ASP A 188 5.39 -42.48 22.39
CA ASP A 188 3.97 -42.47 22.11
C ASP A 188 3.71 -42.75 20.64
N LEU A 189 2.53 -43.30 20.34
CA LEU A 189 2.09 -43.54 18.98
C LEU A 189 0.69 -43.00 18.75
N TYR A 190 0.51 -42.31 17.63
CA TYR A 190 -0.77 -41.74 17.23
C TYR A 190 -1.26 -42.48 16.00
N VAL A 191 -2.32 -43.25 16.15
CA VAL A 191 -2.88 -44.04 15.05
C VAL A 191 -4.23 -43.45 14.70
N GLY A 192 -4.42 -43.12 13.43
CA GLY A 192 -5.64 -42.51 12.95
C GLY A 192 -6.12 -43.04 11.61
N SER A 193 -7.43 -43.17 11.45
CA SER A 193 -8.00 -43.74 10.23
C SER A 193 -9.36 -43.14 9.95
N ASP A 194 -9.91 -43.51 8.80
CA ASP A 194 -11.27 -43.15 8.43
C ASP A 194 -12.22 -44.34 8.49
N LEU A 195 -11.85 -45.38 9.24
CA LEU A 195 -12.78 -46.42 9.68
C LEU A 195 -13.67 -45.88 10.80
N GLU A 196 -14.79 -46.57 11.03
CA GLU A 196 -15.68 -46.14 12.09
C GLU A 196 -15.08 -46.43 13.47
N ILE A 197 -15.71 -45.84 14.50
CA ILE A 197 -15.23 -45.98 15.88
C ILE A 197 -15.21 -47.42 16.33
N GLY A 198 -15.99 -48.29 15.70
CA GLY A 198 -15.96 -49.70 16.00
C GLY A 198 -14.76 -50.36 15.36
N GLN A 199 -14.66 -50.24 14.02
CA GLN A 199 -13.56 -50.82 13.28
C GLN A 199 -12.21 -50.23 13.66
N HIS A 200 -12.20 -49.04 14.26
CA HIS A 200 -10.94 -48.49 14.80
C HIS A 200 -10.51 -49.24 16.05
N ARG A 201 -11.47 -49.80 16.80
CA ARG A 201 -11.12 -50.66 17.92
C ARG A 201 -10.62 -52.04 17.47
N THR A 202 -10.97 -52.48 16.26
CA THR A 202 -10.47 -53.75 15.73
C THR A 202 -9.03 -53.65 15.26
N LYS A 203 -8.72 -52.63 14.47
CA LYS A 203 -7.34 -52.41 14.06
C LYS A 203 -6.46 -52.02 15.24
N ILE A 204 -7.03 -51.45 16.30
CA ILE A 204 -6.25 -51.14 17.51
C ILE A 204 -5.77 -52.43 18.17
N GLU A 205 -6.62 -53.46 18.23
CA GLU A 205 -6.16 -54.76 18.69
C GLU A 205 -5.24 -55.42 17.67
N GLU A 206 -5.45 -55.17 16.36
CA GLU A 206 -4.54 -55.69 15.35
C GLU A 206 -3.15 -55.10 15.50
N LEU A 207 -3.06 -53.81 15.81
CA LEU A 207 -1.76 -53.17 16.02
C LEU A 207 -1.20 -53.50 17.40
N ARG A 208 -2.04 -53.49 18.42
CA ARG A 208 -1.60 -53.94 19.74
C ARG A 208 -0.89 -55.29 19.64
N GLN A 209 -1.48 -56.22 18.89
CA GLN A 209 -0.93 -57.57 18.73
C GLN A 209 0.25 -57.63 17.77
N HIS A 210 0.22 -56.92 16.63
CA HIS A 210 1.41 -56.93 15.79
C HIS A 210 2.60 -56.38 16.56
N LEU A 211 2.37 -55.42 17.45
CA LEU A 211 3.45 -54.90 18.29
C LEU A 211 3.83 -55.92 19.34
N LEU A 212 2.83 -56.54 19.97
CA LEU A 212 3.10 -57.62 20.92
C LEU A 212 3.95 -58.71 20.28
N ARG A 213 3.84 -58.88 18.96
CA ARG A 213 4.64 -59.88 18.28
C ARG A 213 6.13 -59.57 18.40
N TRP A 214 6.49 -58.34 18.73
CA TRP A 214 7.89 -57.96 18.81
C TRP A 214 8.36 -57.66 20.23
N GLY A 215 7.49 -57.74 21.22
CA GLY A 215 7.86 -57.49 22.58
C GLY A 215 7.39 -56.17 23.17
N LEU A 216 6.42 -55.50 22.55
CA LEU A 216 5.99 -54.18 22.97
C LEU A 216 4.62 -54.27 23.63
N THR A 217 4.49 -53.71 24.82
CA THR A 217 3.27 -53.82 25.61
C THR A 217 2.58 -52.47 25.66
N THR A 218 1.33 -52.42 25.18
CA THR A 218 0.52 -51.21 25.19
C THR A 218 -0.66 -51.42 26.14
N PRO A 219 -0.53 -51.04 27.41
CA PRO A 219 -1.61 -51.28 28.37
C PRO A 219 -2.97 -50.77 27.90
N ASP A 220 -4.04 -51.40 28.41
CA ASP A 220 -5.39 -50.87 28.27
C ASP A 220 -5.76 -49.91 29.40
N LYS A 221 -4.86 -49.72 30.36
CA LYS A 221 -4.99 -48.71 31.39
C LYS A 221 -4.96 -47.30 30.84
N LYS A 222 -4.54 -47.13 29.58
CA LYS A 222 -4.53 -45.82 28.94
C LYS A 222 -5.94 -45.26 28.79
N HIS A 223 -6.00 -43.92 28.79
CA HIS A 223 -7.26 -43.23 28.53
C HIS A 223 -7.72 -43.55 27.12
N GLN A 224 -9.00 -43.83 26.99
CA GLN A 224 -9.54 -44.30 25.72
C GLN A 224 -9.62 -43.13 24.72
N LYS A 225 -10.37 -43.32 23.63
CA LYS A 225 -10.62 -42.28 22.65
C LYS A 225 -11.49 -41.16 23.20
N GLU A 226 -10.99 -40.42 24.18
CA GLU A 226 -11.71 -39.32 24.81
C GLU A 226 -10.89 -38.05 24.68
N PRO A 227 -11.01 -37.33 23.56
CA PRO A 227 -10.45 -35.99 23.50
C PRO A 227 -11.19 -35.07 24.45
N PRO A 228 -10.52 -34.04 24.99
CA PRO A 228 -9.15 -33.62 24.66
C PRO A 228 -8.02 -34.55 25.17
N PHE A 229 -7.31 -35.20 24.24
CA PHE A 229 -6.08 -35.89 24.60
C PHE A 229 -5.05 -34.87 25.08
N LEU A 230 -4.40 -35.12 26.21
CA LEU A 230 -3.31 -34.27 26.69
C LEU A 230 -2.02 -34.80 26.11
N TRP A 231 -1.31 -33.95 25.35
CA TRP A 231 -0.14 -34.40 24.62
C TRP A 231 0.72 -33.20 24.28
N MET A 232 1.93 -33.16 24.84
CA MET A 232 2.92 -32.11 24.60
C MET A 232 2.52 -30.75 25.16
N GLY A 233 1.60 -30.72 26.11
CA GLY A 233 1.13 -29.45 26.63
C GLY A 233 0.03 -28.82 25.80
N TYR A 234 -0.78 -29.64 25.13
CA TYR A 234 -1.89 -29.17 24.33
C TYR A 234 -3.16 -29.90 24.76
N GLU A 235 -4.28 -29.49 24.18
CA GLU A 235 -5.54 -30.22 24.23
C GLU A 235 -6.00 -30.43 22.80
N LEU A 236 -6.12 -31.67 22.38
CA LEU A 236 -6.49 -32.01 21.01
C LEU A 236 -7.90 -32.58 21.05
N HIS A 237 -8.88 -31.78 20.58
CA HIS A 237 -10.31 -32.11 20.60
C HIS A 237 -10.72 -32.82 19.32
N PRO A 238 -11.98 -33.29 19.20
CA PRO A 238 -12.36 -34.03 17.97
C PRO A 238 -12.17 -33.23 16.69
N ASP A 239 -12.69 -32.01 16.63
CA ASP A 239 -12.59 -31.20 15.44
C ASP A 239 -11.73 -29.95 15.62
N LYS A 240 -11.21 -29.74 16.83
CA LYS A 240 -10.43 -28.54 17.15
C LYS A 240 -9.25 -28.92 18.03
N TRP A 241 -8.43 -27.91 18.37
CA TRP A 241 -7.31 -28.09 19.29
C TRP A 241 -6.94 -26.73 19.89
N THR A 242 -6.28 -26.78 21.05
CA THR A 242 -5.83 -25.58 21.75
C THR A 242 -4.71 -25.95 22.71
N VAL A 243 -3.97 -24.94 23.17
CA VAL A 243 -2.88 -25.16 24.12
C VAL A 243 -3.46 -25.26 25.53
N GLN A 244 -2.78 -26.02 26.38
CA GLN A 244 -3.22 -26.20 27.75
C GLN A 244 -3.29 -24.84 28.44
N PRO A 245 -4.38 -24.54 29.16
CA PRO A 245 -4.58 -23.18 29.70
C PRO A 245 -3.39 -22.69 30.51
N ILE A 246 -3.23 -21.36 30.54
CA ILE A 246 -2.02 -20.72 31.02
C ILE A 246 -2.30 -20.01 32.33
N VAL A 247 -1.51 -20.32 33.36
CA VAL A 247 -1.57 -19.68 34.66
C VAL A 247 -0.45 -18.66 34.76
N LEU A 248 -0.81 -17.39 35.00
CA LEU A 248 0.10 -16.25 35.09
C LEU A 248 0.41 -15.97 36.55
N PRO A 249 1.68 -15.89 36.98
CA PRO A 249 1.94 -15.49 38.37
C PRO A 249 1.35 -14.13 38.67
N GLU A 250 0.56 -14.06 39.74
CA GLU A 250 -0.10 -12.81 40.16
C GLU A 250 0.70 -12.21 41.31
N LYS A 251 1.73 -11.47 40.95
CA LYS A 251 2.69 -10.95 41.92
C LYS A 251 2.50 -9.46 42.13
N ASP A 252 2.55 -9.05 43.39
CA ASP A 252 2.63 -7.63 43.72
C ASP A 252 4.07 -7.16 43.65
N SER A 253 5.03 -8.10 43.67
CA SER A 253 6.43 -7.83 43.46
C SER A 253 6.97 -8.89 42.50
N TRP A 254 7.65 -8.46 41.44
CA TRP A 254 8.14 -9.33 40.39
C TRP A 254 9.66 -9.48 40.48
N THR A 255 10.13 -10.72 40.47
CA THR A 255 11.55 -11.03 40.31
C THR A 255 11.85 -11.39 38.85
N VAL A 256 13.14 -11.52 38.55
CA VAL A 256 13.55 -11.84 37.17
C VAL A 256 13.16 -13.27 36.83
N ASN A 257 13.18 -14.17 37.81
CA ASN A 257 12.59 -15.49 37.62
C ASN A 257 11.13 -15.40 37.26
N ASP A 258 10.43 -14.35 37.73
CA ASP A 258 9.02 -14.20 37.42
C ASP A 258 8.80 -13.83 35.96
N ILE A 259 9.64 -12.93 35.43
CA ILE A 259 9.49 -12.50 34.04
C ILE A 259 9.90 -13.61 33.09
N CYS A 260 11.05 -14.24 33.35
CA CYS A 260 11.56 -15.28 32.47
C CYS A 260 10.61 -16.46 32.36
N LYS A 261 10.02 -16.88 33.49
CA LYS A 261 9.00 -17.92 33.44
C LYS A 261 7.71 -17.40 32.80
N LEU A 262 7.39 -16.12 32.99
CA LEU A 262 6.18 -15.55 32.39
C LEU A 262 6.32 -15.40 30.88
N VAL A 263 7.47 -14.92 30.39
CA VAL A 263 7.64 -14.69 28.95
C VAL A 263 7.48 -16.00 28.18
N GLY A 264 8.06 -17.09 28.70
CA GLY A 264 7.95 -18.35 27.99
C GLY A 264 6.52 -18.82 27.89
N LYS A 265 5.71 -18.52 28.91
CA LYS A 265 4.30 -18.85 28.86
C LYS A 265 3.57 -17.99 27.83
N LEU A 266 3.89 -16.69 27.78
CA LEU A 266 3.30 -15.83 26.75
C LEU A 266 3.77 -16.23 25.36
N ASN A 267 5.04 -16.61 25.22
CA ASN A 267 5.58 -16.99 23.91
C ASN A 267 4.97 -18.31 23.43
N TRP A 268 4.67 -19.23 24.35
CA TRP A 268 3.97 -20.47 23.99
C TRP A 268 2.50 -20.20 23.69
N ALA A 269 1.90 -19.21 24.35
CA ALA A 269 0.49 -18.88 24.09
C ALA A 269 0.29 -18.41 22.66
N SER A 270 1.32 -17.79 22.06
CA SER A 270 1.14 -17.07 20.80
C SER A 270 0.82 -17.99 19.63
N GLN A 271 1.15 -19.28 19.71
CA GLN A 271 1.00 -20.10 18.53
C GLN A 271 -0.46 -20.36 18.16
N ILE A 272 -1.42 -20.01 19.01
CA ILE A 272 -2.84 -20.14 18.62
C ILE A 272 -3.60 -18.90 19.06
N TYR A 273 -3.25 -18.33 20.21
CA TYR A 273 -3.83 -17.07 20.69
C TYR A 273 -3.21 -15.91 19.91
N PRO A 274 -3.94 -15.27 19.01
CA PRO A 274 -3.31 -14.29 18.11
C PRO A 274 -2.97 -12.97 18.81
N GLY A 275 -1.85 -12.38 18.39
CA GLY A 275 -1.53 -10.99 18.64
C GLY A 275 -0.85 -10.61 19.95
N ILE A 276 -0.32 -11.58 20.70
CA ILE A 276 0.38 -11.22 21.94
C ILE A 276 1.68 -10.49 21.60
N LYS A 277 2.04 -9.52 22.45
CA LYS A 277 3.30 -8.78 22.35
C LYS A 277 4.14 -9.03 23.60
N VAL A 278 5.47 -9.07 23.41
CA VAL A 278 6.39 -9.31 24.53
C VAL A 278 7.62 -8.37 24.46
N ARG A 279 7.57 -7.36 23.58
CA ARG A 279 8.77 -6.55 23.33
C ARG A 279 9.26 -5.84 24.58
N GLN A 280 8.34 -5.26 25.37
CA GLN A 280 8.73 -4.44 26.50
C GLN A 280 8.91 -5.24 27.80
N LEU A 281 8.19 -6.36 27.96
CA LEU A 281 8.42 -7.21 29.12
C LEU A 281 9.80 -7.87 29.07
N SER A 282 10.33 -8.09 27.87
CA SER A 282 11.68 -8.59 27.69
C SER A 282 12.69 -7.46 27.62
N LYS A 283 12.28 -6.27 27.18
CA LYS A 283 13.09 -5.07 27.24
C LYS A 283 13.54 -4.77 28.67
N LEU A 284 12.81 -5.26 29.67
CA LEU A 284 13.26 -5.18 31.06
C LEU A 284 14.32 -6.22 31.40
N LEU A 285 14.31 -7.38 30.74
CA LEU A 285 15.20 -8.49 31.09
C LEU A 285 16.52 -8.45 30.35
N ARG A 286 16.84 -7.34 29.66
CA ARG A 286 18.05 -7.26 28.85
C ARG A 286 19.31 -7.34 29.68
N GLY A 287 19.68 -6.22 30.33
CA GLY A 287 20.93 -6.19 31.08
C GLY A 287 20.75 -6.60 32.52
N THR A 288 20.16 -7.76 32.72
CA THR A 288 19.90 -8.31 34.04
C THR A 288 20.99 -9.32 34.38
N LYS A 289 21.50 -9.25 35.61
CA LYS A 289 22.55 -10.14 36.05
C LYS A 289 22.09 -11.19 37.05
N ALA A 290 21.25 -10.83 38.03
CA ALA A 290 20.78 -11.76 39.04
C ALA A 290 19.39 -12.28 38.67
N LEU A 291 19.17 -13.57 38.92
CA LEU A 291 17.90 -14.21 38.57
C LEU A 291 16.77 -13.91 39.56
N THR A 292 17.10 -13.69 40.83
CA THR A 292 16.09 -13.47 41.86
C THR A 292 15.82 -12.00 42.14
N GLU A 293 16.77 -11.14 41.83
CA GLU A 293 16.65 -9.70 42.09
C GLU A 293 15.43 -9.13 41.38
N VAL A 294 14.72 -8.23 42.07
CA VAL A 294 13.49 -7.65 41.51
C VAL A 294 13.85 -6.53 40.54
N ILE A 295 12.97 -6.32 39.57
CA ILE A 295 13.11 -5.25 38.58
C ILE A 295 11.71 -4.72 38.31
N PRO A 296 11.52 -3.40 38.20
CA PRO A 296 10.17 -2.87 38.07
C PRO A 296 9.71 -2.91 36.63
N LEU A 297 8.39 -2.93 36.47
CA LEU A 297 7.77 -2.91 35.16
C LEU A 297 7.52 -1.46 34.78
N THR A 298 8.18 -0.99 33.73
CA THR A 298 7.93 0.38 33.29
C THR A 298 6.48 0.50 32.83
N GLU A 299 6.05 1.73 32.56
CA GLU A 299 4.67 1.92 32.14
C GLU A 299 4.40 1.19 30.83
N GLU A 300 5.42 1.06 29.99
CA GLU A 300 5.25 0.31 28.75
C GLU A 300 5.14 -1.18 29.06
N ALA A 301 6.07 -1.70 29.84
CA ALA A 301 6.02 -3.12 30.21
C ALA A 301 4.79 -3.42 31.04
N GLU A 302 4.32 -2.47 31.85
CA GLU A 302 3.06 -2.68 32.55
C GLU A 302 1.88 -2.59 31.60
N LEU A 303 1.98 -1.75 30.56
CA LEU A 303 0.96 -1.72 29.52
C LEU A 303 0.95 -3.01 28.72
N GLU A 304 2.07 -3.70 28.65
CA GLU A 304 2.18 -4.95 27.90
C GLU A 304 1.58 -6.14 28.65
N LEU A 305 1.66 -6.13 29.99
CA LEU A 305 1.11 -7.25 30.77
C LEU A 305 -0.42 -7.25 30.77
N ALA A 306 -1.05 -6.08 30.83
CA ALA A 306 -2.50 -6.02 31.00
C ALA A 306 -3.24 -6.45 29.74
N GLU A 307 -2.90 -5.86 28.59
CA GLU A 307 -3.58 -6.20 27.35
C GLU A 307 -3.41 -7.69 27.02
N ASN A 308 -2.20 -8.22 27.19
CA ASN A 308 -1.96 -9.64 26.94
C ASN A 308 -2.83 -10.49 27.84
N ARG A 309 -2.91 -10.14 29.13
CA ARG A 309 -3.80 -10.85 30.03
C ARG A 309 -5.21 -10.89 29.49
N GLU A 310 -5.59 -9.90 28.68
CA GLU A 310 -6.94 -9.85 28.16
C GLU A 310 -7.14 -10.70 26.91
N ILE A 311 -6.08 -10.93 26.12
CA ILE A 311 -6.22 -11.85 24.98
C ILE A 311 -6.52 -13.25 25.48
N LEU A 312 -5.89 -13.64 26.58
CA LEU A 312 -5.98 -14.98 27.12
C LEU A 312 -7.24 -15.23 27.94
N LYS A 313 -8.09 -14.22 28.15
CA LYS A 313 -9.33 -14.43 28.92
C LYS A 313 -10.19 -15.49 28.26
N GLU A 314 -10.62 -15.23 27.04
CA GLU A 314 -11.38 -16.24 26.31
C GLU A 314 -10.45 -17.38 25.89
N PRO A 315 -10.90 -18.62 25.96
CA PRO A 315 -10.13 -19.71 25.35
C PRO A 315 -10.27 -19.69 23.84
N VAL A 316 -9.19 -20.01 23.12
CA VAL A 316 -9.21 -20.03 21.67
C VAL A 316 -8.72 -21.38 21.17
N HIS A 317 -9.02 -21.67 19.90
CA HIS A 317 -8.72 -22.97 19.30
C HIS A 317 -8.49 -22.80 17.81
N GLY A 318 -7.74 -23.75 17.24
CA GLY A 318 -7.48 -23.78 15.82
C GLY A 318 -8.06 -25.03 15.17
N VAL A 319 -8.06 -25.03 13.83
CA VAL A 319 -8.55 -26.16 13.04
C VAL A 319 -7.37 -27.01 12.56
N TYR A 320 -7.64 -27.95 11.65
CA TYR A 320 -6.66 -28.89 11.11
C TYR A 320 -6.40 -28.61 9.62
N TYR A 321 -5.51 -29.39 9.00
CA TYR A 321 -5.10 -29.14 7.62
C TYR A 321 -5.94 -29.99 6.67
N ASP A 322 -6.48 -29.33 5.64
CA ASP A 322 -7.38 -29.95 4.66
C ASP A 322 -6.76 -29.81 3.27
N PRO A 323 -5.89 -30.75 2.84
CA PRO A 323 -5.05 -30.56 1.64
C PRO A 323 -5.71 -30.12 0.33
N SER A 324 -7.03 -29.98 0.26
CA SER A 324 -7.64 -29.47 -0.97
C SER A 324 -7.78 -27.96 -0.95
N LYS A 325 -8.00 -27.37 0.23
CA LYS A 325 -8.04 -25.92 0.37
C LYS A 325 -6.61 -25.38 0.43
N ASP A 326 -6.43 -24.16 -0.08
CA ASP A 326 -5.12 -23.52 -0.06
C ASP A 326 -4.82 -22.94 1.32
N LEU A 327 -3.56 -22.58 1.52
CA LEU A 327 -3.10 -21.90 2.72
C LEU A 327 -3.07 -20.39 2.48
N ILE A 328 -3.73 -19.63 3.36
CA ILE A 328 -3.78 -18.18 3.28
C ILE A 328 -3.25 -17.63 4.60
N ALA A 329 -2.12 -16.92 4.55
CA ALA A 329 -1.42 -16.46 5.75
C ALA A 329 -1.47 -14.95 5.81
N GLU A 330 -1.90 -14.40 6.95
CA GLU A 330 -2.18 -12.97 7.08
C GLU A 330 -1.36 -12.35 8.21
N ILE A 331 -0.82 -11.16 7.96
CA ILE A 331 0.07 -10.45 8.88
C ILE A 331 -0.55 -9.13 9.29
N GLN A 332 -0.37 -8.77 10.56
CA GLN A 332 -0.72 -7.44 11.05
C GLN A 332 0.49 -6.83 11.74
N LYS A 333 0.63 -5.51 11.68
CA LYS A 333 1.72 -4.87 12.40
C LYS A 333 1.32 -4.62 13.84
N GLN A 334 2.31 -4.65 14.73
CA GLN A 334 2.10 -4.34 16.14
C GLN A 334 2.87 -3.12 16.62
N GLY A 335 3.67 -2.48 15.76
CA GLY A 335 4.46 -1.31 16.18
C GLY A 335 5.65 -1.74 17.02
N GLN A 336 6.68 -0.89 17.11
CA GLN A 336 7.90 -1.22 17.85
C GLN A 336 8.52 -2.52 17.34
N GLY A 337 8.37 -2.79 16.05
CA GLY A 337 9.00 -3.93 15.41
C GLY A 337 8.51 -5.29 15.89
N GLN A 338 7.20 -5.45 16.05
CA GLN A 338 6.60 -6.73 16.39
C GLN A 338 5.49 -7.04 15.41
N TRP A 339 5.40 -8.30 15.02
CA TRP A 339 4.44 -8.74 14.04
C TRP A 339 3.75 -9.99 14.54
N THR A 340 2.45 -10.11 14.29
CA THR A 340 1.76 -11.38 14.54
C THR A 340 1.02 -11.79 13.27
N TYR A 341 0.87 -13.10 13.10
CA TYR A 341 0.34 -13.67 11.87
C TYR A 341 -0.56 -14.87 12.17
N GLN A 342 -1.51 -15.13 11.26
CA GLN A 342 -2.36 -16.32 11.33
C GLN A 342 -2.36 -17.05 9.98
N ILE A 343 -2.24 -18.37 10.05
CA ILE A 343 -2.42 -19.25 8.90
C ILE A 343 -3.82 -19.86 9.02
N TYR A 344 -4.53 -19.91 7.90
CA TYR A 344 -5.88 -20.45 7.90
C TYR A 344 -6.23 -20.91 6.49
N GLN A 345 -7.42 -21.49 6.32
CA GLN A 345 -7.89 -21.92 5.01
C GLN A 345 -9.32 -21.48 4.77
N GLU A 346 -10.21 -21.78 5.72
CA GLU A 346 -11.53 -21.17 5.70
C GLU A 346 -11.50 -19.96 6.63
N PRO A 347 -11.77 -18.77 6.11
CA PRO A 347 -11.66 -17.55 6.91
C PRO A 347 -12.35 -17.68 8.27
N PHE A 348 -11.68 -17.14 9.29
CA PHE A 348 -12.07 -17.13 10.69
C PHE A 348 -11.91 -18.50 11.34
N LYS A 349 -11.40 -19.51 10.62
CA LYS A 349 -11.00 -20.80 11.19
C LYS A 349 -9.47 -20.86 11.14
N ASN A 350 -8.84 -20.25 12.14
CA ASN A 350 -7.39 -20.15 12.19
C ASN A 350 -6.74 -21.52 12.31
N LEU A 351 -5.67 -21.75 11.54
CA LEU A 351 -4.89 -22.97 11.69
C LEU A 351 -3.87 -22.84 12.83
N LYS A 352 -3.00 -21.84 12.75
CA LYS A 352 -2.19 -21.46 13.89
C LYS A 352 -1.92 -19.96 13.80
N THR A 353 -1.34 -19.41 14.85
CA THR A 353 -0.91 -18.02 14.87
C THR A 353 0.54 -17.98 15.33
N GLY A 354 1.16 -16.81 15.23
CA GLY A 354 2.58 -16.76 15.51
C GLY A 354 3.10 -15.35 15.66
N LYS A 355 4.40 -15.26 15.82
CA LYS A 355 5.08 -14.01 16.10
C LYS A 355 6.42 -13.96 15.38
N TYR A 356 6.80 -12.79 14.89
CA TYR A 356 8.17 -12.52 14.48
C TYR A 356 8.51 -11.10 14.91
N ALA A 357 9.52 -10.95 15.78
CA ALA A 357 9.87 -9.66 16.35
C ALA A 357 11.35 -9.33 16.30
N ARG A 358 12.18 -10.24 15.80
CA ARG A 358 13.62 -10.06 15.78
C ARG A 358 13.97 -8.76 15.05
N MET A 359 14.31 -7.74 15.82
CA MET A 359 14.96 -6.57 15.24
C MET A 359 16.28 -7.10 14.72
N ARG A 360 16.30 -7.57 13.48
CA ARG A 360 17.51 -8.14 12.91
C ARG A 360 18.22 -7.12 12.06
N GLY A 361 19.52 -6.99 12.28
CA GLY A 361 20.26 -5.83 11.86
C GLY A 361 20.18 -4.75 12.92
N ALA A 362 21.13 -3.82 12.86
CA ALA A 362 21.06 -2.68 13.76
C ALA A 362 20.00 -1.70 13.30
N HIS A 363 19.81 -1.58 11.99
CA HIS A 363 18.93 -0.57 11.44
C HIS A 363 18.10 -1.22 10.37
N THR A 364 16.82 -1.37 10.65
CA THR A 364 15.87 -2.08 9.81
C THR A 364 14.67 -1.17 9.60
N ASN A 365 13.98 -1.35 8.50
CA ASN A 365 12.78 -0.57 8.25
C ASN A 365 11.58 -1.52 8.19
N ASP A 366 10.42 -0.98 7.83
CA ASP A 366 9.24 -1.82 7.87
C ASP A 366 9.16 -2.76 6.67
N VAL A 367 9.77 -2.41 5.55
CA VAL A 367 9.79 -3.32 4.38
C VAL A 367 10.80 -4.46 4.57
N LYS A 368 11.99 -4.20 5.14
CA LYS A 368 12.91 -5.29 5.48
C LYS A 368 12.26 -6.22 6.50
N GLN A 369 11.63 -5.65 7.53
CA GLN A 369 11.00 -6.47 8.56
C GLN A 369 9.78 -7.21 8.03
N LEU A 370 9.05 -6.64 7.07
CA LEU A 370 7.94 -7.43 6.55
C LEU A 370 8.43 -8.60 5.71
N THR A 371 9.58 -8.44 5.03
CA THR A 371 10.16 -9.55 4.27
C THR A 371 10.79 -10.59 5.19
N GLU A 372 11.26 -10.17 6.36
CA GLU A 372 11.80 -11.15 7.29
C GLU A 372 10.69 -11.96 7.96
N ALA A 373 9.52 -11.36 8.20
CA ALA A 373 8.40 -12.17 8.69
C ALA A 373 7.91 -13.15 7.62
N VAL A 374 7.98 -12.75 6.35
CA VAL A 374 7.56 -13.63 5.26
C VAL A 374 8.48 -14.85 5.14
N GLN A 375 9.79 -14.66 5.31
CA GLN A 375 10.73 -15.78 5.14
C GLN A 375 10.62 -16.80 6.27
N LYS A 376 10.12 -16.39 7.44
CA LYS A 376 9.88 -17.27 8.58
C LYS A 376 8.51 -17.93 8.55
N ILE A 377 7.48 -17.23 8.09
CA ILE A 377 6.20 -17.91 7.87
C ILE A 377 6.35 -18.95 6.77
N THR A 378 7.19 -18.66 5.78
CA THR A 378 7.38 -19.57 4.66
C THR A 378 8.06 -20.88 5.07
N THR A 379 9.05 -20.82 5.97
CA THR A 379 9.67 -22.07 6.43
C THR A 379 8.82 -22.79 7.48
N GLU A 380 8.23 -22.07 8.44
CA GLU A 380 7.33 -22.70 9.40
C GLU A 380 6.13 -23.35 8.71
N SER A 381 5.76 -22.88 7.51
CA SER A 381 4.77 -23.56 6.68
C SER A 381 5.33 -24.70 5.83
N ILE A 382 6.57 -24.58 5.33
CA ILE A 382 7.16 -25.69 4.58
C ILE A 382 7.37 -26.89 5.51
N VAL A 383 7.69 -26.63 6.78
CA VAL A 383 7.86 -27.72 7.74
C VAL A 383 6.55 -28.42 8.01
N ILE A 384 5.52 -27.66 8.38
CA ILE A 384 4.31 -28.27 8.94
C ILE A 384 3.39 -28.81 7.85
N TRP A 385 3.26 -28.08 6.73
CA TRP A 385 2.34 -28.45 5.67
C TRP A 385 3.01 -28.69 4.32
N GLY A 386 4.32 -28.49 4.21
CA GLY A 386 5.06 -28.81 2.99
C GLY A 386 4.64 -28.04 1.74
N LYS A 387 4.12 -26.83 1.89
CA LYS A 387 3.85 -25.97 0.75
C LYS A 387 3.98 -24.51 1.17
N THR A 388 4.06 -23.63 0.18
CA THR A 388 4.11 -22.20 0.46
C THR A 388 2.70 -21.66 0.50
N PRO A 389 2.28 -21.03 1.59
CA PRO A 389 0.93 -20.47 1.64
C PRO A 389 0.78 -19.23 0.76
N LYS A 390 -0.46 -18.89 0.49
CA LYS A 390 -0.78 -17.59 -0.11
C LYS A 390 -0.73 -16.53 0.99
N PHE A 391 -0.28 -15.33 0.63
CA PHE A 391 0.03 -14.30 1.62
C PHE A 391 -0.85 -13.07 1.44
N LYS A 392 -1.55 -12.71 2.52
CA LYS A 392 -2.22 -11.41 2.65
C LYS A 392 -1.29 -10.49 3.44
N LEU A 393 -0.81 -9.43 2.80
CA LEU A 393 0.26 -8.58 3.35
C LEU A 393 -0.15 -7.10 3.31
N PRO A 394 -0.14 -6.36 4.46
CA PRO A 394 -0.56 -4.95 4.49
C PRO A 394 0.48 -3.94 3.99
N ILE A 395 1.00 -4.15 2.79
CA ILE A 395 1.89 -3.19 2.13
C ILE A 395 1.45 -3.09 0.68
N GLN A 396 1.28 -1.86 0.19
CA GLN A 396 0.71 -1.62 -1.13
C GLN A 396 1.52 -2.34 -2.22
N LYS A 397 0.82 -2.83 -3.26
CA LYS A 397 1.51 -3.49 -4.36
C LYS A 397 2.52 -2.57 -5.03
N GLU A 398 2.38 -1.26 -4.89
CA GLU A 398 3.33 -0.29 -5.43
C GLU A 398 4.47 0.04 -4.47
N THR A 399 4.22 0.07 -3.16
CA THR A 399 5.32 0.28 -2.22
C THR A 399 6.37 -0.81 -2.40
N TRP A 400 5.93 -2.07 -2.41
CA TRP A 400 6.82 -3.21 -2.62
C TRP A 400 7.44 -3.23 -4.01
N GLU A 401 6.75 -2.68 -5.01
CA GLU A 401 7.35 -2.59 -6.33
C GLU A 401 8.51 -1.60 -6.35
N THR A 402 8.43 -0.54 -5.56
CA THR A 402 9.53 0.43 -5.52
C THR A 402 10.72 -0.11 -4.76
N TRP A 403 10.49 -0.94 -3.74
CA TRP A 403 11.58 -1.41 -2.90
C TRP A 403 12.53 -2.34 -3.66
N TRP A 404 12.03 -3.51 -4.10
CA TRP A 404 12.94 -4.52 -4.64
C TRP A 404 13.63 -4.04 -5.91
N THR A 405 12.98 -3.18 -6.69
CA THR A 405 13.64 -2.65 -7.88
C THR A 405 14.84 -1.79 -7.52
N GLU A 406 14.75 -1.07 -6.40
CA GLU A 406 15.79 -0.14 -5.98
C GLU A 406 16.76 -0.74 -4.96
N TYR A 407 16.33 -1.70 -4.14
CA TYR A 407 17.24 -2.26 -3.16
C TYR A 407 18.39 -2.95 -3.89
N TRP A 408 19.57 -2.98 -3.25
CA TRP A 408 20.75 -3.55 -3.88
C TRP A 408 20.92 -5.05 -3.61
N GLN A 409 20.29 -5.58 -2.58
CA GLN A 409 20.26 -7.02 -2.37
C GLN A 409 19.03 -7.56 -3.10
N ALA A 410 19.16 -8.73 -3.68
CA ALA A 410 18.02 -9.32 -4.37
C ALA A 410 17.01 -9.80 -3.34
N THR A 411 15.77 -9.36 -3.48
CA THR A 411 14.72 -9.73 -2.53
C THR A 411 13.50 -10.23 -3.30
N TRP A 412 12.91 -11.33 -2.82
CA TRP A 412 11.69 -11.88 -3.40
C TRP A 412 10.74 -12.35 -2.31
N ILE A 413 9.46 -12.28 -2.64
CA ILE A 413 8.33 -12.74 -1.83
C ILE A 413 7.51 -13.66 -2.72
N PRO A 414 7.00 -14.81 -2.21
CA PRO A 414 6.16 -15.67 -3.07
C PRO A 414 4.89 -14.97 -3.53
N GLU A 415 3.94 -15.74 -4.04
CA GLU A 415 2.68 -15.12 -4.48
C GLU A 415 1.97 -14.52 -3.27
N TRP A 416 1.68 -13.23 -3.36
CA TRP A 416 1.08 -12.48 -2.27
C TRP A 416 0.05 -11.53 -2.85
N GLU A 417 -0.87 -11.09 -1.98
CA GLU A 417 -1.87 -10.08 -2.33
C GLU A 417 -1.89 -9.00 -1.26
N PHE A 418 -2.57 -7.89 -1.57
CA PHE A 418 -2.65 -6.76 -0.66
C PHE A 418 -3.86 -6.88 0.27
N VAL A 419 -3.68 -6.48 1.52
CA VAL A 419 -4.78 -6.26 2.44
C VAL A 419 -4.66 -4.84 2.99
N ASN A 420 -5.79 -4.18 3.14
CA ASN A 420 -5.84 -2.82 3.68
C ASN A 420 -6.31 -2.80 5.12
N THR A 421 -5.65 -3.56 5.98
CA THR A 421 -5.93 -3.54 7.40
C THR A 421 -4.90 -2.61 8.01
N PRO A 422 -5.17 -1.31 8.14
CA PRO A 422 -4.16 -0.42 8.69
C PRO A 422 -3.78 -0.85 10.09
N PRO A 423 -2.55 -0.53 10.53
CA PRO A 423 -1.46 0.20 9.85
C PRO A 423 -0.82 -0.43 8.60
N LEU A 424 -1.00 0.23 7.44
CA LEU A 424 -0.26 -0.16 6.25
C LEU A 424 1.22 0.16 6.41
N VAL A 425 2.08 -0.70 5.88
CA VAL A 425 3.53 -0.55 5.98
C VAL A 425 4.02 0.13 4.71
N LYS A 426 4.78 1.22 4.88
CA LYS A 426 5.19 2.09 3.77
C LYS A 426 6.57 2.70 4.06
N LEU A 427 7.16 3.27 3.02
CA LEU A 427 8.50 3.87 3.11
C LEU A 427 8.42 5.34 3.53
N TRP A 428 9.12 5.70 4.60
CA TRP A 428 8.93 6.99 5.24
C TRP A 428 9.73 8.13 4.64
N TYR A 429 10.65 7.85 3.73
CA TYR A 429 11.31 8.91 2.98
C TYR A 429 12.07 8.31 1.81
N GLN A 430 12.81 9.16 1.12
CA GLN A 430 13.33 8.84 -0.20
C GLN A 430 14.49 9.79 -0.43
N LEU A 431 15.69 9.26 -0.56
CA LEU A 431 16.81 10.14 -0.92
C LEU A 431 16.71 10.48 -2.40
N GLU A 432 16.87 11.77 -2.70
CA GLU A 432 16.85 12.22 -4.08
C GLU A 432 18.04 11.66 -4.82
N LYS A 433 17.90 11.53 -6.13
CA LYS A 433 18.96 10.92 -6.91
C LYS A 433 19.84 11.94 -7.62
N GLU A 434 19.40 13.18 -7.74
CA GLU A 434 20.21 14.23 -8.32
C GLU A 434 20.29 15.39 -7.34
N PRO A 435 21.41 16.11 -7.33
CA PRO A 435 21.66 17.09 -6.26
C PRO A 435 20.69 18.26 -6.30
N ILE A 436 20.19 18.64 -5.13
CA ILE A 436 19.20 19.71 -5.04
C ILE A 436 19.87 21.02 -5.43
N VAL A 437 19.21 21.78 -6.31
CA VAL A 437 19.69 23.13 -6.61
C VAL A 437 19.01 24.12 -5.69
N GLY A 438 19.79 25.12 -5.26
CA GLY A 438 19.30 26.14 -4.37
C GLY A 438 19.39 25.83 -2.90
N ALA A 439 19.80 24.62 -2.54
CA ALA A 439 19.91 24.23 -1.14
C ALA A 439 21.37 24.27 -0.69
N GLU A 440 21.57 24.72 0.54
CA GLU A 440 22.90 24.78 1.12
C GLU A 440 23.51 23.39 1.16
N THR A 441 24.73 23.25 0.65
CA THR A 441 25.44 21.97 0.61
C THR A 441 26.34 21.82 1.83
N PHE A 442 26.12 20.79 2.66
CA PHE A 442 26.88 20.58 3.89
C PHE A 442 27.95 19.51 3.66
N TYR A 443 29.22 19.90 3.71
CA TYR A 443 30.37 18.99 3.56
C TYR A 443 30.79 18.48 4.94
N VAL A 444 30.28 17.31 5.36
CA VAL A 444 30.46 16.88 6.75
C VAL A 444 31.59 15.86 6.84
N ASP A 445 32.22 15.81 8.03
CA ASP A 445 33.19 14.78 8.36
C ASP A 445 33.34 14.75 9.88
N GLY A 446 33.79 13.60 10.38
CA GLY A 446 34.04 13.42 11.79
C GLY A 446 35.22 12.52 12.05
N ALA A 447 35.83 12.70 13.22
CA ALA A 447 37.00 11.91 13.60
C ALA A 447 37.06 11.86 15.13
N ALA A 448 37.66 10.79 15.63
CA ALA A 448 37.84 10.61 17.07
C ALA A 448 39.19 9.93 17.31
N ASN A 449 39.63 9.93 18.57
CA ASN A 449 40.83 9.22 18.97
C ASN A 449 40.41 7.98 19.74
N ARG A 450 40.92 6.82 19.29
CA ARG A 450 40.58 5.56 19.95
C ARG A 450 41.02 5.56 21.41
N GLU A 451 42.22 6.09 21.67
CA GLU A 451 42.77 6.16 23.01
C GLU A 451 41.84 6.99 23.88
N THR A 452 41.77 8.29 23.62
CA THR A 452 41.09 9.21 24.52
C THR A 452 39.57 9.21 24.35
N LYS A 453 39.04 8.55 23.31
CA LYS A 453 37.60 8.50 23.08
C LYS A 453 36.97 9.89 23.02
N LEU A 454 37.79 10.90 22.74
CA LEU A 454 37.32 12.25 22.47
C LEU A 454 37.40 12.48 20.97
N GLY A 455 36.45 13.24 20.44
CA GLY A 455 36.41 13.45 19.01
C GLY A 455 35.45 14.57 18.65
N LYS A 456 35.45 14.91 17.37
CA LYS A 456 34.73 16.06 16.86
C LYS A 456 33.87 15.66 15.67
N ALA A 457 32.78 16.41 15.45
CA ALA A 457 31.87 16.22 14.33
C ALA A 457 31.41 17.59 13.83
N GLY A 458 31.47 17.81 12.52
CA GLY A 458 31.03 19.10 12.03
C GLY A 458 30.96 19.20 10.51
N TYR A 459 30.63 20.41 10.05
CA TYR A 459 30.40 20.69 8.65
C TYR A 459 30.95 22.05 8.25
N VAL A 460 31.35 22.16 6.99
CA VAL A 460 31.55 23.42 6.31
C VAL A 460 30.64 23.40 5.09
N THR A 461 29.95 24.50 4.82
CA THR A 461 28.98 24.47 3.74
C THR A 461 29.44 25.35 2.58
N ASN A 462 28.53 25.59 1.63
CA ASN A 462 28.83 26.53 0.56
C ASN A 462 28.62 27.97 1.02
N LYS A 463 27.58 28.22 1.82
CA LYS A 463 27.36 29.57 2.32
C LYS A 463 28.43 30.03 3.30
N GLY A 464 29.36 29.17 3.68
CA GLY A 464 30.40 29.50 4.63
C GLY A 464 30.15 29.01 6.03
N ARG A 465 28.93 28.58 6.33
CA ARG A 465 28.60 28.12 7.66
C ARG A 465 29.51 26.96 8.06
N GLN A 466 29.92 26.95 9.32
CA GLN A 466 30.71 25.87 9.89
C GLN A 466 30.14 25.52 11.26
N LYS A 467 30.56 24.39 11.78
CA LYS A 467 30.21 23.96 13.13
C LYS A 467 31.11 22.81 13.50
N VAL A 468 31.63 22.81 14.71
CA VAL A 468 32.34 21.66 15.27
C VAL A 468 31.79 21.45 16.66
N VAL A 469 31.52 20.20 17.04
CA VAL A 469 30.94 19.88 18.33
C VAL A 469 31.84 18.86 19.00
N PRO A 470 32.36 19.12 20.21
CA PRO A 470 33.23 18.12 20.85
C PRO A 470 32.38 16.94 21.30
N LEU A 471 33.01 15.79 21.45
CA LEU A 471 32.26 14.61 21.86
C LEU A 471 33.08 13.81 22.86
N THR A 472 32.35 13.13 23.75
CA THR A 472 32.92 12.49 24.93
C THR A 472 32.52 11.01 24.93
N ASN A 473 33.51 10.17 25.16
CA ASN A 473 33.35 8.72 25.15
C ASN A 473 32.55 8.28 23.92
N THR A 474 33.21 8.45 22.77
CA THR A 474 32.59 8.21 21.48
C THR A 474 33.59 7.50 20.58
N THR A 475 33.12 7.09 19.40
CA THR A 475 33.85 6.22 18.49
C THR A 475 34.23 7.00 17.23
N ASN A 476 34.97 6.36 16.32
CA ASN A 476 35.15 6.95 15.00
C ASN A 476 33.92 6.74 14.14
N GLN A 477 33.27 5.60 14.27
CA GLN A 477 32.02 5.39 13.58
C GLN A 477 30.92 6.30 14.12
N LYS A 478 30.85 6.45 15.43
CA LYS A 478 29.77 7.25 16.02
C LYS A 478 29.96 8.74 15.82
N THR A 479 31.19 9.22 15.54
CA THR A 479 31.34 10.63 15.22
C THR A 479 30.96 10.94 13.79
N GLU A 480 31.04 9.95 12.90
CA GLU A 480 30.61 10.21 11.54
C GLU A 480 29.10 10.20 11.47
N LEU A 481 28.45 9.27 12.17
CA LEU A 481 27.00 9.28 12.21
C LEU A 481 26.45 10.53 12.86
N GLN A 482 27.26 11.23 13.65
CA GLN A 482 26.83 12.46 14.31
C GLN A 482 26.99 13.70 13.45
N ALA A 483 28.08 13.78 12.68
CA ALA A 483 28.26 14.93 11.79
C ALA A 483 27.06 15.09 10.88
N ILE A 484 26.49 13.98 10.39
CA ILE A 484 25.34 14.09 9.49
C ILE A 484 24.12 14.56 10.26
N TYR A 485 24.04 14.26 11.56
CA TYR A 485 22.91 14.75 12.33
C TYR A 485 23.01 16.25 12.56
N LEU A 486 24.24 16.78 12.68
CA LEU A 486 24.41 18.23 12.76
C LEU A 486 23.93 18.91 11.49
N ALA A 487 24.24 18.33 10.33
CA ALA A 487 23.83 18.92 9.06
C ALA A 487 22.31 18.91 8.88
N LEU A 488 21.62 17.91 9.42
CA LEU A 488 20.17 17.83 9.25
C LEU A 488 19.44 18.81 10.17
N GLN A 489 19.90 18.96 11.41
CA GLN A 489 19.32 19.97 12.30
C GLN A 489 19.48 21.36 11.71
N ASP A 490 20.71 21.68 11.32
CA ASP A 490 21.08 23.02 10.95
C ASP A 490 20.81 23.31 9.48
N SER A 491 19.89 22.60 8.85
CA SER A 491 19.56 22.85 7.45
C SER A 491 18.07 23.14 7.30
N GLY A 492 17.74 23.66 6.13
CA GLY A 492 16.35 23.87 5.74
C GLY A 492 15.69 22.57 5.34
N LEU A 493 14.52 22.69 4.71
CA LEU A 493 13.81 21.49 4.30
C LEU A 493 14.42 20.86 3.07
N GLU A 494 15.27 21.58 2.35
CA GLU A 494 16.05 21.02 1.27
C GLU A 494 17.54 21.19 1.60
N VAL A 495 18.32 20.11 1.49
CA VAL A 495 19.71 20.08 1.94
C VAL A 495 20.50 19.09 1.09
N ASN A 496 21.79 19.36 0.94
CA ASN A 496 22.77 18.45 0.39
C ASN A 496 23.79 18.07 1.46
N ILE A 497 24.27 16.82 1.43
CA ILE A 497 25.27 16.38 2.40
C ILE A 497 26.36 15.60 1.67
N VAL A 498 27.61 15.96 1.93
CA VAL A 498 28.79 15.26 1.40
C VAL A 498 29.60 14.70 2.56
N THR A 499 29.56 13.38 2.72
CA THR A 499 30.30 12.66 3.76
C THR A 499 31.28 11.68 3.12
N ASN A 500 32.36 11.37 3.82
CA ASN A 500 33.27 10.32 3.40
C ASN A 500 33.07 9.04 4.18
N SER A 501 31.90 8.89 4.81
CA SER A 501 31.58 7.72 5.62
C SER A 501 30.87 6.70 4.75
N GLN A 502 31.58 5.65 4.37
CA GLN A 502 30.92 4.49 3.79
C GLN A 502 29.93 3.90 4.79
N TYR A 503 30.31 3.90 6.07
CA TYR A 503 29.45 3.36 7.12
C TYR A 503 28.11 4.10 7.16
N ALA A 504 28.17 5.43 7.25
CA ALA A 504 26.96 6.23 7.36
C ALA A 504 26.16 6.21 6.06
N LEU A 505 26.83 6.42 4.92
CA LEU A 505 26.12 6.39 3.64
C LEU A 505 25.45 5.05 3.42
N GLY A 506 26.06 3.96 3.89
CA GLY A 506 25.39 2.67 3.81
C GLY A 506 24.13 2.61 4.63
N ILE A 507 24.22 3.06 5.89
CA ILE A 507 23.07 3.02 6.79
C ILE A 507 21.92 3.84 6.21
N ILE A 508 22.16 5.13 5.96
CA ILE A 508 21.11 6.02 5.50
C ILE A 508 20.45 5.46 4.25
N GLN A 509 21.25 5.07 3.26
CA GLN A 509 20.68 4.74 1.96
C GLN A 509 19.69 3.59 2.01
N ALA A 510 19.67 2.82 3.10
CA ALA A 510 18.77 1.67 3.25
C ALA A 510 17.39 2.06 3.79
N GLN A 511 17.02 3.34 3.72
CA GLN A 511 15.73 3.88 4.18
C GLN A 511 15.25 3.27 5.50
N PRO A 512 16.03 3.39 6.57
CA PRO A 512 15.71 2.66 7.79
C PRO A 512 14.95 3.53 8.77
N ASP A 513 13.81 3.08 9.29
CA ASP A 513 13.01 3.94 10.14
C ASP A 513 13.07 3.57 11.61
N LYS A 514 13.45 2.35 11.93
CA LYS A 514 13.56 1.93 13.32
C LYS A 514 14.98 1.41 13.49
N SER A 515 15.70 1.96 14.46
CA SER A 515 17.07 1.52 14.70
C SER A 515 17.28 1.38 16.20
N GLU A 516 18.21 0.50 16.57
CA GLU A 516 18.45 0.25 17.98
C GLU A 516 19.31 1.32 18.62
N SER A 517 20.22 1.93 17.84
CA SER A 517 21.02 3.04 18.35
C SER A 517 20.15 4.29 18.40
N GLU A 518 20.01 4.87 19.60
CA GLU A 518 19.17 6.05 19.75
C GLU A 518 19.64 7.21 18.90
N LEU A 519 20.90 7.21 18.49
CA LEU A 519 21.39 8.24 17.58
C LEU A 519 20.85 8.03 16.16
N VAL A 520 20.82 6.79 15.69
CA VAL A 520 20.30 6.54 14.35
C VAL A 520 18.84 6.95 14.28
N ASN A 521 18.09 6.77 15.36
CA ASN A 521 16.72 7.27 15.37
C ASN A 521 16.65 8.80 15.35
N GLN A 522 17.72 9.49 15.78
CA GLN A 522 17.72 10.95 15.62
C GLN A 522 17.83 11.30 14.14
N ILE A 523 18.65 10.57 13.39
CA ILE A 523 18.80 10.88 11.97
C ILE A 523 17.54 10.52 11.19
N ILE A 524 16.86 9.43 11.56
CA ILE A 524 15.66 9.05 10.84
C ILE A 524 14.60 10.12 10.93
N GLU A 525 14.48 10.76 12.10
CA GLU A 525 13.41 11.73 12.31
C GLU A 525 13.66 13.02 11.54
N GLN A 526 14.92 13.42 11.39
CA GLN A 526 15.20 14.64 10.64
C GLN A 526 15.05 14.37 9.15
N LEU A 527 15.42 13.17 8.70
CA LEU A 527 15.19 12.82 7.30
C LEU A 527 13.70 12.80 6.97
N ILE A 528 12.86 12.38 7.93
CA ILE A 528 11.41 12.29 7.71
C ILE A 528 10.80 13.69 7.58
N LYS A 529 11.36 14.68 8.28
CA LYS A 529 10.90 16.07 8.28
C LYS A 529 11.47 16.94 7.17
N LYS A 530 12.49 16.49 6.44
CA LYS A 530 12.99 17.29 5.33
C LYS A 530 12.09 17.09 4.11
N GLU A 531 12.20 17.99 3.13
CA GLU A 531 11.41 17.80 1.93
C GLU A 531 12.21 17.15 0.81
N LYS A 532 13.45 17.58 0.63
CA LYS A 532 14.36 17.01 -0.35
C LYS A 532 15.71 16.87 0.32
N VAL A 533 16.16 15.64 0.53
CA VAL A 533 17.50 15.35 1.02
C VAL A 533 18.25 14.62 -0.08
N TYR A 534 19.43 15.13 -0.41
CA TYR A 534 20.34 14.47 -1.33
C TYR A 534 21.64 14.23 -0.59
N LEU A 535 22.12 12.99 -0.63
CA LEU A 535 23.32 12.57 0.09
C LEU A 535 24.27 11.89 -0.88
N ALA A 536 25.52 12.33 -0.87
CA ALA A 536 26.53 11.77 -1.74
C ALA A 536 27.81 11.48 -0.96
N TRP A 537 28.68 10.69 -1.55
CA TRP A 537 29.92 10.24 -0.96
C TRP A 537 31.08 10.76 -1.79
N VAL A 538 32.09 11.30 -1.13
CA VAL A 538 33.37 11.56 -1.78
C VAL A 538 34.39 10.72 -1.04
N PRO A 539 35.51 10.37 -1.66
CA PRO A 539 36.53 9.64 -0.92
C PRO A 539 37.36 10.61 -0.11
N ALA A 540 37.94 10.08 0.96
CA ALA A 540 38.68 10.89 1.91
C ALA A 540 40.10 11.16 1.44
N HIS A 541 40.64 12.28 1.92
CA HIS A 541 42.05 12.61 1.72
C HIS A 541 42.41 12.58 0.23
N LYS A 542 41.48 13.04 -0.60
CA LYS A 542 41.75 13.33 -1.99
C LYS A 542 41.61 14.80 -2.31
N GLY A 543 41.52 15.65 -1.29
CA GLY A 543 41.50 17.08 -1.48
C GLY A 543 40.33 17.49 -2.33
N ILE A 544 39.16 16.96 -2.02
CA ILE A 544 37.94 17.25 -2.76
C ILE A 544 37.22 18.38 -2.03
N GLY A 545 37.09 19.53 -2.70
CA GLY A 545 36.31 20.62 -2.16
C GLY A 545 36.60 20.90 -0.71
N GLY A 546 35.53 21.19 0.03
CA GLY A 546 35.63 21.44 1.46
C GLY A 546 35.71 20.21 2.32
N ASN A 547 35.48 19.02 1.75
CA ASN A 547 35.66 17.81 2.54
C ASN A 547 37.12 17.64 2.92
N GLU A 548 38.03 18.16 2.08
CA GLU A 548 39.43 18.20 2.48
C GLU A 548 39.60 19.11 3.69
N GLN A 549 38.79 20.16 3.78
CA GLN A 549 38.94 21.14 4.85
C GLN A 549 38.31 20.66 6.16
N VAL A 550 37.03 20.28 6.13
CA VAL A 550 36.30 20.04 7.37
C VAL A 550 36.93 18.93 8.17
N ASP A 551 37.64 18.02 7.49
CA ASP A 551 38.39 17.00 8.21
C ASP A 551 39.44 17.65 9.11
N LYS A 552 40.00 18.79 8.71
CA LYS A 552 40.97 19.46 9.59
C LYS A 552 40.28 19.99 10.83
N LEU A 553 39.06 20.48 10.71
CA LEU A 553 38.38 20.99 11.89
C LEU A 553 37.96 19.88 12.84
N VAL A 554 37.83 18.64 12.35
CA VAL A 554 37.33 17.54 13.18
C VAL A 554 38.44 16.63 13.72
N SER A 555 39.70 16.88 13.37
CA SER A 555 40.78 16.03 13.86
C SER A 555 41.12 16.27 15.33
N PRO B 20 30.76 -57.51 -10.86
CA PRO B 20 31.93 -58.20 -10.28
C PRO B 20 33.25 -57.50 -10.59
N ILE B 21 33.28 -56.16 -10.50
CA ILE B 21 34.47 -55.38 -10.81
C ILE B 21 35.20 -55.05 -9.52
N GLU B 22 36.54 -55.04 -9.58
CA GLU B 22 37.35 -54.63 -8.44
C GLU B 22 37.14 -53.16 -8.10
N THR B 23 37.22 -52.86 -6.80
CA THR B 23 36.86 -51.56 -6.25
C THR B 23 38.10 -50.78 -5.86
N VAL B 24 38.29 -49.62 -6.47
CA VAL B 24 39.40 -48.74 -6.09
C VAL B 24 39.16 -48.21 -4.68
N PRO B 25 40.11 -48.32 -3.77
CA PRO B 25 39.85 -47.88 -2.40
C PRO B 25 39.82 -46.37 -2.29
N VAL B 26 39.01 -45.90 -1.34
CA VAL B 26 38.87 -44.48 -1.05
C VAL B 26 39.00 -44.29 0.45
N LYS B 27 39.68 -43.24 0.84
CA LYS B 27 39.84 -42.91 2.25
C LYS B 27 39.82 -41.39 2.40
N LEU B 28 39.42 -40.92 3.57
CA LEU B 28 39.34 -39.48 3.73
C LEU B 28 40.72 -38.87 3.90
N LYS B 29 40.80 -37.56 3.61
CA LYS B 29 41.96 -36.71 3.79
C LYS B 29 42.48 -36.82 5.21
N PRO B 30 43.77 -36.59 5.44
CA PRO B 30 44.37 -36.89 6.75
C PRO B 30 43.65 -36.18 7.89
N GLY B 31 43.11 -36.96 8.82
CA GLY B 31 42.60 -36.44 10.06
C GLY B 31 41.30 -35.68 9.99
N MET B 32 40.55 -35.80 8.90
CA MET B 32 39.29 -35.10 8.75
C MET B 32 38.13 -36.08 8.76
N ASP B 33 37.16 -35.82 9.63
CA ASP B 33 35.99 -36.69 9.74
C ASP B 33 35.10 -36.50 8.52
N GLY B 34 34.17 -37.43 8.33
CA GLY B 34 33.23 -37.34 7.22
C GLY B 34 32.16 -36.27 7.40
N PRO B 35 31.36 -36.02 6.37
CA PRO B 35 30.41 -34.91 6.43
C PRO B 35 29.24 -35.27 7.32
N LYS B 36 28.76 -34.28 8.07
CA LYS B 36 27.52 -34.41 8.85
C LYS B 36 26.78 -33.08 8.71
N VAL B 37 25.96 -32.95 7.66
CA VAL B 37 25.26 -31.70 7.38
C VAL B 37 23.76 -31.95 7.57
N LYS B 38 23.11 -31.03 8.28
CA LYS B 38 21.71 -31.19 8.60
C LYS B 38 20.87 -31.03 7.35
N GLN B 39 19.82 -31.85 7.22
CA GLN B 39 18.96 -31.85 6.03
C GLN B 39 17.79 -30.88 6.24
N TRP B 40 17.75 -29.82 5.43
CA TRP B 40 16.74 -28.78 5.55
C TRP B 40 15.39 -29.25 5.01
N PRO B 41 14.29 -28.65 5.46
CA PRO B 41 12.96 -29.10 5.03
C PRO B 41 12.75 -28.92 3.54
N LEU B 42 11.81 -29.70 2.99
CA LEU B 42 11.57 -29.76 1.56
C LEU B 42 10.09 -29.63 1.26
N THR B 43 9.77 -29.04 0.10
CA THR B 43 8.38 -28.99 -0.35
C THR B 43 7.89 -30.39 -0.67
N GLU B 44 6.65 -30.67 -0.32
CA GLU B 44 6.11 -32.02 -0.49
C GLU B 44 6.24 -32.53 -1.92
N GLU B 45 6.32 -31.62 -2.90
CA GLU B 45 6.44 -31.99 -4.30
C GLU B 45 7.80 -32.58 -4.66
N LYS B 46 8.86 -32.28 -3.91
CA LYS B 46 10.15 -32.94 -4.07
C LYS B 46 10.35 -34.10 -3.11
N ILE B 47 9.38 -34.35 -2.23
CA ILE B 47 9.45 -35.51 -1.34
C ILE B 47 8.92 -36.77 -2.04
N LYS B 48 7.70 -36.71 -2.61
CA LYS B 48 7.16 -37.90 -3.27
C LYS B 48 8.03 -38.34 -4.44
N ALA B 49 8.78 -37.41 -5.04
CA ALA B 49 9.66 -37.74 -6.16
C ALA B 49 10.97 -38.36 -5.70
N LEU B 50 11.51 -37.89 -4.59
CA LEU B 50 12.72 -38.49 -4.05
C LEU B 50 12.42 -39.74 -3.24
N VAL B 51 11.19 -39.89 -2.73
CA VAL B 51 10.74 -41.19 -2.23
C VAL B 51 10.64 -42.19 -3.37
N GLU B 52 10.34 -41.71 -4.59
CA GLU B 52 10.26 -42.61 -5.74
C GLU B 52 11.63 -42.96 -6.30
N ILE B 53 12.46 -41.94 -6.59
CA ILE B 53 13.76 -42.17 -7.23
C ILE B 53 14.61 -43.13 -6.41
N CYS B 54 14.37 -43.19 -5.09
CA CYS B 54 15.11 -44.09 -4.22
C CYS B 54 14.45 -45.46 -4.07
N THR B 55 13.14 -45.57 -4.30
CA THR B 55 12.51 -46.88 -4.31
C THR B 55 13.09 -47.73 -5.43
N GLU B 56 13.17 -47.16 -6.64
CA GLU B 56 13.67 -47.90 -7.80
C GLU B 56 15.20 -48.03 -7.82
N MET B 57 15.93 -47.08 -7.23
CA MET B 57 17.39 -47.25 -7.11
C MET B 57 17.76 -48.32 -6.09
N GLU B 58 16.90 -48.55 -5.09
CA GLU B 58 17.12 -49.61 -4.11
C GLU B 58 16.68 -50.96 -4.66
N LYS B 59 15.58 -50.95 -5.43
CA LYS B 59 15.13 -52.16 -6.11
C LYS B 59 16.14 -52.62 -7.16
N GLU B 60 16.88 -51.69 -7.78
CA GLU B 60 18.01 -52.03 -8.65
C GLU B 60 19.29 -52.29 -7.88
N GLY B 61 19.34 -51.96 -6.59
CA GLY B 61 20.53 -52.17 -5.81
C GLY B 61 21.52 -51.03 -5.82
N LYS B 62 21.20 -49.90 -6.48
CA LYS B 62 22.12 -48.77 -6.50
C LYS B 62 22.37 -48.21 -5.09
N ILE B 63 21.35 -48.26 -4.21
CA ILE B 63 21.48 -47.80 -2.82
C ILE B 63 20.74 -48.76 -1.89
N SER B 64 21.12 -48.74 -0.61
CA SER B 64 20.57 -49.63 0.40
C SER B 64 20.34 -48.87 1.70
N LYS B 65 19.19 -49.10 2.33
CA LYS B 65 18.81 -48.38 3.54
C LYS B 65 19.81 -48.63 4.67
N ILE B 66 20.02 -47.62 5.52
CA ILE B 66 20.83 -47.75 6.73
C ILE B 66 20.04 -47.26 7.93
N GLY B 67 20.70 -47.30 9.10
CA GLY B 67 20.09 -46.99 10.36
C GLY B 67 20.87 -45.98 11.20
N PRO B 68 20.64 -45.99 12.51
CA PRO B 68 21.22 -44.97 13.37
C PRO B 68 22.68 -45.17 13.63
N GLU B 69 23.21 -46.36 13.34
CA GLU B 69 24.63 -46.57 13.57
C GLU B 69 25.49 -45.72 12.64
N ASN B 70 24.91 -45.17 11.58
CA ASN B 70 25.63 -44.24 10.72
C ASN B 70 25.42 -42.82 11.24
N PRO B 71 26.45 -42.15 11.76
CA PRO B 71 26.31 -40.76 12.18
C PRO B 71 26.59 -39.75 11.09
N TYR B 72 26.68 -40.20 9.84
CA TYR B 72 27.03 -39.37 8.70
C TYR B 72 25.80 -39.13 7.82
N ASN B 73 25.63 -37.87 7.40
CA ASN B 73 24.54 -37.49 6.50
C ASN B 73 24.99 -36.34 5.61
N THR B 74 24.45 -36.33 4.38
CA THR B 74 24.72 -35.33 3.35
C THR B 74 23.40 -34.90 2.72
N PRO B 75 23.14 -33.60 2.53
CA PRO B 75 21.81 -33.17 2.06
C PRO B 75 21.49 -33.69 0.67
N VAL B 76 20.19 -33.74 0.40
CA VAL B 76 19.65 -34.20 -0.89
C VAL B 76 18.32 -33.50 -1.11
N PHE B 77 18.07 -33.12 -2.35
CA PHE B 77 16.84 -32.45 -2.71
C PHE B 77 16.54 -32.76 -4.18
N ALA B 78 15.60 -32.02 -4.76
CA ALA B 78 15.17 -32.30 -6.12
C ALA B 78 15.16 -31.03 -6.93
N ILE B 79 15.79 -31.10 -8.09
CA ILE B 79 15.73 -30.06 -9.10
C ILE B 79 14.88 -30.61 -10.23
N LYS B 80 14.40 -29.72 -11.09
CA LYS B 80 13.81 -30.10 -12.36
C LYS B 80 14.69 -29.50 -13.44
N LYS B 81 15.43 -30.35 -14.17
CA LYS B 81 16.22 -29.85 -15.29
C LYS B 81 15.33 -29.15 -16.31
N LYS B 82 15.91 -28.21 -17.06
CA LYS B 82 15.13 -27.30 -17.90
C LYS B 82 14.21 -28.06 -18.84
N ASP B 83 12.90 -27.96 -18.60
CA ASP B 83 11.86 -28.59 -19.42
C ASP B 83 11.95 -30.12 -19.38
N SER B 84 11.71 -30.68 -18.20
CA SER B 84 11.77 -32.13 -18.03
C SER B 84 10.45 -32.80 -17.66
N THR B 85 9.68 -32.24 -16.71
CA THR B 85 8.51 -32.90 -16.12
C THR B 85 8.88 -34.27 -15.56
N LYS B 86 10.16 -34.60 -15.56
CA LYS B 86 10.71 -35.82 -14.95
C LYS B 86 11.82 -35.40 -13.99
N TRP B 87 11.60 -35.60 -12.69
CA TRP B 87 12.47 -35.04 -11.66
C TRP B 87 13.88 -35.62 -11.72
N ARG B 88 14.83 -34.81 -11.29
CA ARG B 88 16.22 -35.22 -11.13
C ARG B 88 16.54 -35.24 -9.64
N LYS B 89 17.24 -36.27 -9.19
CA LYS B 89 17.74 -36.30 -7.82
C LYS B 89 19.10 -35.63 -7.77
N LEU B 90 19.27 -34.70 -6.82
CA LEU B 90 20.53 -33.97 -6.65
C LEU B 90 20.92 -33.94 -5.17
N VAL B 91 22.17 -34.30 -4.89
CA VAL B 91 22.72 -34.39 -3.53
C VAL B 91 23.72 -33.24 -3.37
N ASP B 92 23.87 -32.78 -2.12
CA ASP B 92 24.72 -31.62 -1.84
C ASP B 92 26.04 -32.13 -1.24
N PHE B 93 27.00 -32.42 -2.11
CA PHE B 93 28.25 -33.05 -1.73
C PHE B 93 29.40 -32.07 -1.43
N ARG B 94 29.14 -30.78 -1.23
CA ARG B 94 30.25 -29.82 -1.08
C ARG B 94 31.09 -30.11 0.17
N GLU B 95 30.47 -30.53 1.27
CA GLU B 95 31.24 -30.86 2.47
C GLU B 95 31.89 -32.25 2.36
N LEU B 96 31.23 -33.20 1.71
CA LEU B 96 31.91 -34.46 1.40
C LEU B 96 32.98 -34.28 0.34
N ASN B 97 32.80 -33.29 -0.54
CA ASN B 97 33.75 -33.09 -1.64
C ASN B 97 35.06 -32.51 -1.12
N LYS B 98 34.99 -31.38 -0.43
CA LYS B 98 36.22 -30.74 0.03
C LYS B 98 36.98 -31.57 1.05
N ARG B 99 36.49 -32.77 1.38
CA ARG B 99 37.14 -33.66 2.34
C ARG B 99 37.83 -34.86 1.70
N THR B 100 37.79 -34.99 0.38
CA THR B 100 38.60 -36.00 -0.31
C THR B 100 39.71 -35.39 -1.16
N GLN B 101 39.98 -34.09 -0.98
CA GLN B 101 40.62 -33.27 -2.02
C GLN B 101 41.95 -33.84 -2.49
N ASP B 102 42.74 -34.48 -1.62
CA ASP B 102 44.03 -34.99 -2.05
C ASP B 102 43.88 -36.20 -2.98
N PHE B 103 42.74 -36.89 -2.91
CA PHE B 103 42.46 -37.99 -3.82
C PHE B 103 42.18 -37.47 -5.24
N TRP B 104 41.31 -36.45 -5.38
CA TRP B 104 40.90 -35.98 -6.70
C TRP B 104 41.70 -34.76 -7.20
N GLU B 105 42.64 -34.25 -6.42
CA GLU B 105 43.54 -33.20 -6.90
C GLU B 105 44.97 -33.69 -7.08
N VAL B 106 45.57 -34.28 -6.04
CA VAL B 106 46.97 -34.70 -6.15
C VAL B 106 47.10 -36.06 -6.84
N GLN B 107 46.10 -36.95 -6.73
CA GLN B 107 46.25 -38.32 -7.20
C GLN B 107 45.65 -38.54 -8.59
N LEU B 108 44.34 -38.80 -8.66
CA LEU B 108 43.68 -39.19 -9.92
C LEU B 108 42.96 -38.03 -10.57
N GLY B 109 43.59 -36.85 -10.59
CA GLY B 109 42.98 -35.64 -11.11
C GLY B 109 42.59 -35.66 -12.58
N ILE B 110 42.05 -34.55 -13.06
CA ILE B 110 41.67 -34.37 -14.45
C ILE B 110 42.42 -33.14 -14.98
N PRO B 111 43.17 -33.26 -16.07
CA PRO B 111 43.90 -32.10 -16.60
C PRO B 111 42.94 -31.17 -17.35
N HIS B 112 43.45 -29.99 -17.70
CA HIS B 112 42.56 -28.96 -18.24
C HIS B 112 42.93 -28.58 -19.67
N PRO B 113 41.98 -28.65 -20.62
CA PRO B 113 42.20 -28.33 -22.05
C PRO B 113 42.17 -26.84 -22.39
N ALA B 114 43.33 -26.19 -22.19
CA ALA B 114 43.46 -24.74 -22.29
C ALA B 114 42.76 -24.16 -23.52
N GLY B 115 42.59 -24.98 -24.55
CA GLY B 115 42.00 -24.53 -25.79
C GLY B 115 40.52 -24.77 -25.95
N LEU B 116 39.88 -25.49 -25.03
CA LEU B 116 38.43 -25.71 -25.17
C LEU B 116 37.70 -24.38 -25.15
N LYS B 117 38.25 -23.39 -24.42
CA LYS B 117 37.67 -22.06 -24.35
C LYS B 117 37.72 -21.34 -25.68
N LYS B 118 38.63 -21.71 -26.58
CA LYS B 118 38.72 -21.02 -27.85
C LYS B 118 37.64 -21.49 -28.83
N LYS B 119 37.13 -22.70 -28.64
CA LYS B 119 36.25 -23.30 -29.63
C LYS B 119 35.06 -22.40 -29.91
N LYS B 120 34.69 -22.33 -31.18
CA LYS B 120 33.61 -21.45 -31.59
C LYS B 120 32.26 -21.94 -31.08
N SER B 121 32.20 -23.20 -30.65
CA SER B 121 30.96 -23.79 -30.13
C SER B 121 31.32 -24.93 -29.19
N VAL B 122 30.56 -25.06 -28.09
CA VAL B 122 30.77 -26.10 -27.10
C VAL B 122 29.42 -26.58 -26.57
N THR B 123 29.23 -27.91 -26.54
CA THR B 123 28.00 -28.53 -26.06
C THR B 123 28.23 -29.24 -24.72
N VAL B 124 27.20 -29.24 -23.87
CA VAL B 124 27.22 -29.89 -22.56
C VAL B 124 26.34 -31.14 -22.62
N LEU B 125 26.84 -32.25 -22.09
CA LEU B 125 26.07 -33.49 -22.00
C LEU B 125 26.23 -34.15 -20.63
N ASP B 126 25.10 -34.54 -20.02
CA ASP B 126 25.01 -35.11 -18.67
C ASP B 126 25.32 -36.61 -18.68
N VAL B 127 26.45 -36.99 -18.07
CA VAL B 127 26.90 -38.39 -18.08
C VAL B 127 26.62 -39.10 -16.75
N GLY B 128 25.66 -38.60 -15.97
CA GLY B 128 25.44 -39.15 -14.64
C GLY B 128 25.02 -40.61 -14.62
N ASP B 129 24.34 -41.07 -15.69
CA ASP B 129 23.88 -42.46 -15.73
C ASP B 129 25.03 -43.44 -15.67
N ALA B 130 26.21 -43.05 -16.16
CA ALA B 130 27.37 -43.93 -16.20
C ALA B 130 27.95 -44.19 -14.81
N TYR B 131 27.71 -43.32 -13.85
CA TYR B 131 28.12 -43.57 -12.47
C TYR B 131 27.20 -44.57 -11.77
N PHE B 132 26.05 -44.89 -12.35
CA PHE B 132 25.09 -45.80 -11.73
C PHE B 132 25.62 -47.23 -11.67
N SER B 133 26.55 -47.60 -12.55
CA SER B 133 27.08 -48.96 -12.59
C SER B 133 28.25 -49.21 -11.64
N VAL B 134 29.45 -48.73 -12.01
CA VAL B 134 30.71 -49.07 -11.34
C VAL B 134 30.56 -49.11 -9.83
N PRO B 135 30.99 -50.18 -9.15
CA PRO B 135 30.78 -50.29 -7.70
C PRO B 135 31.74 -49.41 -6.92
N LEU B 136 31.52 -49.37 -5.60
CA LEU B 136 32.20 -48.46 -4.70
C LEU B 136 32.90 -49.21 -3.57
N ASP B 137 34.10 -48.73 -3.21
CA ASP B 137 34.83 -49.23 -2.04
C ASP B 137 33.91 -49.38 -0.84
N GLU B 138 34.13 -50.42 -0.03
CA GLU B 138 33.20 -50.66 1.07
C GLU B 138 33.49 -49.78 2.28
N ASP B 139 34.74 -49.36 2.46
CA ASP B 139 35.03 -48.45 3.55
C ASP B 139 34.29 -47.14 3.39
N PHE B 140 34.16 -46.66 2.16
CA PHE B 140 33.78 -45.29 1.92
C PHE B 140 32.28 -45.08 1.79
N ARG B 141 31.47 -46.14 1.68
CA ARG B 141 30.04 -45.94 1.52
C ARG B 141 29.35 -45.45 2.78
N LYS B 142 30.07 -45.39 3.91
CA LYS B 142 29.47 -44.87 5.13
C LYS B 142 29.44 -43.35 5.18
N TYR B 143 30.25 -42.67 4.36
CA TYR B 143 30.33 -41.20 4.38
C TYR B 143 29.42 -40.53 3.35
N THR B 144 28.66 -41.30 2.56
CA THR B 144 27.84 -40.73 1.49
C THR B 144 26.34 -40.97 1.71
N ALA B 145 25.95 -41.11 2.98
CA ALA B 145 24.57 -41.41 3.33
C ALA B 145 23.72 -40.14 3.35
N PHE B 146 22.49 -40.23 2.81
CA PHE B 146 21.59 -39.08 2.85
C PHE B 146 20.25 -39.48 3.45
N THR B 147 19.63 -38.52 4.14
CA THR B 147 18.31 -38.73 4.71
C THR B 147 17.25 -38.16 3.77
N ILE B 148 16.10 -38.79 3.74
CA ILE B 148 14.95 -38.25 3.02
C ILE B 148 13.94 -37.78 4.06
N PRO B 149 13.61 -36.51 4.10
CA PRO B 149 12.76 -36.01 5.17
C PRO B 149 11.30 -36.34 4.87
N SER B 150 10.48 -36.22 5.91
CA SER B 150 9.03 -36.35 5.77
C SER B 150 8.37 -35.18 6.48
N ILE B 151 7.13 -34.91 6.11
CA ILE B 151 6.51 -33.63 6.42
C ILE B 151 6.04 -33.61 7.88
N ASN B 152 6.35 -32.52 8.57
CA ASN B 152 6.00 -32.30 9.98
C ASN B 152 6.62 -33.33 10.92
N ASN B 153 7.82 -33.80 10.61
CA ASN B 153 8.54 -34.78 11.45
C ASN B 153 7.63 -35.94 11.83
N GLU B 154 7.06 -36.57 10.82
CA GLU B 154 6.19 -37.71 11.06
C GLU B 154 7.01 -39.00 11.04
N THR B 155 7.35 -39.49 9.87
CA THR B 155 8.27 -40.61 9.79
C THR B 155 9.66 -40.08 10.10
N PRO B 156 10.43 -40.74 10.96
CA PRO B 156 11.85 -40.39 11.04
C PRO B 156 12.47 -40.46 9.65
N GLY B 157 13.58 -39.76 9.43
CA GLY B 157 14.05 -39.58 8.07
C GLY B 157 14.54 -40.89 7.49
N ILE B 158 14.16 -41.19 6.25
CA ILE B 158 14.39 -42.50 5.66
C ILE B 158 15.80 -42.56 5.10
N ARG B 159 16.77 -42.87 5.95
CA ARG B 159 18.18 -42.68 5.62
C ARG B 159 18.70 -43.82 4.75
N TYR B 160 19.36 -43.48 3.64
CA TYR B 160 19.94 -44.40 2.66
C TYR B 160 21.47 -44.33 2.72
N GLN B 161 22.13 -45.01 1.77
CA GLN B 161 23.53 -44.73 1.46
C GLN B 161 23.88 -45.33 0.11
N TYR B 162 25.03 -44.93 -0.42
CA TYR B 162 25.38 -45.12 -1.82
C TYR B 162 26.29 -46.34 -2.01
N ASN B 163 25.77 -47.34 -2.76
CA ASN B 163 26.48 -48.58 -3.08
C ASN B 163 27.29 -48.51 -4.37
N VAL B 164 27.11 -47.48 -5.18
CA VAL B 164 27.87 -47.31 -6.42
C VAL B 164 28.63 -46.00 -6.35
N LEU B 165 29.19 -45.54 -7.47
CA LEU B 165 29.82 -44.22 -7.53
C LEU B 165 28.71 -43.18 -7.59
N PRO B 166 28.50 -42.38 -6.55
CA PRO B 166 27.29 -41.54 -6.49
C PRO B 166 27.31 -40.41 -7.52
N GLN B 167 26.14 -39.82 -7.72
CA GLN B 167 25.98 -38.65 -8.60
C GLN B 167 26.33 -37.36 -7.86
N GLY B 168 27.24 -36.58 -8.46
CA GLY B 168 27.59 -35.30 -7.91
C GLY B 168 28.83 -35.30 -7.03
N TRP B 169 29.34 -36.47 -6.65
CA TRP B 169 30.58 -36.51 -5.92
C TRP B 169 31.72 -36.12 -6.85
N LYS B 170 32.81 -35.63 -6.26
CA LYS B 170 34.00 -35.23 -6.99
C LYS B 170 35.08 -36.31 -6.98
N GLY B 171 34.78 -37.49 -6.45
CA GLY B 171 35.64 -38.65 -6.62
C GLY B 171 35.19 -39.61 -7.70
N SER B 172 33.92 -39.51 -8.13
CA SER B 172 33.37 -40.37 -9.19
C SER B 172 33.95 -40.12 -10.58
N PRO B 173 34.21 -38.88 -11.01
CA PRO B 173 34.92 -38.69 -12.29
C PRO B 173 36.42 -38.88 -12.20
N ALA B 174 36.98 -39.16 -11.03
CA ALA B 174 38.40 -39.48 -10.93
C ALA B 174 38.66 -40.98 -11.05
N ILE B 175 37.80 -41.78 -10.43
CA ILE B 175 37.88 -43.25 -10.52
C ILE B 175 37.55 -43.74 -11.92
N PHE B 176 36.47 -43.20 -12.52
CA PHE B 176 35.88 -43.69 -13.77
C PHE B 176 36.59 -43.19 -15.03
N GLN B 177 37.55 -42.28 -14.91
CA GLN B 177 38.16 -41.66 -16.07
C GLN B 177 38.89 -42.67 -16.97
N SER B 178 39.32 -43.82 -16.42
CA SER B 178 39.93 -44.86 -17.24
C SER B 178 38.88 -45.52 -18.15
N SER B 179 37.84 -46.11 -17.54
CA SER B 179 36.77 -46.75 -18.31
C SER B 179 36.14 -45.77 -19.28
N MET B 180 36.31 -44.47 -19.05
CA MET B 180 35.78 -43.41 -19.89
C MET B 180 36.68 -43.18 -21.11
N THR B 181 37.99 -43.11 -20.89
CA THR B 181 38.90 -42.90 -22.02
C THR B 181 38.78 -44.01 -23.06
N LYS B 182 38.61 -45.27 -22.62
CA LYS B 182 38.42 -46.38 -23.55
C LYS B 182 37.10 -46.26 -24.31
N ILE B 183 36.05 -45.78 -23.66
CA ILE B 183 34.77 -45.68 -24.35
C ILE B 183 34.82 -44.56 -25.39
N LEU B 184 35.60 -43.51 -25.10
CA LEU B 184 35.77 -42.38 -26.00
C LEU B 184 36.88 -42.59 -27.04
N GLU B 185 37.78 -43.54 -26.82
CA GLU B 185 38.95 -43.69 -27.70
C GLU B 185 38.63 -43.88 -29.18
N PRO B 186 37.57 -44.61 -29.58
CA PRO B 186 37.24 -44.62 -31.01
C PRO B 186 36.87 -43.24 -31.56
N PHE B 187 36.13 -42.41 -30.82
CA PHE B 187 35.68 -41.13 -31.34
C PHE B 187 36.76 -40.06 -31.32
N LYS B 188 37.78 -40.18 -30.45
CA LYS B 188 38.85 -39.19 -30.43
C LYS B 188 39.76 -39.35 -31.65
N LYS B 189 40.00 -40.59 -32.08
CA LYS B 189 40.78 -40.82 -33.29
C LYS B 189 39.99 -40.47 -34.55
N GLN B 190 38.65 -40.62 -34.49
CA GLN B 190 37.80 -40.32 -35.64
C GLN B 190 37.74 -38.83 -35.93
N ASN B 191 37.70 -37.99 -34.90
CA ASN B 191 37.71 -36.54 -35.07
C ASN B 191 38.88 -35.94 -34.28
N PRO B 192 39.98 -35.58 -34.95
CA PRO B 192 41.19 -35.14 -34.22
C PRO B 192 41.16 -33.68 -33.78
N ASP B 193 40.30 -32.85 -34.36
CA ASP B 193 40.22 -31.45 -33.97
C ASP B 193 39.38 -31.24 -32.70
N ILE B 194 38.36 -32.09 -32.52
CA ILE B 194 37.37 -31.91 -31.47
C ILE B 194 38.02 -32.05 -30.09
N VAL B 195 37.61 -31.20 -29.14
CA VAL B 195 38.16 -31.16 -27.79
C VAL B 195 37.09 -31.57 -26.78
N ILE B 196 37.44 -32.51 -25.90
CA ILE B 196 36.54 -33.06 -24.90
C ILE B 196 37.12 -32.82 -23.50
N TYR B 197 36.28 -32.29 -22.58
CA TYR B 197 36.60 -32.11 -21.16
C TYR B 197 35.47 -32.62 -20.28
N GLN B 198 35.82 -33.24 -19.15
CA GLN B 198 34.88 -33.91 -18.26
C GLN B 198 34.97 -33.34 -16.84
N TYR B 199 33.85 -32.84 -16.32
CA TYR B 199 33.77 -32.21 -15.01
C TYR B 199 32.61 -32.80 -14.20
N MET B 200 32.93 -33.54 -13.13
CA MET B 200 31.91 -34.12 -12.25
C MET B 200 30.88 -34.90 -13.05
N ASP B 201 29.60 -34.55 -12.92
CA ASP B 201 28.54 -35.26 -13.64
C ASP B 201 28.39 -34.80 -15.09
N ASP B 202 29.19 -33.83 -15.57
CA ASP B 202 28.98 -33.24 -16.89
C ASP B 202 30.14 -33.57 -17.83
N LEU B 203 29.83 -33.52 -19.13
CA LEU B 203 30.79 -33.74 -20.20
C LEU B 203 30.67 -32.60 -21.21
N TYR B 204 31.78 -31.94 -21.52
CA TYR B 204 31.82 -30.82 -22.47
C TYR B 204 32.56 -31.23 -23.74
N VAL B 205 31.86 -31.27 -24.87
CA VAL B 205 32.45 -31.66 -26.16
C VAL B 205 32.61 -30.39 -26.98
N GLY B 206 33.79 -30.18 -27.53
CA GLY B 206 34.06 -28.95 -28.26
C GLY B 206 34.71 -29.07 -29.62
N SER B 207 34.06 -28.52 -30.65
CA SER B 207 34.57 -28.54 -32.01
C SER B 207 34.48 -27.14 -32.61
N ASP B 208 35.24 -26.94 -33.68
CA ASP B 208 35.18 -25.74 -34.48
C ASP B 208 34.16 -25.82 -35.61
N LEU B 209 33.39 -26.91 -35.68
CA LEU B 209 32.41 -27.13 -36.72
C LEU B 209 31.25 -26.15 -36.57
N GLU B 210 30.45 -26.02 -37.62
CA GLU B 210 29.33 -25.09 -37.61
C GLU B 210 28.05 -25.73 -37.08
N ILE B 211 27.17 -24.89 -36.52
CA ILE B 211 26.12 -25.34 -35.60
C ILE B 211 25.32 -26.50 -36.17
N GLY B 212 25.15 -26.55 -37.49
CA GLY B 212 24.46 -27.68 -38.09
C GLY B 212 25.34 -28.93 -38.09
N GLN B 213 26.51 -28.85 -38.72
CA GLN B 213 27.47 -29.96 -38.66
C GLN B 213 27.84 -30.28 -37.22
N HIS B 214 27.78 -29.29 -36.34
CA HIS B 214 28.07 -29.50 -34.93
C HIS B 214 26.99 -30.34 -34.25
N ARG B 215 25.72 -29.95 -34.40
CA ARG B 215 24.63 -30.70 -33.79
C ARG B 215 24.62 -32.16 -34.23
N THR B 216 25.16 -32.46 -35.41
CA THR B 216 25.27 -33.84 -35.86
C THR B 216 26.32 -34.60 -35.05
N LYS B 217 27.51 -34.00 -34.90
CA LYS B 217 28.62 -34.67 -34.22
C LYS B 217 28.28 -35.08 -32.79
N ILE B 218 27.42 -34.31 -32.10
CA ILE B 218 27.02 -34.68 -30.75
C ILE B 218 26.13 -35.91 -30.80
N GLU B 219 25.15 -35.90 -31.70
CA GLU B 219 24.35 -37.09 -31.90
C GLU B 219 25.23 -38.29 -32.26
N GLU B 220 26.37 -38.04 -32.92
CA GLU B 220 27.37 -39.08 -33.15
C GLU B 220 27.94 -39.60 -31.84
N LEU B 221 28.50 -38.69 -31.03
CA LEU B 221 29.03 -39.09 -29.74
C LEU B 221 27.93 -39.56 -28.80
N ARG B 222 26.68 -39.17 -29.05
CA ARG B 222 25.57 -39.59 -28.20
C ARG B 222 25.32 -41.09 -28.31
N GLN B 223 25.32 -41.63 -29.53
CA GLN B 223 25.12 -43.06 -29.74
C GLN B 223 26.42 -43.84 -29.52
N HIS B 224 27.57 -43.26 -29.91
CA HIS B 224 28.86 -43.91 -29.69
C HIS B 224 29.13 -44.15 -28.22
N LEU B 225 28.60 -43.30 -27.34
CA LEU B 225 28.61 -43.56 -25.91
C LEU B 225 27.40 -44.36 -25.45
N LEU B 226 26.27 -44.25 -26.16
CA LEU B 226 25.08 -45.03 -25.83
C LEU B 226 25.31 -46.51 -26.01
N ARG B 227 26.26 -46.91 -26.86
CA ARG B 227 26.50 -48.33 -27.09
C ARG B 227 27.42 -48.96 -26.06
N TRP B 228 28.13 -48.15 -25.27
CA TRP B 228 28.90 -48.67 -24.15
C TRP B 228 28.12 -48.62 -22.85
N GLY B 229 26.83 -48.27 -22.91
CA GLY B 229 25.95 -48.22 -21.76
C GLY B 229 25.63 -46.85 -21.16
N LEU B 230 26.15 -45.76 -21.70
CA LEU B 230 25.80 -44.43 -21.17
C LEU B 230 24.50 -43.95 -21.79
N THR B 231 23.51 -43.65 -20.95
CA THR B 231 22.21 -43.16 -21.40
C THR B 231 22.15 -41.66 -21.14
N THR B 232 22.10 -40.86 -22.21
CA THR B 232 22.03 -39.41 -22.06
C THR B 232 20.61 -38.96 -21.75
N PRO B 233 20.33 -38.41 -20.55
CA PRO B 233 19.00 -37.86 -20.31
C PRO B 233 18.70 -36.63 -21.17
N GLY B 247 19.90 -28.87 -27.66
CA GLY B 247 20.87 -29.21 -26.64
C GLY B 247 21.56 -28.00 -26.01
N TYR B 248 22.23 -28.24 -24.89
CA TYR B 248 22.93 -27.18 -24.15
C TYR B 248 24.18 -26.78 -24.90
N GLU B 249 24.15 -25.63 -25.56
CA GLU B 249 25.22 -25.23 -26.45
C GLU B 249 25.86 -23.94 -25.96
N LEU B 250 27.18 -23.98 -25.78
CA LEU B 250 27.96 -22.84 -25.34
C LEU B 250 28.63 -22.24 -26.56
N HIS B 251 29.08 -20.99 -26.42
CA HIS B 251 29.77 -20.28 -27.50
C HIS B 251 30.91 -19.47 -26.91
N PRO B 252 31.96 -20.15 -26.44
CA PRO B 252 33.01 -19.46 -25.67
C PRO B 252 33.77 -18.36 -26.43
N ASP B 253 33.68 -18.29 -27.75
CA ASP B 253 34.36 -17.21 -28.48
C ASP B 253 33.57 -15.91 -28.43
N LYS B 254 32.25 -16.00 -28.53
CA LYS B 254 31.39 -14.83 -28.55
C LYS B 254 31.39 -14.07 -27.23
N TRP B 255 32.04 -14.62 -26.19
CA TRP B 255 32.00 -14.03 -24.85
C TRP B 255 32.60 -12.63 -24.80
N THR B 256 31.86 -11.71 -24.18
CA THR B 256 32.24 -10.32 -24.00
C THR B 256 32.83 -10.10 -22.60
N VAL B 257 33.51 -8.95 -22.45
CA VAL B 257 34.03 -8.49 -21.17
C VAL B 257 33.30 -7.19 -20.79
N GLN B 258 33.43 -6.78 -19.52
CA GLN B 258 32.70 -5.62 -19.00
C GLN B 258 33.63 -4.43 -18.79
N PRO B 259 33.39 -3.33 -19.51
CA PRO B 259 34.30 -2.20 -19.47
C PRO B 259 34.03 -1.30 -18.27
N ILE B 260 35.12 -0.87 -17.65
CA ILE B 260 35.09 0.11 -16.59
C ILE B 260 34.83 1.44 -17.27
N VAL B 261 33.56 1.86 -17.32
CA VAL B 261 33.14 3.00 -18.12
C VAL B 261 33.14 4.26 -17.27
N LEU B 262 33.78 5.41 -17.82
CA LEU B 262 33.64 6.76 -17.28
C LEU B 262 32.57 7.50 -18.06
N PRO B 263 31.86 8.45 -17.47
CA PRO B 263 30.81 9.13 -18.24
C PRO B 263 31.44 10.05 -19.28
N GLU B 264 30.70 10.25 -20.36
CA GLU B 264 31.07 11.22 -21.38
C GLU B 264 29.98 12.28 -21.38
N LYS B 265 30.37 13.52 -21.08
CA LYS B 265 29.41 14.59 -20.89
C LYS B 265 29.89 15.88 -21.54
N ASP B 266 28.92 16.67 -22.00
CA ASP B 266 29.20 18.02 -22.45
C ASP B 266 29.53 18.94 -21.28
N SER B 267 28.64 18.99 -20.29
CA SER B 267 28.82 19.85 -19.12
C SER B 267 28.96 18.99 -17.87
N TRP B 268 29.91 19.38 -17.02
CA TRP B 268 30.16 18.70 -15.76
C TRP B 268 29.81 19.65 -14.63
N THR B 269 29.05 19.14 -13.66
CA THR B 269 28.71 19.86 -12.44
C THR B 269 29.65 19.45 -11.30
N VAL B 270 29.75 20.33 -10.28
CA VAL B 270 30.63 20.04 -9.15
C VAL B 270 30.35 18.63 -8.63
N ASN B 271 29.08 18.23 -8.62
CA ASN B 271 28.67 16.89 -8.20
C ASN B 271 29.16 15.83 -9.15
N ASP B 272 29.16 16.09 -10.45
CA ASP B 272 29.61 15.09 -11.41
C ASP B 272 31.09 14.76 -11.23
N ILE B 273 31.92 15.76 -10.89
CA ILE B 273 33.36 15.51 -10.80
C ILE B 273 33.76 14.83 -9.49
N GLN B 274 32.98 15.01 -8.42
CA GLN B 274 33.26 14.26 -7.20
C GLN B 274 32.92 12.78 -7.38
N LYS B 275 31.79 12.48 -8.02
CA LYS B 275 31.48 11.10 -8.39
C LYS B 275 32.58 10.52 -9.28
N LEU B 276 33.04 11.29 -10.27
CA LEU B 276 34.10 10.81 -11.16
C LEU B 276 35.40 10.59 -10.40
N VAL B 277 35.87 11.60 -9.65
CA VAL B 277 37.14 11.43 -8.93
C VAL B 277 37.03 10.27 -7.95
N GLY B 278 35.83 9.96 -7.48
CA GLY B 278 35.64 8.80 -6.62
C GLY B 278 35.84 7.48 -7.35
N LYS B 279 35.35 7.39 -8.59
CA LYS B 279 35.53 6.17 -9.38
C LYS B 279 36.98 5.98 -9.76
N LEU B 280 37.64 7.03 -10.27
CA LEU B 280 39.04 6.89 -10.61
C LEU B 280 39.88 6.49 -9.40
N ASN B 281 39.62 7.11 -8.24
CA ASN B 281 40.38 6.77 -7.03
C ASN B 281 40.01 5.40 -6.49
N TRP B 282 38.76 4.99 -6.59
CA TRP B 282 38.45 3.59 -6.33
C TRP B 282 39.08 2.70 -7.39
N ALA B 283 39.28 3.21 -8.62
CA ALA B 283 39.87 2.43 -9.70
C ALA B 283 41.39 2.30 -9.60
N SER B 284 42.07 3.29 -9.03
CA SER B 284 43.52 3.27 -8.96
C SER B 284 44.10 2.06 -8.26
N GLN B 285 43.27 1.20 -7.67
CA GLN B 285 43.76 0.00 -7.02
C GLN B 285 44.00 -1.16 -7.98
N ILE B 286 43.37 -1.16 -9.15
CA ILE B 286 43.61 -2.18 -10.19
C ILE B 286 44.58 -1.66 -11.23
N TYR B 287 44.20 -0.60 -11.94
CA TYR B 287 45.04 0.02 -12.97
C TYR B 287 45.91 1.11 -12.37
N PRO B 288 47.19 0.83 -12.05
CA PRO B 288 48.00 1.81 -11.29
C PRO B 288 48.29 3.11 -12.02
N GLY B 289 47.87 3.26 -13.28
CA GLY B 289 48.23 4.41 -14.08
C GLY B 289 47.31 5.60 -14.00
N ILE B 290 46.16 5.45 -13.35
CA ILE B 290 45.19 6.54 -13.29
C ILE B 290 45.76 7.70 -12.48
N LYS B 291 45.21 8.89 -12.71
CA LYS B 291 45.60 10.08 -11.96
C LYS B 291 44.37 10.94 -11.67
N VAL B 292 44.34 11.53 -10.47
CA VAL B 292 43.27 12.43 -10.05
C VAL B 292 43.77 13.80 -9.64
N ARG B 293 45.07 14.07 -9.72
CA ARG B 293 45.61 15.30 -9.16
C ARG B 293 45.03 16.54 -9.84
N GLN B 294 45.03 16.58 -11.18
CA GLN B 294 44.60 17.79 -11.89
C GLN B 294 43.09 17.96 -11.98
N LEU B 295 42.31 16.89 -11.87
CA LEU B 295 40.87 17.05 -11.78
C LEU B 295 40.41 17.44 -10.39
N SER B 296 41.26 17.24 -9.37
CA SER B 296 40.94 17.70 -8.02
C SER B 296 41.15 19.20 -7.87
N LYS B 297 42.19 19.76 -8.50
CA LYS B 297 42.32 21.21 -8.55
C LYS B 297 41.02 21.85 -9.03
N LEU B 298 40.33 21.20 -9.97
CA LEU B 298 39.04 21.66 -10.46
C LEU B 298 38.02 21.84 -9.36
N LEU B 299 38.24 21.22 -8.20
CA LEU B 299 37.28 21.27 -7.10
C LEU B 299 37.88 22.00 -5.91
N ARG B 300 38.52 23.15 -6.14
CA ARG B 300 39.38 23.71 -5.12
C ARG B 300 38.63 24.49 -4.04
N GLY B 301 37.43 25.01 -4.35
CA GLY B 301 36.64 25.70 -3.34
C GLY B 301 35.69 24.77 -2.59
N THR B 302 35.03 25.33 -1.57
CA THR B 302 34.00 24.64 -0.80
C THR B 302 32.62 24.97 -1.38
N LYS B 303 32.40 24.55 -2.61
CA LYS B 303 31.37 25.07 -3.50
C LYS B 303 30.03 24.32 -3.39
N ALA B 304 28.99 24.92 -4.00
CA ALA B 304 27.70 24.27 -4.16
C ALA B 304 27.87 23.02 -5.00
N LEU B 305 26.92 22.10 -4.90
CA LEU B 305 27.15 20.86 -5.63
C LEU B 305 26.71 20.94 -7.08
N THR B 306 25.67 21.71 -7.40
CA THR B 306 25.14 21.73 -8.77
C THR B 306 25.82 22.77 -9.68
N GLU B 307 26.82 23.48 -9.18
CA GLU B 307 27.52 24.52 -9.96
C GLU B 307 28.35 23.86 -11.06
N VAL B 308 28.16 24.31 -12.32
CA VAL B 308 28.91 23.80 -13.47
C VAL B 308 30.31 24.42 -13.50
N ILE B 309 31.32 23.62 -13.84
CA ILE B 309 32.68 24.16 -13.89
C ILE B 309 33.39 23.82 -15.19
N PRO B 310 34.24 24.72 -15.68
CA PRO B 310 34.99 24.44 -16.91
C PRO B 310 36.17 23.53 -16.61
N LEU B 311 36.33 22.50 -17.44
CA LEU B 311 37.49 21.62 -17.33
C LEU B 311 38.73 22.33 -17.87
N THR B 312 39.79 22.37 -17.06
CA THR B 312 41.03 22.90 -17.59
C THR B 312 41.60 21.94 -18.63
N GLU B 313 42.64 22.38 -19.32
CA GLU B 313 43.26 21.50 -20.30
C GLU B 313 44.08 20.43 -19.62
N GLU B 314 44.68 20.74 -18.48
CA GLU B 314 45.37 19.70 -17.71
C GLU B 314 44.40 18.65 -17.21
N ALA B 315 43.14 19.03 -17.01
CA ALA B 315 42.11 18.07 -16.58
C ALA B 315 41.41 17.39 -17.75
N GLU B 316 41.21 18.07 -18.87
CA GLU B 316 40.79 17.35 -20.08
C GLU B 316 41.82 16.29 -20.45
N LEU B 317 43.11 16.60 -20.23
CA LEU B 317 44.18 15.64 -20.49
C LEU B 317 44.15 14.49 -19.48
N GLU B 318 43.99 14.82 -18.20
CA GLU B 318 43.87 13.77 -17.19
C GLU B 318 42.66 12.89 -17.49
N LEU B 319 41.54 13.50 -17.91
CA LEU B 319 40.33 12.73 -18.20
C LEU B 319 40.54 11.78 -19.37
N ALA B 320 41.22 12.25 -20.42
CA ALA B 320 41.44 11.42 -21.61
C ALA B 320 42.42 10.27 -21.32
N GLU B 321 43.65 10.60 -20.91
CA GLU B 321 44.65 9.57 -20.63
C GLU B 321 44.13 8.52 -19.64
N ASN B 322 43.13 8.85 -18.84
CA ASN B 322 42.46 7.86 -18.00
C ASN B 322 41.52 7.00 -18.83
N ARG B 323 40.69 7.63 -19.67
CA ARG B 323 39.81 6.87 -20.56
C ARG B 323 40.58 5.86 -21.43
N GLU B 324 41.90 6.04 -21.58
CA GLU B 324 42.73 5.10 -22.34
C GLU B 324 43.13 3.88 -21.51
N ILE B 325 43.80 4.11 -20.38
CA ILE B 325 44.37 3.03 -19.56
C ILE B 325 43.30 1.99 -19.23
N LEU B 326 42.04 2.40 -19.28
CA LEU B 326 40.92 1.48 -19.11
C LEU B 326 40.61 0.67 -20.35
N LYS B 327 41.18 1.02 -21.51
CA LYS B 327 40.97 0.21 -22.71
C LYS B 327 41.76 -1.09 -22.66
N GLU B 328 42.83 -1.14 -21.85
CA GLU B 328 43.78 -2.23 -21.70
C GLU B 328 43.36 -3.17 -20.59
N PRO B 329 43.74 -4.45 -20.66
CA PRO B 329 43.53 -5.36 -19.53
C PRO B 329 44.47 -5.03 -18.37
N VAL B 330 44.11 -5.55 -17.20
CA VAL B 330 44.96 -5.38 -16.03
C VAL B 330 46.32 -6.02 -16.33
N HIS B 331 47.35 -5.54 -15.65
CA HIS B 331 48.72 -6.00 -15.92
C HIS B 331 49.14 -7.09 -14.95
N GLY B 332 49.77 -8.13 -15.50
CA GLY B 332 50.36 -9.20 -14.71
C GLY B 332 49.35 -10.02 -13.93
N VAL B 333 48.11 -10.09 -14.43
CA VAL B 333 47.05 -10.85 -13.79
C VAL B 333 46.93 -12.18 -14.54
N TYR B 334 47.37 -13.26 -13.92
CA TYR B 334 47.37 -14.55 -14.58
C TYR B 334 46.92 -15.61 -13.59
N TYR B 335 46.23 -16.62 -14.11
CA TYR B 335 45.62 -17.62 -13.24
C TYR B 335 46.68 -18.45 -12.52
N ASP B 336 46.42 -18.72 -11.25
CA ASP B 336 47.34 -19.45 -10.37
C ASP B 336 46.60 -20.68 -9.88
N PRO B 337 46.84 -21.87 -10.48
CA PRO B 337 46.05 -23.07 -10.14
C PRO B 337 45.97 -23.45 -8.67
N SER B 338 46.89 -22.97 -7.83
CA SER B 338 46.83 -23.29 -6.40
C SER B 338 45.75 -22.50 -5.68
N LYS B 339 45.46 -21.27 -6.13
CA LYS B 339 44.49 -20.39 -5.50
C LYS B 339 43.06 -20.75 -5.87
N ASP B 340 42.12 -20.43 -4.98
CA ASP B 340 40.70 -20.64 -5.26
C ASP B 340 40.14 -19.52 -6.12
N LEU B 341 39.09 -19.83 -6.87
CA LEU B 341 38.42 -18.82 -7.67
C LEU B 341 37.38 -18.10 -6.81
N ILE B 342 37.28 -16.80 -6.99
CA ILE B 342 36.32 -15.99 -6.26
C ILE B 342 35.50 -15.22 -7.27
N ALA B 343 34.18 -15.21 -7.08
CA ALA B 343 33.27 -14.49 -7.96
C ALA B 343 32.29 -13.68 -7.12
N GLU B 344 32.23 -12.37 -7.37
CA GLU B 344 31.36 -11.42 -6.69
C GLU B 344 30.32 -10.91 -7.69
N ILE B 345 29.08 -10.73 -7.24
CA ILE B 345 27.99 -10.29 -8.12
C ILE B 345 27.37 -9.02 -7.54
N GLN B 346 27.10 -8.04 -8.42
CA GLN B 346 26.48 -6.77 -8.05
C GLN B 346 25.18 -6.57 -8.80
N LYS B 347 24.10 -6.21 -8.08
CA LYS B 347 22.77 -6.11 -8.66
C LYS B 347 22.49 -4.71 -9.18
N GLN B 348 22.68 -4.50 -10.49
CA GLN B 348 22.69 -3.17 -11.09
C GLN B 348 21.30 -2.65 -11.47
N GLY B 349 20.23 -3.26 -10.96
CA GLY B 349 18.89 -2.77 -11.24
C GLY B 349 18.38 -3.03 -12.64
N GLN B 350 17.05 -3.02 -12.80
CA GLN B 350 16.41 -3.18 -14.11
C GLN B 350 16.79 -4.52 -14.75
N GLY B 351 16.82 -5.58 -13.94
CA GLY B 351 17.11 -6.89 -14.49
C GLY B 351 18.48 -7.00 -15.10
N GLN B 352 19.46 -6.27 -14.59
CA GLN B 352 20.85 -6.37 -15.05
C GLN B 352 21.78 -6.64 -13.87
N TRP B 353 22.70 -7.58 -14.03
CA TRP B 353 23.66 -7.95 -13.00
C TRP B 353 25.07 -7.82 -13.55
N THR B 354 26.00 -7.34 -12.72
CA THR B 354 27.42 -7.35 -13.02
C THR B 354 28.15 -8.35 -12.12
N TYR B 355 29.29 -8.86 -12.60
CA TYR B 355 30.09 -9.78 -11.80
C TYR B 355 31.57 -9.66 -12.15
N GLN B 356 32.41 -10.14 -11.24
CA GLN B 356 33.86 -10.23 -11.43
C GLN B 356 34.36 -11.55 -10.84
N ILE B 357 35.22 -12.25 -11.58
CA ILE B 357 35.88 -13.49 -11.14
C ILE B 357 37.33 -13.17 -10.85
N TYR B 358 37.79 -13.46 -9.64
CA TYR B 358 39.16 -13.13 -9.32
C TYR B 358 39.72 -14.12 -8.33
N GLN B 359 41.02 -13.99 -8.07
CA GLN B 359 41.70 -14.78 -7.06
C GLN B 359 42.38 -13.91 -6.02
N GLU B 360 42.98 -12.79 -6.43
CA GLU B 360 43.47 -11.81 -5.49
C GLU B 360 42.76 -10.48 -5.68
N PRO B 361 42.49 -9.74 -4.60
CA PRO B 361 41.74 -8.48 -4.72
C PRO B 361 42.33 -7.54 -5.75
N PHE B 362 41.46 -6.95 -6.56
CA PHE B 362 41.76 -5.94 -7.57
C PHE B 362 42.57 -6.50 -8.73
N LYS B 363 42.72 -7.82 -8.81
CA LYS B 363 43.38 -8.48 -9.93
C LYS B 363 42.29 -9.31 -10.57
N ASN B 364 41.54 -8.69 -11.47
CA ASN B 364 40.36 -9.32 -12.00
C ASN B 364 40.79 -10.24 -13.13
N LEU B 365 40.40 -11.49 -13.03
CA LEU B 365 40.64 -12.45 -14.11
C LEU B 365 39.57 -12.41 -15.18
N LYS B 366 38.38 -11.89 -14.87
CA LYS B 366 37.30 -11.76 -15.84
C LYS B 366 36.26 -10.79 -15.30
N THR B 367 35.52 -10.15 -16.21
CA THR B 367 34.35 -9.37 -15.84
C THR B 367 33.20 -9.73 -16.77
N GLY B 368 31.99 -9.38 -16.36
CA GLY B 368 30.80 -9.75 -17.12
C GLY B 368 29.58 -8.94 -16.70
N LYS B 369 28.48 -9.19 -17.41
CA LYS B 369 27.20 -8.55 -17.16
C LYS B 369 26.12 -9.50 -17.65
N TYR B 370 24.95 -9.43 -17.04
CA TYR B 370 23.79 -10.23 -17.40
C TYR B 370 22.55 -9.34 -17.47
N ALA B 371 21.68 -9.59 -18.44
CA ALA B 371 20.55 -8.69 -18.68
C ALA B 371 19.29 -9.46 -19.01
N ARG B 372 18.19 -9.03 -18.39
CA ARG B 372 16.82 -9.42 -18.74
C ARG B 372 16.70 -10.91 -18.98
N MET B 373 17.40 -11.70 -18.17
CA MET B 373 17.37 -13.14 -18.34
C MET B 373 15.98 -13.66 -17.96
N ARG B 374 15.85 -14.96 -17.78
CA ARG B 374 14.56 -15.50 -17.36
C ARG B 374 14.26 -15.08 -15.93
N GLY B 375 12.98 -14.92 -15.64
CA GLY B 375 12.57 -14.21 -14.45
C GLY B 375 12.87 -12.72 -14.50
N ALA B 376 13.02 -12.16 -15.70
CA ALA B 376 13.35 -10.75 -15.86
C ALA B 376 12.22 -9.87 -15.36
N HIS B 377 12.57 -8.88 -14.54
CA HIS B 377 11.67 -7.86 -14.02
C HIS B 377 10.46 -8.45 -13.31
N THR B 378 10.48 -9.74 -13.00
CA THR B 378 9.45 -10.42 -12.24
C THR B 378 9.96 -11.09 -10.98
N ASN B 379 11.22 -11.54 -10.97
CA ASN B 379 11.79 -12.23 -9.81
C ASN B 379 13.31 -12.08 -9.85
N ASP B 380 13.88 -11.75 -8.69
CA ASP B 380 15.31 -11.54 -8.46
C ASP B 380 16.06 -12.85 -8.18
N VAL B 381 15.51 -13.70 -7.31
CA VAL B 381 16.18 -14.95 -6.94
C VAL B 381 16.27 -15.88 -8.15
N LYS B 382 15.15 -16.06 -8.85
CA LYS B 382 15.17 -16.69 -10.16
C LYS B 382 16.30 -16.13 -11.02
N GLN B 383 16.47 -14.81 -10.99
CA GLN B 383 17.52 -14.18 -11.77
C GLN B 383 18.91 -14.54 -11.25
N LEU B 384 19.09 -14.54 -9.92
CA LEU B 384 20.43 -14.80 -9.40
C LEU B 384 20.84 -16.23 -9.66
N THR B 385 19.93 -17.18 -9.43
CA THR B 385 20.25 -18.59 -9.68
C THR B 385 20.62 -18.80 -11.15
N GLU B 386 19.96 -18.07 -12.04
CA GLU B 386 20.40 -18.00 -13.43
C GLU B 386 21.77 -17.37 -13.52
N ALA B 387 22.00 -16.31 -12.75
CA ALA B 387 23.31 -15.65 -12.77
C ALA B 387 24.39 -16.56 -12.23
N VAL B 388 24.16 -17.17 -11.06
CA VAL B 388 25.18 -18.04 -10.48
C VAL B 388 25.49 -19.21 -11.41
N GLN B 389 24.45 -19.82 -12.01
CA GLN B 389 24.69 -20.99 -12.86
C GLN B 389 25.49 -20.61 -14.10
N LYS B 390 25.13 -19.50 -14.76
CA LYS B 390 25.83 -19.11 -15.98
C LYS B 390 27.27 -18.71 -15.69
N ILE B 391 27.57 -18.26 -14.48
CA ILE B 391 28.95 -17.97 -14.10
C ILE B 391 29.74 -19.24 -13.84
N THR B 392 29.12 -20.25 -13.21
CA THR B 392 29.84 -21.49 -12.94
C THR B 392 30.32 -22.16 -14.22
N THR B 393 29.52 -22.09 -15.29
CA THR B 393 29.96 -22.70 -16.54
C THR B 393 31.15 -21.95 -17.12
N GLU B 394 31.12 -20.62 -17.09
CA GLU B 394 32.22 -19.85 -17.69
C GLU B 394 33.55 -20.20 -17.04
N SER B 395 33.55 -20.51 -15.74
CA SER B 395 34.81 -20.81 -15.06
C SER B 395 35.24 -22.24 -15.29
N ILE B 396 34.31 -23.21 -15.21
CA ILE B 396 34.66 -24.60 -15.49
C ILE B 396 35.26 -24.73 -16.87
N VAL B 397 34.79 -23.93 -17.82
CA VAL B 397 35.30 -24.01 -19.19
C VAL B 397 36.68 -23.36 -19.29
N ILE B 398 36.91 -22.23 -18.61
CA ILE B 398 38.19 -21.53 -18.76
C ILE B 398 39.24 -21.98 -17.73
N TRP B 399 38.83 -22.52 -16.57
CA TRP B 399 39.81 -22.91 -15.54
C TRP B 399 39.61 -24.28 -14.90
N GLY B 400 38.51 -24.99 -15.16
CA GLY B 400 38.31 -26.27 -14.52
C GLY B 400 38.11 -26.18 -13.03
N LYS B 401 37.43 -25.13 -12.55
CA LYS B 401 37.17 -24.91 -11.14
C LYS B 401 35.78 -24.31 -10.99
N THR B 402 35.15 -24.58 -9.84
CA THR B 402 33.88 -23.95 -9.52
C THR B 402 34.14 -22.72 -8.66
N PRO B 403 33.96 -21.51 -9.18
CA PRO B 403 34.33 -20.33 -8.40
C PRO B 403 33.51 -20.24 -7.11
N LYS B 404 34.14 -19.74 -6.05
CA LYS B 404 33.44 -19.52 -4.79
C LYS B 404 32.66 -18.22 -4.86
N PHE B 405 31.42 -18.24 -4.40
CA PHE B 405 30.47 -17.20 -4.69
C PHE B 405 30.24 -16.29 -3.48
N LYS B 406 30.24 -14.99 -3.73
CA LYS B 406 29.84 -13.95 -2.78
C LYS B 406 28.47 -13.44 -3.22
N LEU B 407 27.38 -13.89 -2.56
CA LEU B 407 26.00 -13.66 -2.98
C LEU B 407 25.45 -12.39 -2.36
N PRO B 408 24.91 -11.45 -3.16
CA PRO B 408 24.25 -10.25 -2.60
C PRO B 408 22.80 -10.53 -2.23
N ILE B 409 22.59 -11.27 -1.14
CA ILE B 409 21.24 -11.60 -0.70
C ILE B 409 21.33 -12.10 0.73
N GLN B 410 20.21 -12.07 1.44
CA GLN B 410 20.24 -12.57 2.80
C GLN B 410 20.11 -14.10 2.76
N LYS B 411 20.59 -14.76 3.81
CA LYS B 411 20.79 -16.21 3.77
C LYS B 411 19.48 -16.98 3.69
N GLU B 412 18.47 -16.61 4.49
CA GLU B 412 17.20 -17.34 4.47
C GLU B 412 16.44 -17.14 3.16
N THR B 413 16.68 -16.02 2.44
CA THR B 413 16.05 -15.83 1.14
C THR B 413 16.61 -16.80 0.10
N TRP B 414 17.93 -17.04 0.12
CA TRP B 414 18.53 -17.95 -0.85
C TRP B 414 18.16 -19.39 -0.57
N GLU B 415 18.28 -19.82 0.68
CA GLU B 415 17.96 -21.21 1.00
C GLU B 415 16.53 -21.55 0.57
N THR B 416 15.58 -20.71 0.95
CA THR B 416 14.17 -21.10 0.82
C THR B 416 13.76 -21.29 -0.65
N TRP B 417 14.40 -20.59 -1.59
CA TRP B 417 13.89 -20.56 -2.96
C TRP B 417 14.87 -21.00 -4.04
N TRP B 418 16.16 -21.23 -3.74
CA TRP B 418 17.16 -21.42 -4.80
C TRP B 418 16.89 -22.69 -5.63
N THR B 419 16.63 -23.81 -4.95
CA THR B 419 16.45 -25.08 -5.67
C THR B 419 15.22 -25.10 -6.57
N GLU B 420 14.28 -24.18 -6.36
CA GLU B 420 13.18 -24.07 -7.30
C GLU B 420 13.70 -23.66 -8.67
N TYR B 421 14.65 -22.73 -8.69
CA TYR B 421 15.19 -22.18 -9.92
C TYR B 421 16.54 -22.77 -10.31
N TRP B 422 17.06 -23.70 -9.51
CA TRP B 422 18.35 -24.32 -9.79
C TRP B 422 18.10 -25.51 -10.71
N GLN B 423 18.87 -25.58 -11.79
CA GLN B 423 18.74 -26.63 -12.78
C GLN B 423 20.03 -27.38 -13.04
N ALA B 424 21.15 -26.93 -12.49
CA ALA B 424 22.43 -27.54 -12.79
C ALA B 424 22.59 -28.82 -11.98
N THR B 425 23.66 -29.55 -12.27
CA THR B 425 23.93 -30.79 -11.57
C THR B 425 25.07 -30.70 -10.58
N TRP B 426 25.85 -29.61 -10.60
CA TRP B 426 26.82 -29.29 -9.56
C TRP B 426 26.29 -28.15 -8.69
N ILE B 427 27.02 -27.85 -7.61
CA ILE B 427 26.61 -26.83 -6.65
C ILE B 427 27.85 -26.10 -6.14
N PRO B 428 28.02 -24.81 -6.45
CA PRO B 428 29.24 -24.09 -6.03
C PRO B 428 29.17 -23.65 -4.59
N GLU B 429 30.34 -23.38 -4.02
CA GLU B 429 30.41 -22.99 -2.63
C GLU B 429 30.25 -21.48 -2.53
N TRP B 430 29.39 -21.01 -1.62
CA TRP B 430 28.95 -19.61 -1.60
C TRP B 430 28.92 -19.04 -0.20
N GLU B 431 29.04 -17.71 -0.11
CA GLU B 431 28.86 -16.97 1.13
C GLU B 431 28.06 -15.71 0.83
N PHE B 432 27.37 -15.17 1.83
CA PHE B 432 26.45 -14.05 1.66
C PHE B 432 27.06 -12.78 2.25
N VAL B 433 27.18 -11.73 1.43
CA VAL B 433 27.79 -10.47 1.83
C VAL B 433 26.72 -9.38 1.89
N ASN B 434 26.86 -8.50 2.86
CA ASN B 434 26.01 -7.33 3.05
C ASN B 434 26.83 -6.09 2.70
N THR B 435 26.92 -5.79 1.40
CA THR B 435 27.70 -4.65 0.91
C THR B 435 26.83 -3.65 0.17
N PRO B 436 26.80 -2.40 0.64
CA PRO B 436 26.11 -1.32 -0.08
C PRO B 436 26.97 -0.76 -1.20
N PRO B 437 26.37 -0.01 -2.14
CA PRO B 437 27.11 0.47 -3.30
C PRO B 437 27.84 1.78 -3.00
N LEU B 438 28.97 1.64 -2.31
CA LEU B 438 29.84 2.79 -2.05
C LEU B 438 30.25 3.45 -3.36
N VAL B 439 30.68 2.65 -4.33
CA VAL B 439 30.74 3.05 -5.73
C VAL B 439 29.96 2.00 -6.51
N LYS B 440 28.94 2.43 -7.27
CA LYS B 440 28.30 1.57 -8.26
C LYS B 440 29.11 1.67 -9.56
N LEU B 441 30.31 1.10 -9.48
CA LEU B 441 31.35 1.33 -10.48
C LEU B 441 31.01 0.77 -11.85
N TRP B 442 30.48 -0.45 -11.92
CA TRP B 442 30.69 -1.28 -13.11
C TRP B 442 29.95 -0.77 -14.35
N TYR B 443 28.74 -0.24 -14.21
CA TYR B 443 28.10 0.30 -15.41
C TYR B 443 27.84 1.79 -15.31
N GLN B 444 27.13 2.22 -14.25
CA GLN B 444 26.90 3.60 -13.82
C GLN B 444 25.55 3.58 -13.11
N PRO E 3 -63.75 14.90 15.54
CA PRO E 3 -62.84 14.15 16.40
C PRO E 3 -61.41 14.69 16.32
N ILE E 4 -60.60 14.49 17.37
CA ILE E 4 -59.23 15.00 17.40
C ILE E 4 -58.37 14.07 16.55
N SER E 5 -57.11 14.43 16.36
CA SER E 5 -56.27 13.88 15.31
C SER E 5 -55.79 12.48 15.67
N PRO E 6 -55.66 11.57 14.69
CA PRO E 6 -55.12 10.24 14.99
C PRO E 6 -53.59 10.16 15.03
N ILE E 7 -52.89 10.85 14.12
CA ILE E 7 -51.43 10.79 14.00
C ILE E 7 -50.86 12.15 14.40
N GLU E 8 -49.67 12.12 15.02
CA GLU E 8 -49.16 13.31 15.67
C GLU E 8 -49.03 14.47 14.68
N THR E 9 -49.54 15.64 15.07
CA THR E 9 -49.53 16.82 14.23
C THR E 9 -48.16 17.49 14.28
N VAL E 10 -47.97 18.47 13.39
CA VAL E 10 -46.68 19.15 13.23
C VAL E 10 -46.87 20.65 13.31
N PRO E 11 -46.33 21.33 14.33
CA PRO E 11 -46.66 22.74 14.54
C PRO E 11 -46.19 23.59 13.38
N VAL E 12 -47.04 24.51 12.94
CA VAL E 12 -46.74 25.39 11.81
C VAL E 12 -46.83 26.84 12.25
N LYS E 13 -46.08 27.69 11.56
CA LYS E 13 -46.04 29.13 11.81
C LYS E 13 -45.94 29.86 10.48
N LEU E 14 -46.29 31.13 10.50
CA LEU E 14 -46.12 32.00 9.32
C LEU E 14 -44.77 32.71 9.32
N LYS E 15 -44.46 33.35 8.19
CA LYS E 15 -43.29 34.22 8.13
C LYS E 15 -43.43 35.36 9.14
N PRO E 16 -42.35 35.78 9.78
CA PRO E 16 -42.47 36.77 10.86
C PRO E 16 -43.16 38.04 10.38
N GLY E 17 -44.17 38.47 11.14
CA GLY E 17 -44.84 39.72 10.86
C GLY E 17 -45.57 39.74 9.54
N MET E 18 -46.15 38.62 9.13
CA MET E 18 -47.00 38.55 7.95
C MET E 18 -48.19 37.65 8.26
N ASP E 19 -49.34 37.99 7.72
CA ASP E 19 -50.60 37.37 8.11
C ASP E 19 -51.28 36.71 6.92
N GLY E 20 -52.33 35.96 7.22
CA GLY E 20 -52.98 35.10 6.26
C GLY E 20 -53.50 35.78 5.01
N PRO E 21 -53.93 34.97 4.04
CA PRO E 21 -54.35 35.50 2.74
C PRO E 21 -55.82 35.88 2.66
N LYS E 22 -56.08 37.00 2.00
CA LYS E 22 -57.43 37.46 1.69
C LYS E 22 -57.44 37.87 0.22
N VAL E 23 -58.17 37.11 -0.58
CA VAL E 23 -58.39 37.41 -2.00
C VAL E 23 -59.79 36.92 -2.33
N LYS E 24 -60.58 37.75 -3.00
CA LYS E 24 -61.95 37.32 -3.28
C LYS E 24 -61.96 36.35 -4.46
N GLN E 25 -63.00 35.53 -4.49
CA GLN E 25 -63.00 34.34 -5.32
C GLN E 25 -63.16 34.70 -6.79
N TRP E 26 -62.69 33.78 -7.66
CA TRP E 26 -62.93 33.91 -9.08
C TRP E 26 -64.43 33.77 -9.33
N PRO E 27 -64.91 34.14 -10.50
CA PRO E 27 -66.24 33.69 -10.92
C PRO E 27 -66.17 32.26 -11.43
N LEU E 28 -67.23 31.49 -11.17
CA LEU E 28 -67.21 30.06 -11.45
C LEU E 28 -68.53 29.59 -12.04
N THR E 29 -68.44 28.64 -12.96
CA THR E 29 -69.59 28.11 -13.67
C THR E 29 -70.49 27.31 -12.73
N GLU E 30 -71.78 27.26 -13.06
CA GLU E 30 -72.69 26.45 -12.28
C GLU E 30 -72.38 24.96 -12.42
N GLU E 31 -71.75 24.56 -13.53
CA GLU E 31 -71.33 23.17 -13.66
C GLU E 31 -70.25 22.83 -12.65
N LYS E 32 -69.35 23.78 -12.40
CA LYS E 32 -68.33 23.60 -11.37
C LYS E 32 -68.90 23.90 -9.99
N ILE E 33 -69.80 24.89 -9.89
CA ILE E 33 -70.31 25.31 -8.58
C ILE E 33 -71.11 24.20 -7.93
N LYS E 34 -71.92 23.46 -8.71
CA LYS E 34 -72.68 22.37 -8.14
C LYS E 34 -71.77 21.21 -7.73
N ALA E 35 -70.70 20.97 -8.49
CA ALA E 35 -69.81 19.86 -8.17
C ALA E 35 -68.98 20.13 -6.91
N LEU E 36 -68.63 21.40 -6.65
CA LEU E 36 -67.77 21.72 -5.52
C LEU E 36 -68.49 21.53 -4.19
N VAL E 37 -69.76 21.94 -4.13
CA VAL E 37 -70.55 21.76 -2.91
C VAL E 37 -70.77 20.28 -2.59
N GLU E 38 -70.89 19.42 -3.61
CA GLU E 38 -70.97 17.98 -3.38
C GLU E 38 -69.72 17.47 -2.66
N ILE E 39 -68.54 17.88 -3.13
CA ILE E 39 -67.29 17.40 -2.54
C ILE E 39 -67.13 17.92 -1.12
N CYS E 40 -67.50 19.18 -0.88
CA CYS E 40 -67.29 19.83 0.41
C CYS E 40 -68.20 19.31 1.51
N THR E 41 -69.40 18.84 1.17
CA THR E 41 -70.30 18.30 2.20
C THR E 41 -69.99 16.83 2.54
N GLU E 42 -69.44 16.04 1.61
CA GLU E 42 -69.02 14.68 1.92
C GLU E 42 -67.72 14.62 2.71
N MET E 43 -66.78 15.54 2.46
CA MET E 43 -65.59 15.62 3.30
C MET E 43 -65.91 16.21 4.66
N GLU E 44 -66.92 17.08 4.72
CA GLU E 44 -67.46 17.53 6.00
C GLU E 44 -68.11 16.37 6.74
N LYS E 45 -68.76 15.46 6.00
CA LYS E 45 -69.30 14.23 6.59
C LYS E 45 -68.18 13.30 7.06
N GLU E 46 -67.15 13.15 6.24
CA GLU E 46 -66.00 12.32 6.63
C GLU E 46 -65.07 13.02 7.60
N GLY E 47 -65.13 14.34 7.70
CA GLY E 47 -64.41 15.08 8.70
C GLY E 47 -63.20 15.84 8.23
N LYS E 48 -62.96 15.91 6.92
CA LYS E 48 -61.78 16.60 6.41
C LYS E 48 -61.91 18.12 6.43
N ILE E 49 -63.08 18.67 6.75
CA ILE E 49 -63.29 20.11 6.69
C ILE E 49 -64.34 20.48 7.74
N SER E 50 -64.46 21.78 8.02
CA SER E 50 -65.49 22.28 8.93
C SER E 50 -65.89 23.67 8.48
N LYS E 51 -67.17 23.99 8.60
CA LYS E 51 -67.58 25.35 8.28
C LYS E 51 -67.26 26.29 9.45
N ILE E 52 -67.19 27.59 9.14
CA ILE E 52 -66.71 28.59 10.09
C ILE E 52 -67.56 29.86 10.00
N GLY E 53 -67.72 30.53 11.14
CA GLY E 53 -68.45 31.76 11.20
C GLY E 53 -67.66 32.90 10.59
N PRO E 54 -68.14 34.14 10.79
CA PRO E 54 -67.45 35.31 10.25
C PRO E 54 -66.33 35.85 11.12
N GLU E 55 -65.90 35.10 12.14
CA GLU E 55 -64.76 35.46 12.98
C GLU E 55 -63.42 35.25 12.29
N ASN E 56 -63.40 34.58 11.13
CA ASN E 56 -62.23 34.16 10.35
C ASN E 56 -62.02 35.05 9.12
N PRO E 57 -61.20 36.11 9.21
CA PRO E 57 -61.09 37.06 8.07
C PRO E 57 -60.41 36.52 6.82
N TYR E 58 -59.66 35.42 6.89
CA TYR E 58 -58.86 34.97 5.77
C TYR E 58 -59.69 34.18 4.77
N ASN E 59 -59.33 34.32 3.48
CA ASN E 59 -60.06 33.65 2.41
C ASN E 59 -59.13 33.41 1.22
N THR E 60 -59.34 32.29 0.53
CA THR E 60 -58.54 31.85 -0.61
C THR E 60 -59.46 31.22 -1.65
N PRO E 61 -59.26 31.49 -2.94
CA PRO E 61 -60.24 31.08 -3.96
C PRO E 61 -60.26 29.56 -4.18
N VAL E 62 -61.25 29.12 -4.97
CA VAL E 62 -61.54 27.70 -5.19
C VAL E 62 -62.00 27.50 -6.63
N PHE E 63 -61.61 26.36 -7.23
CA PHE E 63 -62.17 25.95 -8.53
C PHE E 63 -61.95 24.44 -8.72
N ALA E 64 -62.11 23.97 -9.96
CA ALA E 64 -61.99 22.56 -10.32
C ALA E 64 -61.75 22.43 -11.82
N ILE E 65 -61.20 21.29 -12.22
CA ILE E 65 -60.87 21.00 -13.62
C ILE E 65 -61.37 19.62 -14.01
N LYS E 66 -61.75 19.48 -15.27
CA LYS E 66 -62.33 18.22 -15.75
C LYS E 66 -61.30 17.10 -15.73
N LYS E 67 -61.68 15.98 -15.14
CA LYS E 67 -60.77 14.88 -14.97
C LYS E 67 -60.66 14.04 -16.25
N LYS E 68 -59.53 13.36 -16.37
CA LYS E 68 -59.24 12.48 -17.49
C LYS E 68 -59.57 11.06 -17.06
N ASP E 69 -60.30 10.33 -17.91
CA ASP E 69 -60.68 8.94 -17.70
C ASP E 69 -61.66 8.73 -16.55
N SER E 70 -62.25 9.79 -16.00
CA SER E 70 -63.22 9.63 -14.93
C SER E 70 -64.20 10.80 -14.94
N THR E 71 -65.44 10.51 -14.55
CA THR E 71 -66.45 11.56 -14.53
C THR E 71 -66.21 12.56 -13.40
N LYS E 72 -65.89 12.07 -12.21
CA LYS E 72 -65.74 12.97 -11.07
C LYS E 72 -64.51 13.85 -11.22
N TRP E 73 -64.56 14.97 -10.51
CA TRP E 73 -63.56 16.02 -10.57
C TRP E 73 -62.81 16.05 -9.24
N ARG E 74 -61.56 16.46 -9.27
CA ARG E 74 -60.82 16.75 -8.05
C ARG E 74 -60.76 18.25 -7.89
N LYS E 75 -61.16 18.73 -6.73
CA LYS E 75 -61.17 20.15 -6.44
C LYS E 75 -59.76 20.64 -6.12
N LEU E 76 -59.53 21.94 -6.39
CA LEU E 76 -58.24 22.58 -6.23
C LEU E 76 -58.42 23.94 -5.56
N VAL E 77 -57.40 24.37 -4.81
CA VAL E 77 -57.43 25.61 -4.05
C VAL E 77 -56.26 26.47 -4.48
N ASP E 78 -56.54 27.74 -4.77
CA ASP E 78 -55.50 28.69 -5.18
C ASP E 78 -54.87 29.30 -3.94
N PHE E 79 -53.87 28.61 -3.39
CA PHE E 79 -53.17 29.01 -2.19
C PHE E 79 -52.03 30.01 -2.47
N ARG E 80 -52.02 30.70 -3.62
CA ARG E 80 -50.87 31.51 -4.02
C ARG E 80 -50.44 32.49 -2.92
N GLU E 81 -51.39 33.26 -2.38
CA GLU E 81 -51.06 34.22 -1.34
C GLU E 81 -50.87 33.57 0.03
N LEU E 82 -51.41 32.36 0.24
CA LEU E 82 -51.09 31.61 1.46
C LEU E 82 -49.66 31.10 1.42
N ASN E 83 -49.19 30.69 0.24
CA ASN E 83 -47.83 30.17 0.13
C ASN E 83 -46.79 31.28 0.29
N LYS E 84 -47.12 32.50 -0.16
CA LYS E 84 -46.25 33.65 0.08
C LYS E 84 -45.85 33.75 1.55
N ARG E 85 -46.81 33.50 2.44
CA ARG E 85 -46.70 33.83 3.86
C ARG E 85 -46.64 32.63 4.79
N THR E 86 -46.65 31.40 4.25
CA THR E 86 -46.36 30.22 5.07
C THR E 86 -44.85 30.10 5.19
N GLN E 87 -44.40 29.64 6.35
CA GLN E 87 -42.98 29.57 6.65
C GLN E 87 -42.25 28.71 5.64
N ASP E 88 -40.95 28.96 5.49
CA ASP E 88 -40.12 28.05 4.73
C ASP E 88 -40.07 26.69 5.45
N PHE E 89 -40.09 25.61 4.66
CA PHE E 89 -39.92 24.25 5.14
C PHE E 89 -38.63 23.67 4.56
N TRP E 90 -38.06 22.66 5.21
CA TRP E 90 -36.91 21.97 4.64
C TRP E 90 -37.34 20.64 4.06
N GLU E 91 -37.42 20.61 2.73
CA GLU E 91 -37.78 19.40 2.01
C GLU E 91 -36.79 18.28 2.32
N VAL E 92 -37.32 17.10 2.64
CA VAL E 92 -36.50 15.92 2.89
C VAL E 92 -36.43 14.99 1.68
N GLN E 93 -36.86 15.47 0.50
CA GLN E 93 -36.80 14.73 -0.77
C GLN E 93 -35.80 15.41 -1.72
N LEU E 94 -34.54 14.94 -1.68
CA LEU E 94 -33.44 15.54 -2.44
C LEU E 94 -33.36 15.07 -3.89
N GLY E 95 -34.28 14.25 -4.37
CA GLY E 95 -34.19 13.73 -5.72
C GLY E 95 -35.20 12.61 -5.92
N ILE E 96 -35.02 11.85 -6.99
CA ILE E 96 -35.94 10.78 -7.37
C ILE E 96 -35.20 9.45 -7.30
N PRO E 97 -35.73 8.43 -6.62
CA PRO E 97 -35.02 7.15 -6.58
C PRO E 97 -35.04 6.52 -7.95
N HIS E 98 -33.95 5.81 -8.29
CA HIS E 98 -33.72 5.33 -9.66
C HIS E 98 -33.66 3.80 -9.75
N PRO E 99 -34.27 3.19 -10.78
CA PRO E 99 -34.52 1.75 -10.73
C PRO E 99 -33.28 0.89 -10.79
N ALA E 100 -32.18 1.38 -11.36
CA ALA E 100 -30.97 0.57 -11.39
C ALA E 100 -30.31 0.47 -10.02
N GLY E 101 -30.70 1.34 -9.07
CA GLY E 101 -30.13 1.36 -7.74
C GLY E 101 -30.76 0.41 -6.76
N LEU E 102 -31.93 -0.12 -7.10
CA LEU E 102 -32.63 -1.07 -6.24
C LEU E 102 -31.86 -2.38 -6.23
N LYS E 103 -31.46 -2.85 -5.05
CA LYS E 103 -30.83 -4.15 -4.94
C LYS E 103 -31.78 -5.23 -5.43
N LYS E 104 -31.24 -6.43 -5.65
CA LYS E 104 -32.03 -7.53 -6.16
C LYS E 104 -32.68 -8.25 -4.99
N LYS E 105 -33.99 -8.38 -5.06
CA LYS E 105 -34.80 -8.91 -3.98
C LYS E 105 -35.76 -9.94 -4.55
N LYS E 106 -36.21 -10.84 -3.66
CA LYS E 106 -37.05 -11.93 -4.10
C LYS E 106 -38.49 -11.47 -4.38
N SER E 107 -39.00 -10.55 -3.57
CA SER E 107 -40.41 -10.19 -3.60
C SER E 107 -40.59 -8.69 -3.42
N VAL E 108 -41.30 -8.05 -4.37
CA VAL E 108 -41.47 -6.60 -4.40
C VAL E 108 -42.95 -6.27 -4.52
N THR E 109 -43.48 -5.51 -3.56
CA THR E 109 -44.89 -5.17 -3.50
C THR E 109 -45.07 -3.68 -3.75
N VAL E 110 -46.02 -3.35 -4.63
CA VAL E 110 -46.33 -1.96 -4.97
C VAL E 110 -47.64 -1.61 -4.28
N LEU E 111 -47.56 -0.66 -3.34
CA LEU E 111 -48.71 -0.24 -2.54
C LEU E 111 -48.83 1.27 -2.62
N ASP E 112 -50.07 1.73 -2.67
CA ASP E 112 -50.38 3.15 -2.87
C ASP E 112 -51.22 3.65 -1.70
N VAL E 113 -50.76 4.74 -1.07
CA VAL E 113 -51.51 5.36 0.02
C VAL E 113 -52.74 6.06 -0.55
N GLY E 114 -53.91 5.81 0.04
CA GLY E 114 -55.16 6.38 -0.43
C GLY E 114 -55.55 7.64 0.32
N ASP E 115 -55.80 8.71 -0.43
CA ASP E 115 -56.04 10.04 0.14
C ASP E 115 -54.89 10.46 1.04
N ALA E 116 -53.68 10.40 0.49
CA ALA E 116 -52.47 10.55 1.29
C ALA E 116 -52.45 11.88 2.05
N TYR E 117 -52.65 13.00 1.35
CA TYR E 117 -52.63 14.29 2.02
C TYR E 117 -53.86 14.52 2.87
N PHE E 118 -54.98 13.88 2.52
CA PHE E 118 -56.21 13.99 3.30
C PHE E 118 -56.27 13.06 4.52
N SER E 119 -55.16 12.39 4.85
CA SER E 119 -55.09 11.53 6.02
C SER E 119 -54.13 12.05 7.09
N VAL E 120 -53.72 13.31 7.02
CA VAL E 120 -52.84 13.87 8.03
C VAL E 120 -53.55 15.05 8.69
N PRO E 121 -53.44 15.22 9.99
CA PRO E 121 -54.14 16.33 10.65
C PRO E 121 -53.36 17.64 10.64
N LEU E 122 -53.94 18.66 10.02
CA LEU E 122 -53.32 19.98 10.02
C LEU E 122 -53.39 20.59 11.41
N ASP E 123 -52.28 21.22 11.83
CA ASP E 123 -52.15 21.62 13.23
C ASP E 123 -53.21 22.66 13.54
N GLU E 124 -53.95 22.41 14.64
CA GLU E 124 -55.16 23.17 14.92
C GLU E 124 -54.89 24.66 14.86
N ASP E 125 -53.72 25.08 15.32
CA ASP E 125 -53.37 26.49 15.30
C ASP E 125 -53.32 27.04 13.88
N PHE E 126 -52.94 26.23 12.90
CA PHE E 126 -52.86 26.71 11.53
C PHE E 126 -54.19 26.67 10.78
N ARG E 127 -55.17 25.89 11.25
CA ARG E 127 -56.41 25.66 10.50
C ARG E 127 -57.18 26.95 10.19
N LYS E 128 -56.80 28.09 10.76
CA LYS E 128 -57.53 29.33 10.53
C LYS E 128 -57.27 29.91 9.14
N TYR E 129 -56.01 29.91 8.69
CA TYR E 129 -55.65 30.56 7.43
C TYR E 129 -56.09 29.79 6.20
N THR E 130 -56.50 28.53 6.38
CA THR E 130 -56.99 27.69 5.31
C THR E 130 -58.45 27.97 4.93
N ALA E 131 -58.98 29.14 5.24
CA ALA E 131 -60.40 29.41 5.01
C ALA E 131 -60.67 29.72 3.55
N PHE E 132 -61.71 29.08 2.99
CA PHE E 132 -62.12 29.34 1.62
C PHE E 132 -63.63 29.45 1.56
N THR E 133 -64.12 29.98 0.45
CA THR E 133 -65.55 30.21 0.26
C THR E 133 -66.02 29.52 -1.02
N ILE E 134 -67.17 28.87 -0.93
CA ILE E 134 -67.82 28.26 -2.08
C ILE E 134 -69.26 28.73 -2.09
N PRO E 135 -69.78 29.22 -3.22
CA PRO E 135 -71.18 29.66 -3.25
C PRO E 135 -72.13 28.69 -3.95
N SER E 136 -73.38 28.63 -3.48
CA SER E 136 -74.41 27.87 -4.18
C SER E 136 -74.79 28.53 -5.50
N ILE E 137 -75.15 29.82 -5.45
CA ILE E 137 -75.39 30.62 -6.64
C ILE E 137 -74.34 31.72 -6.67
N ASN E 138 -74.03 32.20 -7.87
CA ASN E 138 -72.90 33.10 -8.06
C ASN E 138 -73.10 34.47 -7.39
N ASN E 139 -74.34 34.85 -7.09
CA ASN E 139 -74.57 36.16 -6.50
C ASN E 139 -75.63 36.13 -5.41
N GLU E 140 -76.67 35.31 -5.62
CA GLU E 140 -77.81 35.32 -4.72
C GLU E 140 -77.44 34.73 -3.37
N THR E 141 -77.09 33.44 -3.35
CA THR E 141 -76.83 32.75 -2.10
C THR E 141 -75.69 33.43 -1.34
N PRO E 142 -75.84 33.64 -0.03
CA PRO E 142 -74.71 34.17 0.76
C PRO E 142 -73.47 33.31 0.66
N GLY E 143 -73.61 31.99 0.73
CA GLY E 143 -72.48 31.12 0.54
C GLY E 143 -71.84 30.75 1.88
N ILE E 144 -71.14 29.62 1.87
CA ILE E 144 -70.62 29.04 3.09
C ILE E 144 -69.09 29.13 3.11
N ARG E 145 -68.52 29.16 4.31
CA ARG E 145 -67.08 29.24 4.53
C ARG E 145 -66.59 28.02 5.30
N TYR E 146 -65.42 27.49 4.89
CA TYR E 146 -64.88 26.24 5.41
C TYR E 146 -63.41 26.39 5.77
N GLN E 147 -62.97 25.69 6.83
CA GLN E 147 -61.55 25.67 7.19
C GLN E 147 -61.06 24.23 7.28
N TYR E 148 -59.76 24.06 7.03
CA TYR E 148 -59.18 22.74 6.79
C TYR E 148 -58.86 21.99 8.07
N ASN E 149 -59.08 20.68 8.04
CA ASN E 149 -58.67 19.78 9.10
C ASN E 149 -57.62 18.77 8.65
N VAL E 150 -57.17 18.82 7.40
CA VAL E 150 -56.19 17.90 6.85
C VAL E 150 -55.20 18.67 5.97
N LEU E 151 -54.23 17.95 5.40
CA LEU E 151 -53.23 18.57 4.55
C LEU E 151 -53.81 18.82 3.15
N PRO E 152 -53.81 20.06 2.65
CA PRO E 152 -54.50 20.36 1.41
C PRO E 152 -53.63 20.21 0.17
N GLN E 153 -54.23 19.66 -0.89
CA GLN E 153 -53.57 19.71 -2.19
C GLN E 153 -53.33 21.16 -2.58
N GLY E 154 -52.08 21.58 -2.63
CA GLY E 154 -51.75 22.91 -3.12
C GLY E 154 -51.16 23.87 -2.11
N TRP E 155 -50.98 23.45 -0.87
CA TRP E 155 -50.26 24.25 0.11
C TRP E 155 -48.77 23.93 0.02
N LYS E 156 -47.94 24.77 0.64
CA LYS E 156 -46.51 24.68 0.44
C LYS E 156 -45.78 23.81 1.47
N GLY E 157 -46.46 23.35 2.52
CA GLY E 157 -45.82 22.48 3.48
C GLY E 157 -46.40 21.09 3.51
N SER E 158 -47.51 20.90 2.81
CA SER E 158 -48.16 19.58 2.79
C SER E 158 -47.27 18.44 2.32
N PRO E 159 -46.30 18.64 1.41
CA PRO E 159 -45.40 17.53 1.08
C PRO E 159 -44.25 17.35 2.06
N ALA E 160 -43.70 18.43 2.61
CA ALA E 160 -42.60 18.29 3.56
C ALA E 160 -43.08 17.70 4.88
N ILE E 161 -44.35 17.91 5.21
CA ILE E 161 -44.95 17.45 6.46
C ILE E 161 -45.36 15.98 6.35
N PHE E 162 -45.91 15.59 5.20
CA PHE E 162 -46.29 14.21 4.94
C PHE E 162 -45.10 13.25 4.99
N GLN E 163 -43.96 13.63 4.39
CA GLN E 163 -42.78 12.78 4.41
C GLN E 163 -42.12 12.67 5.78
N SER E 164 -42.38 13.62 6.68
CA SER E 164 -41.90 13.57 8.06
C SER E 164 -42.86 12.81 8.97
N SER E 165 -44.16 13.04 8.81
CA SER E 165 -45.14 12.25 9.53
C SER E 165 -45.06 10.78 9.11
N MET E 166 -44.99 10.53 7.80
CA MET E 166 -44.93 9.15 7.31
C MET E 166 -43.58 8.49 7.56
N THR E 167 -42.53 9.24 7.88
CA THR E 167 -41.29 8.61 8.34
C THR E 167 -41.42 8.13 9.78
N LYS E 168 -42.10 8.91 10.64
CA LYS E 168 -42.39 8.48 12.00
C LYS E 168 -43.28 7.25 12.00
N ILE E 169 -44.10 7.10 10.97
CA ILE E 169 -45.13 6.06 10.95
C ILE E 169 -44.53 4.72 10.59
N LEU E 170 -43.72 4.67 9.54
CA LEU E 170 -43.09 3.42 9.09
C LEU E 170 -42.01 2.93 10.06
N GLU E 171 -41.58 3.76 11.01
CA GLU E 171 -40.36 3.56 11.80
C GLU E 171 -40.42 2.46 12.85
N PRO E 172 -41.50 2.33 13.62
CA PRO E 172 -41.62 1.13 14.46
C PRO E 172 -41.61 -0.15 13.65
N PHE E 173 -42.36 -0.21 12.54
CA PHE E 173 -42.32 -1.42 11.73
C PHE E 173 -40.92 -1.72 11.24
N LYS E 174 -40.12 -0.69 10.95
CA LYS E 174 -38.78 -0.92 10.43
C LYS E 174 -37.82 -1.51 11.47
N LYS E 175 -37.98 -1.20 12.76
CA LYS E 175 -37.12 -1.81 13.78
C LYS E 175 -37.50 -3.26 14.08
N GLN E 176 -38.74 -3.65 13.79
CA GLN E 176 -39.21 -5.01 14.02
C GLN E 176 -38.82 -5.99 12.91
N ASN E 177 -38.60 -5.53 11.69
CA ASN E 177 -38.51 -6.38 10.50
C ASN E 177 -37.19 -6.19 9.76
N PRO E 178 -36.09 -6.71 10.31
CA PRO E 178 -34.79 -6.48 9.66
C PRO E 178 -34.71 -6.96 8.23
N ASP E 179 -35.45 -7.99 7.85
CA ASP E 179 -35.29 -8.59 6.54
C ASP E 179 -36.18 -8.01 5.46
N ILE E 180 -36.87 -6.91 5.74
CA ILE E 180 -37.74 -6.25 4.79
C ILE E 180 -37.22 -4.84 4.54
N VAL E 181 -37.20 -4.41 3.27
CA VAL E 181 -36.69 -3.10 2.89
C VAL E 181 -37.85 -2.29 2.35
N ILE E 182 -38.01 -1.07 2.88
CA ILE E 182 -39.11 -0.18 2.52
C ILE E 182 -38.55 1.16 2.06
N TYR E 183 -38.63 1.40 0.75
CA TYR E 183 -38.32 2.69 0.17
C TYR E 183 -39.57 3.55 0.24
N GLN E 184 -39.37 4.84 0.47
CA GLN E 184 -40.48 5.76 0.62
C GLN E 184 -40.28 6.91 -0.36
N TYR E 185 -41.20 7.05 -1.30
CA TYR E 185 -41.23 8.20 -2.20
C TYR E 185 -42.64 8.76 -2.25
N MET E 186 -42.78 10.00 -1.80
CA MET E 186 -44.04 10.74 -1.91
C MET E 186 -45.13 9.81 -1.35
N ASP E 187 -46.19 9.56 -2.10
CA ASP E 187 -47.34 8.82 -1.58
C ASP E 187 -47.31 7.35 -1.95
N ASP E 188 -46.24 6.87 -2.57
CA ASP E 188 -46.06 5.46 -2.89
C ASP E 188 -45.18 4.78 -1.85
N LEU E 189 -45.38 3.47 -1.69
CA LEU E 189 -44.52 2.67 -0.82
C LEU E 189 -44.03 1.44 -1.56
N TYR E 190 -42.72 1.18 -1.46
CA TYR E 190 -42.02 0.07 -2.11
C TYR E 190 -41.54 -0.88 -1.01
N VAL E 191 -42.15 -2.06 -0.93
CA VAL E 191 -41.82 -3.03 0.12
C VAL E 191 -41.11 -4.21 -0.54
N GLY E 192 -39.91 -4.52 -0.05
CA GLY E 192 -39.16 -5.62 -0.60
C GLY E 192 -38.37 -6.44 0.41
N SER E 193 -38.42 -7.77 0.25
CA SER E 193 -37.71 -8.69 1.12
C SER E 193 -37.35 -9.94 0.31
N ASP E 194 -36.55 -10.81 0.93
CA ASP E 194 -36.17 -12.09 0.33
C ASP E 194 -36.91 -13.27 0.95
N LEU E 195 -38.08 -13.01 1.57
CA LEU E 195 -38.99 -14.07 1.95
C LEU E 195 -39.68 -14.65 0.72
N GLU E 196 -40.24 -15.84 0.88
CA GLU E 196 -40.95 -16.50 -0.22
C GLU E 196 -42.26 -15.77 -0.51
N ILE E 197 -42.89 -16.12 -1.64
CA ILE E 197 -44.14 -15.47 -2.03
C ILE E 197 -45.25 -15.68 -1.00
N GLY E 198 -45.14 -16.70 -0.15
CA GLY E 198 -46.11 -16.95 0.89
C GLY E 198 -45.95 -16.08 2.13
N GLN E 199 -44.78 -16.16 2.78
CA GLN E 199 -44.51 -15.35 3.96
C GLN E 199 -44.44 -13.84 3.65
N HIS E 200 -44.21 -13.48 2.39
CA HIS E 200 -44.27 -12.08 1.97
C HIS E 200 -45.72 -11.57 1.99
N ARG E 201 -46.68 -12.46 1.74
CA ARG E 201 -48.07 -12.10 1.91
C ARG E 201 -48.46 -11.99 3.39
N THR E 202 -47.71 -12.64 4.29
CA THR E 202 -48.02 -12.55 5.72
C THR E 202 -47.63 -11.19 6.28
N LYS E 203 -46.41 -10.74 5.99
CA LYS E 203 -46.02 -9.41 6.43
C LYS E 203 -46.81 -8.31 5.74
N ILE E 204 -47.36 -8.59 4.55
CA ILE E 204 -48.15 -7.58 3.85
C ILE E 204 -49.43 -7.28 4.61
N GLU E 205 -50.11 -8.30 5.14
CA GLU E 205 -51.26 -8.00 5.98
C GLU E 205 -50.85 -7.45 7.34
N GLU E 206 -49.68 -7.86 7.85
CA GLU E 206 -49.19 -7.31 9.11
C GLU E 206 -48.93 -5.81 9.02
N LEU E 207 -48.35 -5.36 7.91
CA LEU E 207 -48.08 -3.94 7.74
C LEU E 207 -49.32 -3.17 7.32
N ARG E 208 -50.13 -3.74 6.42
CA ARG E 208 -51.42 -3.13 6.08
C ARG E 208 -52.20 -2.78 7.34
N GLN E 209 -52.20 -3.69 8.31
CA GLN E 209 -52.88 -3.42 9.57
C GLN E 209 -52.12 -2.40 10.40
N HIS E 210 -50.79 -2.46 10.38
CA HIS E 210 -50.03 -1.43 11.08
C HIS E 210 -50.31 -0.05 10.49
N LEU E 211 -50.43 0.06 9.17
CA LEU E 211 -50.81 1.34 8.58
C LEU E 211 -52.28 1.64 8.76
N LEU E 212 -53.16 0.64 8.62
CA LEU E 212 -54.57 0.85 8.94
C LEU E 212 -54.74 1.39 10.35
N ARG E 213 -53.81 1.08 11.25
CA ARG E 213 -53.90 1.57 12.62
C ARG E 213 -53.75 3.09 12.73
N TRP E 214 -53.22 3.75 11.69
CA TRP E 214 -52.99 5.19 11.76
C TRP E 214 -53.93 5.99 10.86
N GLY E 215 -54.84 5.35 10.14
CA GLY E 215 -55.80 6.03 9.29
C GLY E 215 -55.53 5.96 7.80
N LEU E 216 -54.65 5.07 7.36
CA LEU E 216 -54.22 5.01 5.98
C LEU E 216 -54.81 3.78 5.32
N THR E 217 -55.40 3.98 4.15
CA THR E 217 -56.15 2.95 3.47
C THR E 217 -55.34 2.45 2.27
N THR E 218 -55.02 1.15 2.29
CA THR E 218 -54.25 0.45 1.26
C THR E 218 -55.11 -0.61 0.59
N PRO E 219 -55.75 -0.32 -0.54
CA PRO E 219 -56.62 -1.31 -1.17
C PRO E 219 -55.89 -2.63 -1.41
N ASP E 220 -56.64 -3.73 -1.36
CA ASP E 220 -56.15 -5.00 -1.85
C ASP E 220 -56.51 -5.24 -3.31
N LYS E 221 -57.22 -4.32 -3.94
CA LYS E 221 -57.50 -4.46 -5.36
C LYS E 221 -56.23 -4.44 -6.21
N LYS E 222 -55.08 -4.03 -5.66
CA LYS E 222 -53.84 -4.16 -6.41
C LYS E 222 -53.56 -5.64 -6.66
N HIS E 223 -52.92 -5.91 -7.79
CA HIS E 223 -52.58 -7.28 -8.18
C HIS E 223 -51.54 -7.92 -7.27
N GLN E 224 -51.79 -9.18 -6.90
CA GLN E 224 -50.86 -9.94 -6.07
C GLN E 224 -49.78 -10.56 -6.97
N LYS E 225 -48.52 -10.26 -6.68
CA LYS E 225 -47.34 -10.80 -7.37
C LYS E 225 -47.52 -10.85 -8.89
N GLU E 226 -47.69 -9.68 -9.51
CA GLU E 226 -47.85 -9.61 -10.97
C GLU E 226 -47.03 -8.48 -11.61
N PRO E 227 -45.75 -8.72 -11.87
CA PRO E 227 -44.98 -7.82 -12.76
C PRO E 227 -45.43 -7.97 -14.20
N PRO E 228 -45.21 -6.96 -15.06
CA PRO E 228 -44.48 -5.69 -14.87
C PRO E 228 -45.18 -4.64 -14.00
N PHE E 229 -44.58 -4.40 -12.85
CA PHE E 229 -45.01 -3.32 -11.96
C PHE E 229 -44.78 -1.98 -12.63
N LEU E 230 -45.78 -1.10 -12.55
CA LEU E 230 -45.64 0.28 -13.01
C LEU E 230 -45.20 1.15 -11.83
N TRP E 231 -44.07 1.85 -11.97
CA TRP E 231 -43.52 2.64 -10.87
C TRP E 231 -42.55 3.69 -11.38
N MET E 232 -42.88 4.98 -11.16
CA MET E 232 -42.08 6.16 -11.46
C MET E 232 -41.94 6.45 -12.96
N GLY E 233 -42.81 5.88 -13.79
CA GLY E 233 -42.70 6.06 -15.22
C GLY E 233 -41.75 5.11 -15.92
N TYR E 234 -41.55 3.91 -15.36
CA TYR E 234 -40.69 2.85 -15.89
C TYR E 234 -41.48 1.55 -15.97
N GLU E 235 -40.79 0.47 -16.38
CA GLU E 235 -41.30 -0.89 -16.31
C GLU E 235 -40.32 -1.73 -15.49
N LEU E 236 -40.79 -2.27 -14.36
CA LEU E 236 -39.94 -2.99 -13.41
C LEU E 236 -40.31 -4.47 -13.37
N HIS E 237 -39.45 -5.31 -13.93
CA HIS E 237 -39.64 -6.75 -13.99
C HIS E 237 -38.95 -7.41 -12.80
N PRO E 238 -39.10 -8.73 -12.63
CA PRO E 238 -38.39 -9.40 -11.52
C PRO E 238 -36.87 -9.34 -11.61
N ASP E 239 -36.28 -9.70 -12.75
CA ASP E 239 -34.84 -9.74 -12.92
C ASP E 239 -34.31 -8.71 -13.92
N LYS E 240 -35.17 -7.91 -14.54
CA LYS E 240 -34.73 -6.88 -15.47
C LYS E 240 -35.54 -5.61 -15.21
N TRP E 241 -35.25 -4.57 -15.98
CA TRP E 241 -36.03 -3.34 -15.97
C TRP E 241 -35.81 -2.64 -17.29
N THR E 242 -36.76 -1.80 -17.67
CA THR E 242 -36.63 -1.04 -18.91
C THR E 242 -37.58 0.15 -18.82
N VAL E 243 -37.31 1.16 -19.64
CA VAL E 243 -38.17 2.36 -19.65
C VAL E 243 -39.37 2.10 -20.55
N GLN E 244 -40.48 2.76 -20.25
CA GLN E 244 -41.67 2.59 -21.08
C GLN E 244 -41.33 3.02 -22.50
N PRO E 245 -41.63 2.20 -23.51
CA PRO E 245 -41.20 2.51 -24.88
C PRO E 245 -41.71 3.88 -25.32
N ILE E 246 -40.94 4.52 -26.20
CA ILE E 246 -41.13 5.92 -26.53
C ILE E 246 -41.56 6.05 -27.98
N VAL E 247 -42.63 6.81 -28.22
CA VAL E 247 -43.15 7.09 -29.57
C VAL E 247 -42.62 8.46 -29.99
N LEU E 248 -41.91 8.49 -31.13
CA LEU E 248 -41.17 9.60 -31.74
C LEU E 248 -42.01 10.31 -32.79
N PRO E 249 -42.14 11.63 -32.72
CA PRO E 249 -42.91 12.35 -33.75
C PRO E 249 -42.38 12.15 -35.15
N GLU E 250 -43.26 11.70 -36.06
CA GLU E 250 -42.94 11.59 -37.47
C GLU E 250 -43.64 12.75 -38.17
N LYS E 251 -42.98 13.91 -38.14
CA LYS E 251 -43.53 15.16 -38.64
C LYS E 251 -42.81 15.57 -39.92
N ASP E 252 -43.56 16.08 -40.89
CA ASP E 252 -42.95 16.65 -42.10
C ASP E 252 -42.56 18.12 -41.96
N SER E 253 -43.13 18.84 -41.01
CA SER E 253 -42.70 20.20 -40.71
C SER E 253 -42.62 20.38 -39.20
N TRP E 254 -41.49 20.87 -38.71
CA TRP E 254 -41.24 20.96 -37.27
C TRP E 254 -41.34 22.40 -36.81
N THR E 255 -42.11 22.63 -35.74
CA THR E 255 -42.09 23.87 -35.00
C THR E 255 -41.15 23.72 -33.81
N VAL E 256 -40.87 24.83 -33.13
CA VAL E 256 -39.92 24.74 -32.00
C VAL E 256 -40.52 23.93 -30.86
N ASN E 257 -41.84 24.00 -30.66
CA ASN E 257 -42.48 23.08 -29.72
C ASN E 257 -42.26 21.64 -30.12
N ASP E 258 -42.14 21.37 -31.42
CA ASP E 258 -41.95 20.00 -31.89
C ASP E 258 -40.56 19.46 -31.55
N ILE E 259 -39.52 20.26 -31.72
CA ILE E 259 -38.18 19.77 -31.46
C ILE E 259 -37.94 19.57 -29.97
N CYS E 260 -38.33 20.57 -29.16
CA CYS E 260 -38.12 20.44 -27.71
C CYS E 260 -38.86 19.24 -27.16
N LYS E 261 -40.09 18.99 -27.65
CA LYS E 261 -40.79 17.76 -27.30
C LYS E 261 -40.10 16.55 -27.91
N LEU E 262 -39.56 16.70 -29.13
CA LEU E 262 -38.82 15.60 -29.76
C LEU E 262 -37.49 15.37 -29.03
N VAL E 263 -36.79 16.45 -28.69
CA VAL E 263 -35.53 16.32 -27.96
C VAL E 263 -35.78 15.65 -26.61
N GLY E 264 -36.86 16.03 -25.95
CA GLY E 264 -37.16 15.45 -24.65
C GLY E 264 -37.44 13.96 -24.66
N LYS E 265 -38.10 13.48 -25.72
CA LYS E 265 -38.38 12.05 -25.80
C LYS E 265 -37.12 11.23 -25.99
N LEU E 266 -36.21 11.69 -26.86
CA LEU E 266 -34.94 10.99 -27.00
C LEU E 266 -34.14 11.06 -25.71
N ASN E 267 -34.17 12.20 -25.03
CA ASN E 267 -33.41 12.37 -23.79
C ASN E 267 -33.91 11.48 -22.67
N TRP E 268 -35.21 11.22 -22.60
CA TRP E 268 -35.68 10.24 -21.63
C TRP E 268 -35.36 8.82 -22.08
N ALA E 269 -35.37 8.57 -23.39
CA ALA E 269 -35.05 7.24 -23.89
C ALA E 269 -33.61 6.86 -23.57
N SER E 270 -32.71 7.84 -23.51
CA SER E 270 -31.28 7.56 -23.51
C SER E 270 -30.81 6.86 -22.25
N GLN E 271 -31.56 6.91 -21.15
CA GLN E 271 -30.99 6.40 -19.91
C GLN E 271 -30.76 4.90 -19.94
N ILE E 272 -31.17 4.20 -21.00
CA ILE E 272 -30.87 2.77 -21.12
C ILE E 272 -30.40 2.44 -22.54
N TYR E 273 -30.93 3.16 -23.54
CA TYR E 273 -30.51 2.97 -24.93
C TYR E 273 -29.17 3.64 -25.21
N PRO E 274 -28.08 2.90 -25.41
CA PRO E 274 -26.77 3.54 -25.53
C PRO E 274 -26.61 4.28 -26.86
N GLY E 275 -25.95 5.42 -26.80
CA GLY E 275 -25.47 6.10 -27.98
C GLY E 275 -26.44 7.06 -28.64
N ILE E 276 -27.53 7.45 -27.99
CA ILE E 276 -28.40 8.46 -28.58
C ILE E 276 -27.66 9.78 -28.60
N LYS E 277 -27.87 10.56 -29.67
CA LYS E 277 -27.24 11.86 -29.83
C LYS E 277 -28.32 12.94 -29.94
N VAL E 278 -28.03 14.13 -29.42
CA VAL E 278 -29.00 15.21 -29.43
C VAL E 278 -28.35 16.49 -29.92
N ARG E 279 -27.10 16.38 -30.40
CA ARG E 279 -26.30 17.57 -30.63
C ARG E 279 -26.91 18.47 -31.72
N GLN E 280 -27.29 17.88 -32.85
CA GLN E 280 -27.71 18.70 -33.99
C GLN E 280 -29.20 19.02 -34.01
N LEU E 281 -30.06 18.14 -33.46
CA LEU E 281 -31.47 18.50 -33.38
C LEU E 281 -31.65 19.69 -32.46
N SER E 282 -30.72 19.88 -31.52
CA SER E 282 -30.72 21.03 -30.63
C SER E 282 -29.98 22.22 -31.19
N LYS E 283 -29.00 22.01 -32.09
CA LYS E 283 -28.42 23.13 -32.80
C LYS E 283 -29.48 23.89 -33.59
N LEU E 284 -30.61 23.25 -33.92
CA LEU E 284 -31.71 23.96 -34.55
C LEU E 284 -32.41 24.89 -33.58
N LEU E 285 -32.40 24.54 -32.30
CA LEU E 285 -33.08 25.33 -31.28
C LEU E 285 -32.18 26.40 -30.68
N ARG E 286 -31.00 26.62 -31.25
CA ARG E 286 -30.09 27.62 -30.70
C ARG E 286 -30.70 29.01 -30.82
N GLY E 287 -30.76 29.55 -32.04
CA GLY E 287 -31.30 30.88 -32.21
C GLY E 287 -32.80 30.89 -32.43
N THR E 288 -33.56 30.33 -31.48
CA THR E 288 -35.01 30.19 -31.62
C THR E 288 -35.71 31.39 -31.01
N LYS E 289 -36.65 31.97 -31.77
CA LYS E 289 -37.39 33.13 -31.32
C LYS E 289 -38.85 32.84 -31.00
N ALA E 290 -39.57 32.20 -31.90
CA ALA E 290 -40.99 31.94 -31.72
C ALA E 290 -41.21 30.47 -31.39
N LEU E 291 -42.14 30.22 -30.47
CA LEU E 291 -42.53 28.86 -30.13
C LEU E 291 -43.44 28.26 -31.18
N THR E 292 -44.11 29.10 -31.98
CA THR E 292 -45.03 28.67 -33.03
C THR E 292 -44.35 28.57 -34.40
N GLU E 293 -43.31 29.37 -34.63
CA GLU E 293 -42.61 29.38 -35.92
C GLU E 293 -42.00 28.04 -36.25
N VAL E 294 -42.07 27.65 -37.53
CA VAL E 294 -41.54 26.39 -38.03
C VAL E 294 -40.05 26.50 -38.30
N ILE E 295 -39.34 25.37 -38.18
CA ILE E 295 -37.91 25.29 -38.47
C ILE E 295 -37.57 23.94 -39.12
N PRO E 296 -36.75 23.91 -40.17
CA PRO E 296 -36.45 22.66 -40.89
C PRO E 296 -35.29 21.87 -40.31
N LEU E 297 -35.29 20.57 -40.63
CA LEU E 297 -34.23 19.66 -40.23
C LEU E 297 -33.16 19.58 -41.32
N THR E 298 -31.93 20.03 -41.00
CA THR E 298 -30.80 19.95 -41.92
C THR E 298 -30.42 18.49 -42.18
N GLU E 299 -29.48 18.29 -43.11
CA GLU E 299 -29.06 16.94 -43.46
C GLU E 299 -28.42 16.21 -42.28
N GLU E 300 -27.75 16.95 -41.39
CA GLU E 300 -27.15 16.33 -40.21
C GLU E 300 -28.21 15.91 -39.19
N ALA E 301 -29.08 16.84 -38.81
CA ALA E 301 -30.14 16.51 -37.87
C ALA E 301 -31.12 15.50 -38.45
N GLU E 302 -31.26 15.47 -39.78
CA GLU E 302 -32.04 14.42 -40.42
C GLU E 302 -31.28 13.10 -40.41
N LEU E 303 -29.94 13.17 -40.48
CA LEU E 303 -29.13 11.98 -40.25
C LEU E 303 -29.22 11.53 -38.80
N GLU E 304 -29.51 12.45 -37.88
CA GLU E 304 -29.61 12.11 -36.46
C GLU E 304 -30.93 11.44 -36.13
N LEU E 305 -32.02 11.83 -36.81
CA LEU E 305 -33.32 11.23 -36.53
C LEU E 305 -33.37 9.80 -37.03
N ALA E 306 -32.72 9.51 -38.17
CA ALA E 306 -32.81 8.19 -38.78
C ALA E 306 -32.01 7.15 -37.98
N GLU E 307 -30.73 7.43 -37.71
CA GLU E 307 -29.91 6.49 -36.95
C GLU E 307 -30.47 6.29 -35.54
N ASN E 308 -30.94 7.37 -34.90
CA ASN E 308 -31.55 7.27 -33.57
C ASN E 308 -32.76 6.35 -33.59
N ARG E 309 -33.67 6.54 -34.55
CA ARG E 309 -34.83 5.66 -34.66
C ARG E 309 -34.43 4.19 -34.72
N GLU E 310 -33.21 3.89 -35.15
CA GLU E 310 -32.78 2.49 -35.22
C GLU E 310 -32.30 1.98 -33.86
N ILE E 311 -31.78 2.84 -33.00
CA ILE E 311 -31.37 2.38 -31.68
C ILE E 311 -32.58 1.91 -30.89
N LEU E 312 -33.72 2.60 -31.04
CA LEU E 312 -34.91 2.31 -30.25
C LEU E 312 -35.74 1.15 -30.81
N LYS E 313 -35.41 0.64 -32.00
CA LYS E 313 -36.15 -0.53 -32.52
C LYS E 313 -35.93 -1.76 -31.66
N GLU E 314 -34.67 -2.11 -31.38
CA GLU E 314 -34.36 -3.27 -30.56
C GLU E 314 -34.83 -3.06 -29.12
N PRO E 315 -35.37 -4.09 -28.46
CA PRO E 315 -35.69 -3.95 -27.04
C PRO E 315 -34.43 -3.99 -26.20
N VAL E 316 -34.39 -3.12 -25.19
CA VAL E 316 -33.24 -3.07 -24.29
C VAL E 316 -33.72 -3.10 -22.84
N HIS E 317 -32.83 -3.54 -21.96
CA HIS E 317 -33.16 -3.66 -20.54
C HIS E 317 -31.89 -3.61 -19.71
N GLY E 318 -32.06 -3.21 -18.44
CA GLY E 318 -30.95 -3.21 -17.52
C GLY E 318 -31.14 -4.16 -16.34
N VAL E 319 -30.08 -4.45 -15.61
CA VAL E 319 -30.18 -5.33 -14.45
C VAL E 319 -30.29 -4.47 -13.20
N TYR E 320 -30.16 -5.09 -12.04
CA TYR E 320 -30.20 -4.39 -10.75
C TYR E 320 -28.83 -4.47 -10.09
N TYR E 321 -28.71 -3.85 -8.91
CA TYR E 321 -27.43 -3.72 -8.22
C TYR E 321 -27.21 -4.83 -7.20
N ASP E 322 -26.03 -5.45 -7.24
CA ASP E 322 -25.65 -6.60 -6.43
C ASP E 322 -24.48 -6.18 -5.55
N PRO E 323 -24.75 -5.61 -4.37
CA PRO E 323 -23.70 -4.92 -3.59
C PRO E 323 -22.36 -5.64 -3.41
N SER E 324 -22.23 -6.90 -3.83
CA SER E 324 -20.96 -7.61 -3.71
C SER E 324 -20.07 -7.48 -4.95
N LYS E 325 -20.65 -7.36 -6.13
CA LYS E 325 -19.87 -7.14 -7.35
C LYS E 325 -19.46 -5.68 -7.48
N ASP E 326 -18.33 -5.44 -8.17
CA ASP E 326 -17.90 -4.07 -8.40
C ASP E 326 -18.77 -3.40 -9.45
N LEU E 327 -18.69 -2.08 -9.51
CA LEU E 327 -19.29 -1.30 -10.59
C LEU E 327 -18.22 -1.03 -11.63
N ILE E 328 -18.52 -1.32 -12.89
CA ILE E 328 -17.57 -1.14 -14.00
C ILE E 328 -18.21 -0.20 -14.99
N ALA E 329 -17.62 0.99 -15.17
CA ALA E 329 -18.18 2.04 -16.02
C ALA E 329 -17.24 2.32 -17.19
N GLU E 330 -17.79 2.28 -18.41
CA GLU E 330 -17.02 2.41 -19.65
C GLU E 330 -17.55 3.53 -20.53
N ILE E 331 -16.65 4.30 -21.13
CA ILE E 331 -16.98 5.47 -21.93
C ILE E 331 -16.52 5.26 -23.36
N GLN E 332 -17.31 5.71 -24.33
CA GLN E 332 -16.90 5.74 -25.72
C GLN E 332 -17.03 7.16 -26.26
N LYS E 333 -16.15 7.51 -27.20
CA LYS E 333 -16.27 8.80 -27.86
C LYS E 333 -17.27 8.70 -29.01
N GLN E 334 -18.01 9.77 -29.23
CA GLN E 334 -18.97 9.84 -30.34
C GLN E 334 -18.59 10.88 -31.36
N GLY E 335 -17.45 11.56 -31.18
CA GLY E 335 -17.02 12.57 -32.13
C GLY E 335 -17.80 13.86 -31.99
N GLN E 336 -17.17 14.94 -32.45
CA GLN E 336 -17.70 16.29 -32.29
C GLN E 336 -18.00 16.57 -30.83
N GLY E 337 -17.20 15.99 -29.94
CA GLY E 337 -17.35 16.22 -28.51
C GLY E 337 -18.60 15.63 -27.89
N GLN E 338 -18.90 14.38 -28.22
CA GLN E 338 -20.03 13.66 -27.66
C GLN E 338 -19.54 12.34 -27.08
N TRP E 339 -20.05 12.01 -25.88
CA TRP E 339 -19.62 10.82 -25.15
C TRP E 339 -20.84 10.07 -24.65
N THR E 340 -20.78 8.74 -24.68
CA THR E 340 -21.78 7.90 -24.03
C THR E 340 -21.12 6.90 -23.11
N TYR E 341 -21.83 6.52 -22.04
CA TYR E 341 -21.26 5.67 -21.01
C TYR E 341 -22.29 4.66 -20.53
N GLN E 342 -21.82 3.50 -20.08
CA GLN E 342 -22.65 2.47 -19.48
C GLN E 342 -22.06 2.08 -18.14
N ILE E 343 -22.92 1.95 -17.15
CA ILE E 343 -22.56 1.38 -15.86
C ILE E 343 -23.12 -0.04 -15.84
N TYR E 344 -22.30 -0.99 -15.40
CA TYR E 344 -22.70 -2.40 -15.37
C TYR E 344 -21.86 -3.11 -14.31
N GLN E 345 -22.14 -4.40 -14.11
CA GLN E 345 -21.38 -5.23 -13.18
C GLN E 345 -20.96 -6.56 -13.80
N GLU E 346 -21.91 -7.26 -14.39
CA GLU E 346 -21.57 -8.45 -15.15
C GLU E 346 -21.50 -8.12 -16.62
N PRO E 347 -20.39 -8.44 -17.29
CA PRO E 347 -20.19 -8.03 -18.68
C PRO E 347 -21.41 -8.34 -19.54
N PHE E 348 -21.80 -7.37 -20.37
CA PHE E 348 -22.94 -7.43 -21.28
C PHE E 348 -24.28 -7.37 -20.57
N LYS E 349 -24.32 -7.19 -19.25
CA LYS E 349 -25.56 -6.91 -18.52
C LYS E 349 -25.53 -5.47 -18.04
N ASN E 350 -26.02 -4.55 -18.87
CA ASN E 350 -25.98 -3.13 -18.54
C ASN E 350 -26.78 -2.87 -17.27
N LEU E 351 -26.21 -2.06 -16.36
CA LEU E 351 -27.01 -1.58 -15.24
C LEU E 351 -27.79 -0.34 -15.65
N LYS E 352 -27.09 0.68 -16.13
CA LYS E 352 -27.75 1.76 -16.83
C LYS E 352 -26.77 2.26 -17.87
N THR E 353 -27.24 3.15 -18.75
CA THR E 353 -26.40 3.83 -19.70
C THR E 353 -26.74 5.32 -19.69
N GLY E 354 -25.88 6.14 -20.30
CA GLY E 354 -26.09 7.57 -20.24
C GLY E 354 -25.21 8.31 -21.22
N LYS E 355 -25.35 9.65 -21.21
CA LYS E 355 -24.69 10.52 -22.19
C LYS E 355 -24.22 11.80 -21.50
N TYR E 356 -23.05 12.28 -21.93
CA TYR E 356 -22.53 13.58 -21.52
C TYR E 356 -21.95 14.27 -22.73
N ALA E 357 -22.52 15.43 -23.09
CA ALA E 357 -22.13 16.15 -24.29
C ALA E 357 -21.86 17.61 -24.04
N ARG E 358 -22.04 18.08 -22.81
CA ARG E 358 -21.90 19.49 -22.49
C ARG E 358 -20.54 20.05 -22.87
N MET E 359 -20.49 20.85 -23.92
CA MET E 359 -19.32 21.69 -24.13
C MET E 359 -19.32 22.73 -23.03
N ARG E 360 -18.53 22.51 -22.00
CA ARG E 360 -18.33 23.48 -20.94
C ARG E 360 -17.01 24.19 -21.20
N GLY E 361 -17.01 25.51 -21.10
CA GLY E 361 -15.92 26.31 -21.60
C GLY E 361 -16.11 26.72 -23.05
N ALA E 362 -15.35 27.73 -23.48
CA ALA E 362 -15.35 28.06 -24.90
C ALA E 362 -14.47 27.11 -25.70
N HIS E 363 -13.34 26.68 -25.12
CA HIS E 363 -12.35 25.88 -25.83
C HIS E 363 -11.90 24.77 -24.90
N THR E 364 -12.28 23.55 -25.23
CA THR E 364 -12.04 22.38 -24.39
C THR E 364 -11.44 21.32 -25.29
N ASN E 365 -10.66 20.41 -24.73
CA ASN E 365 -10.13 19.37 -25.62
C ASN E 365 -10.67 18.01 -25.19
N ASP E 366 -10.17 16.95 -25.83
CA ASP E 366 -10.75 15.64 -25.55
C ASP E 366 -10.32 15.09 -24.20
N VAL E 367 -9.11 15.39 -23.74
CA VAL E 367 -8.73 14.93 -22.41
C VAL E 367 -9.48 15.72 -21.35
N LYS E 368 -9.68 17.02 -21.60
CA LYS E 368 -10.51 17.84 -20.71
C LYS E 368 -11.94 17.30 -20.65
N GLN E 369 -12.50 16.99 -21.82
CA GLN E 369 -13.87 16.51 -21.83
C GLN E 369 -14.00 15.16 -21.16
N LEU E 370 -12.99 14.32 -21.31
CA LEU E 370 -13.03 13.00 -20.67
C LEU E 370 -12.91 13.10 -19.17
N THR E 371 -12.22 14.11 -18.65
CA THR E 371 -12.20 14.29 -17.21
C THR E 371 -13.51 14.85 -16.68
N GLU E 372 -14.25 15.62 -17.49
CA GLU E 372 -15.57 16.04 -17.04
C GLU E 372 -16.56 14.89 -17.10
N ALA E 373 -16.44 14.01 -18.08
CA ALA E 373 -17.33 12.85 -18.10
C ALA E 373 -17.08 11.93 -16.91
N VAL E 374 -15.83 11.80 -16.46
CA VAL E 374 -15.56 10.95 -15.31
C VAL E 374 -16.24 11.49 -14.06
N GLN E 375 -16.22 12.82 -13.87
CA GLN E 375 -16.79 13.44 -12.67
C GLN E 375 -18.30 13.48 -12.66
N LYS E 376 -18.95 13.39 -13.82
CA LYS E 376 -20.41 13.29 -13.86
C LYS E 376 -20.87 11.84 -13.70
N ILE E 377 -20.13 10.88 -14.25
CA ILE E 377 -20.40 9.49 -13.92
C ILE E 377 -20.05 9.21 -12.47
N THR E 378 -18.97 9.80 -11.96
CA THR E 378 -18.55 9.50 -10.60
C THR E 378 -19.58 9.98 -9.59
N THR E 379 -20.15 11.16 -9.81
CA THR E 379 -21.15 11.59 -8.84
C THR E 379 -22.48 10.87 -9.07
N GLU E 380 -22.89 10.68 -10.32
CA GLU E 380 -24.10 9.89 -10.57
C GLU E 380 -23.96 8.48 -10.03
N SER E 381 -22.75 7.95 -9.91
CA SER E 381 -22.58 6.67 -9.24
C SER E 381 -22.63 6.82 -7.73
N ILE E 382 -22.10 7.93 -7.20
CA ILE E 382 -22.17 8.15 -5.76
C ILE E 382 -23.62 8.36 -5.34
N VAL E 383 -24.41 9.02 -6.18
CA VAL E 383 -25.83 9.23 -5.89
C VAL E 383 -26.59 7.89 -5.92
N ILE E 384 -26.43 7.12 -6.99
CA ILE E 384 -27.32 5.98 -7.21
C ILE E 384 -26.89 4.76 -6.39
N TRP E 385 -25.59 4.48 -6.32
CA TRP E 385 -25.08 3.31 -5.62
C TRP E 385 -24.14 3.63 -4.48
N GLY E 386 -23.80 4.90 -4.27
CA GLY E 386 -22.99 5.26 -3.12
C GLY E 386 -21.60 4.65 -3.09
N LYS E 387 -21.03 4.35 -4.25
CA LYS E 387 -19.64 3.92 -4.31
C LYS E 387 -19.03 4.42 -5.61
N THR E 388 -17.69 4.43 -5.67
CA THR E 388 -17.00 4.89 -6.88
C THR E 388 -16.70 3.71 -7.79
N PRO E 389 -17.17 3.72 -9.03
CA PRO E 389 -16.90 2.61 -9.94
C PRO E 389 -15.47 2.63 -10.48
N LYS E 390 -15.04 1.47 -10.96
CA LYS E 390 -13.82 1.41 -11.76
C LYS E 390 -14.15 1.80 -13.19
N PHE E 391 -13.20 2.47 -13.85
CA PHE E 391 -13.44 3.12 -15.13
C PHE E 391 -12.66 2.49 -16.26
N LYS E 392 -13.37 2.11 -17.31
CA LYS E 392 -12.77 1.76 -18.58
C LYS E 392 -12.78 3.02 -19.43
N LEU E 393 -11.59 3.52 -19.74
CA LEU E 393 -11.44 4.84 -20.37
C LEU E 393 -10.59 4.69 -21.63
N PRO E 394 -11.09 5.11 -22.83
CA PRO E 394 -10.35 5.00 -24.08
C PRO E 394 -9.30 6.10 -24.26
N ILE E 395 -8.44 6.26 -23.27
CA ILE E 395 -7.32 7.19 -23.34
C ILE E 395 -6.11 6.49 -22.75
N GLN E 396 -4.98 6.56 -23.46
CA GLN E 396 -3.80 5.82 -23.06
C GLN E 396 -3.40 6.18 -21.64
N LYS E 397 -2.94 5.17 -20.89
CA LYS E 397 -2.36 5.44 -19.57
C LYS E 397 -1.14 6.33 -19.66
N GLU E 398 -0.60 6.51 -20.87
CA GLU E 398 0.52 7.40 -21.12
C GLU E 398 0.07 8.82 -21.43
N THR E 399 -1.01 8.99 -22.18
CA THR E 399 -1.53 10.33 -22.44
C THR E 399 -2.00 10.99 -21.15
N TRP E 400 -2.88 10.31 -20.42
CA TRP E 400 -3.39 10.86 -19.19
C TRP E 400 -2.28 11.08 -18.17
N GLU E 401 -1.22 10.28 -18.26
CA GLU E 401 -0.03 10.54 -17.44
C GLU E 401 0.65 11.82 -17.87
N THR E 402 0.63 12.15 -19.15
CA THR E 402 1.23 13.38 -19.63
C THR E 402 0.37 14.60 -19.32
N TRP E 403 -0.95 14.45 -19.29
CA TRP E 403 -1.84 15.58 -19.06
C TRP E 403 -1.68 16.17 -17.67
N TRP E 404 -2.10 15.43 -16.64
CA TRP E 404 -2.26 16.01 -15.32
C TRP E 404 -0.93 16.53 -14.75
N THR E 405 0.19 15.97 -15.18
CA THR E 405 1.48 16.50 -14.75
C THR E 405 1.74 17.91 -15.29
N GLU E 406 1.23 18.23 -16.49
CA GLU E 406 1.50 19.50 -17.15
C GLU E 406 0.45 20.58 -16.92
N TYR E 407 -0.83 20.21 -16.80
CA TYR E 407 -1.88 21.20 -16.63
C TYR E 407 -1.70 21.92 -15.30
N TRP E 408 -2.18 23.18 -15.25
CA TRP E 408 -2.04 23.96 -14.04
C TRP E 408 -3.19 23.76 -13.08
N GLN E 409 -4.32 23.25 -13.54
CA GLN E 409 -5.41 22.92 -12.65
C GLN E 409 -5.18 21.53 -12.10
N ALA E 410 -5.53 21.33 -10.83
CA ALA E 410 -5.40 20.03 -10.21
C ALA E 410 -6.53 19.14 -10.70
N THR E 411 -6.18 17.97 -11.25
CA THR E 411 -7.18 17.05 -11.77
C THR E 411 -6.89 15.64 -11.28
N TRP E 412 -7.95 14.91 -10.95
CA TRP E 412 -7.83 13.51 -10.58
C TRP E 412 -8.97 12.70 -11.17
N ILE E 413 -8.67 11.42 -11.40
CA ILE E 413 -9.62 10.41 -11.87
C ILE E 413 -9.51 9.25 -10.89
N PRO E 414 -10.63 8.63 -10.44
CA PRO E 414 -10.54 7.49 -9.51
C PRO E 414 -9.85 6.25 -10.11
N GLU E 415 -10.08 5.08 -9.53
CA GLU E 415 -9.48 3.88 -10.07
C GLU E 415 -9.98 3.65 -11.47
N TRP E 416 -9.05 3.60 -12.42
CA TRP E 416 -9.39 3.49 -13.84
C TRP E 416 -8.39 2.55 -14.51
N GLU E 417 -8.83 1.99 -15.63
CA GLU E 417 -8.00 1.12 -16.45
C GLU E 417 -8.10 1.55 -17.90
N PHE E 418 -7.24 0.99 -18.74
CA PHE E 418 -7.25 1.30 -20.15
C PHE E 418 -8.17 0.35 -20.89
N VAL E 419 -8.92 0.88 -21.84
CA VAL E 419 -9.67 0.08 -22.81
C VAL E 419 -9.22 0.51 -24.20
N ASN E 420 -9.13 -0.43 -25.11
CA ASN E 420 -8.60 -0.10 -26.43
C ASN E 420 -9.69 0.00 -27.47
N THR E 421 -10.73 0.81 -27.20
CA THR E 421 -11.84 0.99 -28.11
C THR E 421 -11.74 2.28 -28.92
N PRO E 422 -11.13 2.26 -30.10
CA PRO E 422 -11.03 3.48 -30.90
C PRO E 422 -12.42 3.98 -31.31
N PRO E 423 -12.56 5.31 -31.56
CA PRO E 423 -11.56 6.38 -31.51
C PRO E 423 -11.00 6.63 -30.13
N LEU E 424 -9.73 6.27 -29.95
CA LEU E 424 -9.02 6.51 -28.71
C LEU E 424 -8.78 8.01 -28.55
N VAL E 425 -8.79 8.47 -27.30
CA VAL E 425 -8.63 9.90 -26.99
C VAL E 425 -7.17 10.21 -26.74
N LYS E 426 -6.69 11.28 -27.38
CA LYS E 426 -5.30 11.67 -27.29
C LYS E 426 -5.22 13.18 -27.46
N LEU E 427 -4.02 13.71 -27.22
CA LEU E 427 -3.75 15.12 -27.44
C LEU E 427 -3.23 15.32 -28.86
N TRP E 428 -3.86 16.24 -29.60
CA TRP E 428 -3.65 16.39 -31.04
C TRP E 428 -2.50 17.30 -31.43
N TYR E 429 -1.87 18.00 -30.50
CA TYR E 429 -0.63 18.69 -30.82
C TYR E 429 0.09 19.08 -29.53
N GLN E 430 1.24 19.75 -29.68
CA GLN E 430 2.14 19.92 -28.55
C GLN E 430 3.07 21.09 -28.79
N LEU E 431 2.92 22.16 -28.00
CA LEU E 431 3.84 23.29 -28.04
C LEU E 431 5.12 22.93 -27.31
N GLU E 432 6.25 23.28 -27.93
CA GLU E 432 7.55 23.07 -27.30
C GLU E 432 7.69 23.99 -26.09
N LYS E 433 8.63 23.63 -25.21
CA LYS E 433 8.90 24.42 -24.02
C LYS E 433 10.08 25.37 -24.15
N GLU E 434 10.95 25.16 -25.14
CA GLU E 434 12.08 26.03 -25.45
C GLU E 434 12.04 26.42 -26.93
N PRO E 435 12.47 27.62 -27.28
CA PRO E 435 12.29 28.13 -28.65
C PRO E 435 13.11 27.38 -29.70
N ILE E 436 12.48 27.16 -30.86
CA ILE E 436 13.12 26.43 -31.96
C ILE E 436 14.28 27.24 -32.51
N VAL E 437 15.42 26.61 -32.67
CA VAL E 437 16.50 27.29 -33.37
C VAL E 437 16.31 26.98 -34.83
N GLY E 438 16.58 27.96 -35.70
CA GLY E 438 16.45 27.75 -37.12
C GLY E 438 15.09 27.99 -37.73
N ALA E 439 14.08 28.36 -36.93
CA ALA E 439 12.76 28.65 -37.46
C ALA E 439 12.51 30.16 -37.50
N GLU E 440 11.86 30.62 -38.56
CA GLU E 440 11.55 32.05 -38.71
C GLU E 440 10.68 32.47 -37.53
N THR E 441 11.11 33.52 -36.82
CA THR E 441 10.42 34.00 -35.62
C THR E 441 9.44 35.11 -35.99
N PHE E 442 8.15 34.90 -35.74
CA PHE E 442 7.09 35.83 -36.09
C PHE E 442 6.70 36.67 -34.89
N TYR E 443 6.93 37.97 -34.96
CA TYR E 443 6.51 38.91 -33.92
C TYR E 443 5.12 39.43 -34.27
N VAL E 444 4.06 38.80 -33.71
CA VAL E 444 2.68 39.07 -34.12
C VAL E 444 1.99 39.95 -33.09
N ASP E 445 1.01 40.72 -33.55
CA ASP E 445 0.17 41.52 -32.68
C ASP E 445 -1.11 41.92 -33.42
N GLY E 446 -2.13 42.26 -32.65
CA GLY E 446 -3.39 42.72 -33.21
C GLY E 446 -4.02 43.81 -32.36
N ALA E 447 -4.83 44.64 -33.01
CA ALA E 447 -5.47 45.76 -32.34
C ALA E 447 -6.76 46.14 -33.06
N ALA E 448 -7.69 46.75 -32.31
CA ALA E 448 -8.97 47.19 -32.84
C ALA E 448 -9.41 48.49 -32.15
N ASN E 449 -10.48 49.09 -32.67
CA ASN E 449 -11.05 50.31 -32.13
C ASN E 449 -12.28 49.98 -31.31
N ARG E 450 -12.36 50.54 -30.10
CA ARG E 450 -13.53 50.30 -29.26
C ARG E 450 -14.81 50.76 -29.94
N GLU E 451 -14.79 51.97 -30.51
CA GLU E 451 -15.92 52.55 -31.24
C GLU E 451 -16.32 51.80 -32.50
N THR E 452 -15.47 51.88 -33.54
CA THR E 452 -15.81 51.49 -34.91
C THR E 452 -15.72 50.00 -35.20
N LYS E 453 -15.18 49.19 -34.30
CA LYS E 453 -15.07 47.74 -34.49
C LYS E 453 -14.34 47.38 -35.78
N LEU E 454 -13.49 48.27 -36.29
CA LEU E 454 -12.57 47.94 -37.36
C LEU E 454 -11.17 47.81 -36.79
N GLY E 455 -10.35 46.96 -37.38
CA GLY E 455 -9.04 46.75 -36.82
C GLY E 455 -8.12 46.00 -37.76
N LYS E 456 -6.86 45.89 -37.33
CA LYS E 456 -5.80 45.30 -38.14
C LYS E 456 -5.08 44.24 -37.33
N ALA E 457 -4.52 43.24 -38.01
CA ALA E 457 -3.79 42.16 -37.37
C ALA E 457 -2.66 41.70 -38.26
N GLY E 458 -1.45 41.55 -37.72
CA GLY E 458 -0.35 41.12 -38.57
C GLY E 458 0.93 40.77 -37.82
N TYR E 459 1.98 40.49 -38.62
CA TYR E 459 3.27 40.02 -38.14
C TYR E 459 4.40 40.70 -38.89
N VAL E 460 5.50 40.94 -38.18
CA VAL E 460 6.80 41.19 -38.76
C VAL E 460 7.73 40.16 -38.13
N THR E 461 8.64 39.59 -38.91
CA THR E 461 9.49 38.50 -38.44
C THR E 461 10.94 38.97 -38.30
N ASN E 462 11.86 38.02 -38.13
CA ASN E 462 13.27 38.40 -38.18
C ASN E 462 13.76 38.46 -39.62
N LYS E 463 13.42 37.45 -40.43
CA LYS E 463 13.88 37.37 -41.82
C LYS E 463 13.35 38.55 -42.62
N GLY E 464 12.55 39.40 -41.98
CA GLY E 464 12.04 40.63 -42.55
C GLY E 464 10.61 40.59 -43.06
N ARG E 465 10.02 39.40 -43.25
CA ARG E 465 8.69 39.31 -43.84
C ARG E 465 7.73 40.19 -43.04
N GLN E 466 6.81 40.85 -43.74
CA GLN E 466 5.80 41.64 -43.06
C GLN E 466 4.44 41.33 -43.65
N LYS E 467 3.39 41.66 -42.89
CA LYS E 467 2.02 41.52 -43.36
C LYS E 467 1.12 42.30 -42.43
N VAL E 468 0.19 43.05 -42.99
CA VAL E 468 -0.88 43.71 -42.25
C VAL E 468 -2.17 43.42 -42.99
N VAL E 469 -3.19 42.95 -42.27
CA VAL E 469 -4.47 42.60 -42.87
C VAL E 469 -5.56 43.29 -42.07
N PRO E 470 -6.36 44.17 -42.66
CA PRO E 470 -7.42 44.85 -41.90
C PRO E 470 -8.57 43.91 -41.54
N LEU E 471 -9.35 44.33 -40.54
CA LEU E 471 -10.46 43.53 -40.04
C LEU E 471 -11.67 44.41 -39.77
N THR E 472 -12.86 43.78 -39.87
CA THR E 472 -14.14 44.47 -39.87
C THR E 472 -15.08 43.86 -38.84
N ASN E 473 -15.74 44.71 -38.06
CA ASN E 473 -16.63 44.29 -36.98
C ASN E 473 -15.98 43.18 -36.16
N THR E 474 -14.91 43.58 -35.50
CA THR E 474 -14.07 42.65 -34.79
C THR E 474 -13.75 43.28 -33.45
N THR E 475 -13.08 42.53 -32.60
CA THR E 475 -12.87 42.91 -31.22
C THR E 475 -11.40 43.25 -31.03
N ASN E 476 -11.05 43.66 -29.82
CA ASN E 476 -9.63 43.71 -29.51
C ASN E 476 -9.10 42.31 -29.25
N GLN E 477 -9.92 41.48 -28.60
CA GLN E 477 -9.56 40.09 -28.41
C GLN E 477 -9.49 39.36 -29.74
N LYS E 478 -10.43 39.61 -30.64
CA LYS E 478 -10.49 38.86 -31.89
C LYS E 478 -9.37 39.22 -32.86
N THR E 479 -8.69 40.37 -32.69
CA THR E 479 -7.54 40.68 -33.55
C THR E 479 -6.26 40.01 -33.09
N GLU E 480 -6.14 39.70 -31.80
CA GLU E 480 -4.94 39.04 -31.30
C GLU E 480 -4.93 37.57 -31.66
N LEU E 481 -6.09 36.91 -31.57
CA LEU E 481 -6.21 35.53 -32.03
C LEU E 481 -6.02 35.41 -33.54
N GLN E 482 -6.22 36.47 -34.31
CA GLN E 482 -6.01 36.38 -35.75
C GLN E 482 -4.57 36.63 -36.16
N ALA E 483 -3.85 37.47 -35.43
CA ALA E 483 -2.42 37.61 -35.73
C ALA E 483 -1.70 36.27 -35.64
N ILE E 484 -2.04 35.45 -34.64
CA ILE E 484 -1.37 34.17 -34.47
C ILE E 484 -1.79 33.19 -35.55
N TYR E 485 -3.02 33.34 -36.05
CA TYR E 485 -3.45 32.56 -37.20
C TYR E 485 -2.79 33.03 -38.49
N LEU E 486 -2.60 34.36 -38.65
CA LEU E 486 -1.85 34.84 -39.80
C LEU E 486 -0.43 34.31 -39.77
N ALA E 487 0.19 34.32 -38.60
CA ALA E 487 1.56 33.82 -38.51
C ALA E 487 1.61 32.30 -38.71
N LEU E 488 0.62 31.57 -38.22
CA LEU E 488 0.69 30.13 -38.39
C LEU E 488 0.40 29.74 -39.83
N GLN E 489 -0.48 30.49 -40.50
CA GLN E 489 -0.66 30.28 -41.94
C GLN E 489 0.63 30.55 -42.71
N ASP E 490 1.23 31.72 -42.48
CA ASP E 490 2.37 32.18 -43.25
C ASP E 490 3.70 31.66 -42.73
N SER E 491 3.71 30.53 -42.03
CA SER E 491 4.96 30.04 -41.48
C SER E 491 5.28 28.65 -42.03
N GLY E 492 6.55 28.27 -41.88
CA GLY E 492 6.98 26.94 -42.25
C GLY E 492 6.47 25.91 -41.25
N LEU E 493 7.03 24.70 -41.37
CA LEU E 493 6.61 23.65 -40.47
C LEU E 493 7.23 23.79 -39.09
N GLU E 494 8.26 24.60 -38.93
CA GLU E 494 8.80 25.01 -37.65
C GLU E 494 8.66 26.52 -37.54
N VAL E 495 8.14 27.02 -36.42
CA VAL E 495 7.93 28.45 -36.28
C VAL E 495 7.97 28.81 -34.80
N ASN E 496 8.39 30.04 -34.52
CA ASN E 496 8.27 30.66 -33.22
C ASN E 496 7.34 31.87 -33.36
N ILE E 497 6.50 32.12 -32.38
CA ILE E 497 5.59 33.25 -32.44
C ILE E 497 5.61 33.97 -31.10
N VAL E 498 5.76 35.29 -31.15
CA VAL E 498 5.76 36.13 -29.96
C VAL E 498 4.51 37.00 -30.03
N THR E 499 3.54 36.70 -29.16
CA THR E 499 2.33 37.51 -29.08
C THR E 499 2.31 38.17 -27.72
N ASN E 500 1.73 39.36 -27.64
CA ASN E 500 1.57 40.00 -26.35
C ASN E 500 0.13 39.87 -25.84
N SER E 501 -0.57 38.86 -26.33
CA SER E 501 -1.93 38.54 -25.91
C SER E 501 -1.86 37.51 -24.78
N GLN E 502 -2.11 37.95 -23.53
CA GLN E 502 -2.33 37.00 -22.43
C GLN E 502 -3.56 36.14 -22.72
N TYR E 503 -4.59 36.76 -23.29
CA TYR E 503 -5.83 36.05 -23.62
C TYR E 503 -5.58 34.87 -24.55
N ALA E 504 -4.91 35.11 -25.68
CA ALA E 504 -4.71 34.06 -26.68
C ALA E 504 -3.76 32.98 -26.18
N LEU E 505 -2.62 33.39 -25.63
CA LEU E 505 -1.67 32.41 -25.09
C LEU E 505 -2.31 31.58 -23.99
N GLY E 506 -3.23 32.17 -23.21
CA GLY E 506 -3.97 31.38 -22.25
C GLY E 506 -4.79 30.29 -22.91
N ILE E 507 -5.48 30.65 -24.00
CA ILE E 507 -6.30 29.71 -24.74
C ILE E 507 -5.46 28.54 -25.25
N ILE E 508 -4.46 28.85 -26.08
CA ILE E 508 -3.66 27.81 -26.72
C ILE E 508 -3.06 26.87 -25.68
N GLN E 509 -2.49 27.44 -24.61
CA GLN E 509 -1.70 26.64 -23.65
C GLN E 509 -2.49 25.49 -23.04
N ALA E 510 -3.81 25.50 -23.18
CA ALA E 510 -4.64 24.42 -22.68
C ALA E 510 -4.79 23.27 -23.68
N GLN E 511 -3.95 23.23 -24.71
CA GLN E 511 -3.92 22.21 -25.76
C GLN E 511 -5.33 21.86 -26.29
N PRO E 512 -6.07 22.82 -26.83
CA PRO E 512 -7.50 22.60 -27.13
C PRO E 512 -7.81 22.25 -28.57
N ASP E 513 -8.57 21.18 -28.81
CA ASP E 513 -8.81 20.70 -30.17
C ASP E 513 -10.24 20.91 -30.66
N LYS E 514 -11.18 21.18 -29.80
CA LYS E 514 -12.57 21.39 -30.18
C LYS E 514 -12.95 22.78 -29.67
N SER E 515 -13.38 23.67 -30.55
CA SER E 515 -13.68 25.03 -30.09
C SER E 515 -14.96 25.60 -30.69
N GLU E 516 -15.58 26.52 -29.94
CA GLU E 516 -16.83 27.17 -30.29
C GLU E 516 -16.64 28.34 -31.26
N SER E 517 -15.52 29.04 -31.19
CA SER E 517 -15.21 30.12 -32.13
C SER E 517 -14.70 29.52 -33.44
N GLU E 518 -15.34 29.85 -34.57
CA GLU E 518 -14.88 29.29 -35.85
C GLU E 518 -13.44 29.66 -36.15
N LEU E 519 -12.95 30.76 -35.57
CA LEU E 519 -11.57 31.18 -35.78
C LEU E 519 -10.58 30.28 -35.03
N VAL E 520 -10.88 29.93 -33.77
CA VAL E 520 -9.96 29.08 -33.02
C VAL E 520 -9.86 27.71 -33.68
N ASN E 521 -10.95 27.22 -34.29
CA ASN E 521 -10.88 25.95 -35.01
C ASN E 521 -9.98 26.02 -36.24
N GLN E 522 -9.78 27.22 -36.82
CA GLN E 522 -8.80 27.39 -37.91
C GLN E 522 -7.38 27.30 -37.38
N ILE E 523 -7.12 27.86 -36.19
CA ILE E 523 -5.79 27.80 -35.59
C ILE E 523 -5.47 26.37 -35.13
N ILE E 524 -6.46 25.66 -34.59
CA ILE E 524 -6.20 24.31 -34.13
C ILE E 524 -5.74 23.44 -35.28
N GLU E 525 -6.29 23.68 -36.47
CA GLU E 525 -5.91 22.88 -37.63
C GLU E 525 -4.49 23.15 -38.05
N GLN E 526 -4.01 24.39 -37.90
CA GLN E 526 -2.64 24.73 -38.29
C GLN E 526 -1.63 24.22 -37.27
N LEU E 527 -1.92 24.34 -35.99
CA LEU E 527 -1.01 23.77 -34.99
C LEU E 527 -0.90 22.27 -35.18
N ILE E 528 -1.97 21.63 -35.63
CA ILE E 528 -1.93 20.21 -35.90
C ILE E 528 -1.03 19.94 -37.11
N LYS E 529 -0.99 20.86 -38.08
CA LYS E 529 -0.22 20.67 -39.30
C LYS E 529 1.26 21.04 -39.15
N LYS E 530 1.65 21.69 -38.06
CA LYS E 530 3.04 22.07 -37.82
C LYS E 530 3.86 20.92 -37.22
N GLU E 531 5.16 21.11 -37.22
CA GLU E 531 6.13 20.21 -36.59
C GLU E 531 6.65 20.73 -35.26
N LYS E 532 7.02 22.01 -35.21
CA LYS E 532 7.57 22.60 -34.00
C LYS E 532 7.02 24.01 -33.83
N VAL E 533 6.09 24.22 -32.90
CA VAL E 533 5.57 25.56 -32.62
C VAL E 533 5.90 25.94 -31.19
N TYR E 534 6.54 27.10 -31.03
CA TYR E 534 6.80 27.70 -29.74
C TYR E 534 6.20 29.09 -29.70
N LEU E 535 5.47 29.39 -28.63
CA LEU E 535 4.72 30.63 -28.51
C LEU E 535 5.10 31.31 -27.21
N ALA E 536 5.41 32.62 -27.25
CA ALA E 536 5.79 33.35 -26.05
C ALA E 536 5.03 34.66 -25.89
N TRP E 537 5.04 35.16 -24.65
CA TRP E 537 4.33 36.37 -24.24
C TRP E 537 5.31 37.41 -23.73
N VAL E 538 5.21 38.63 -24.23
CA VAL E 538 5.91 39.78 -23.65
C VAL E 538 4.85 40.82 -23.33
N PRO E 539 5.17 41.79 -22.47
CA PRO E 539 4.21 42.84 -22.13
C PRO E 539 4.14 43.98 -23.15
N ALA E 540 3.05 44.75 -23.04
CA ALA E 540 2.75 45.82 -23.99
C ALA E 540 3.51 47.11 -23.70
N HIS E 541 3.82 47.85 -24.76
CA HIS E 541 4.44 49.17 -24.70
C HIS E 541 5.70 49.17 -23.85
N LYS E 542 6.47 48.08 -23.89
CA LYS E 542 7.74 48.06 -23.18
C LYS E 542 8.91 47.99 -24.14
N GLY E 543 8.68 48.16 -25.43
CA GLY E 543 9.73 48.24 -26.41
C GLY E 543 10.59 47.00 -26.48
N ILE E 544 9.96 45.82 -26.49
CA ILE E 544 10.66 44.54 -26.55
C ILE E 544 10.74 44.10 -28.00
N GLY E 545 11.97 43.98 -28.52
CA GLY E 545 12.17 43.46 -29.86
C GLY E 545 11.28 44.14 -30.88
N GLY E 546 10.74 43.34 -31.79
CA GLY E 546 9.81 43.79 -32.80
C GLY E 546 8.38 43.97 -32.33
N ASN E 547 8.06 43.55 -31.11
CA ASN E 547 6.71 43.78 -30.62
C ASN E 547 6.39 45.26 -30.47
N GLU E 548 7.38 46.10 -30.14
CA GLU E 548 7.04 47.53 -30.14
C GLU E 548 6.75 48.02 -31.54
N GLN E 549 7.43 47.46 -32.53
CA GLN E 549 7.22 47.91 -33.90
C GLN E 549 5.94 47.32 -34.49
N VAL E 550 5.76 46.00 -34.39
CA VAL E 550 4.60 45.40 -35.03
C VAL E 550 3.32 45.96 -34.42
N ASP E 551 3.37 46.37 -33.15
CA ASP E 551 2.26 47.10 -32.56
C ASP E 551 2.03 48.41 -33.29
N LYS E 552 3.11 49.03 -33.79
CA LYS E 552 2.94 50.22 -34.63
C LYS E 552 2.36 49.84 -35.98
N LEU E 553 2.80 48.72 -36.58
CA LEU E 553 2.26 48.31 -37.87
C LEU E 553 0.82 47.82 -37.79
N VAL E 554 0.34 47.36 -36.63
CA VAL E 554 -1.04 46.85 -36.56
C VAL E 554 -2.03 47.85 -36.00
N SER E 555 -1.58 48.96 -35.43
CA SER E 555 -2.56 49.94 -34.95
C SER E 555 -3.06 50.76 -36.13
N PRO F 20 -27.25 21.15 35.05
CA PRO F 20 -27.81 22.39 35.62
C PRO F 20 -26.88 23.59 35.50
N ILE F 21 -26.24 23.80 34.34
CA ILE F 21 -25.28 24.89 34.15
C ILE F 21 -25.99 26.08 33.52
N GLU F 22 -25.54 27.28 33.89
CA GLU F 22 -26.12 28.48 33.31
C GLU F 22 -25.82 28.47 31.82
N THR F 23 -26.80 28.87 31.01
CA THR F 23 -26.70 28.74 29.55
C THR F 23 -26.49 30.13 28.97
N VAL F 24 -25.32 30.37 28.38
CA VAL F 24 -25.09 31.66 27.75
C VAL F 24 -25.97 31.70 26.50
N PRO F 25 -26.84 32.70 26.37
CA PRO F 25 -27.67 32.80 25.18
C PRO F 25 -26.89 33.33 23.99
N VAL F 26 -27.37 32.97 22.80
CA VAL F 26 -26.73 33.34 21.55
C VAL F 26 -27.78 33.95 20.63
N LYS F 27 -27.36 34.93 19.83
CA LYS F 27 -28.24 35.49 18.82
C LYS F 27 -27.47 35.80 17.55
N LEU F 28 -28.19 35.75 16.44
CA LEU F 28 -27.65 35.93 15.10
C LEU F 28 -27.43 37.40 14.81
N LYS F 29 -26.54 37.66 13.82
CA LYS F 29 -26.34 39.01 13.34
C LYS F 29 -27.69 39.60 12.98
N PRO F 30 -27.88 40.89 13.17
CA PRO F 30 -29.21 41.48 12.95
C PRO F 30 -29.67 41.27 11.53
N GLY F 31 -30.80 40.58 11.39
CA GLY F 31 -31.44 40.43 10.10
C GLY F 31 -30.80 39.43 9.17
N MET F 32 -29.91 38.58 9.64
CA MET F 32 -29.32 37.56 8.79
C MET F 32 -29.88 36.21 9.23
N ASP F 33 -30.51 35.51 8.30
CA ASP F 33 -31.17 34.26 8.59
C ASP F 33 -30.14 33.16 8.82
N GLY F 34 -30.59 32.07 9.42
CA GLY F 34 -29.74 30.91 9.64
C GLY F 34 -29.46 30.20 8.34
N PRO F 35 -28.60 29.19 8.37
CA PRO F 35 -28.15 28.57 7.12
C PRO F 35 -29.24 27.71 6.47
N LYS F 36 -29.23 27.70 5.11
CA LYS F 36 -30.07 26.78 4.31
C LYS F 36 -29.25 26.23 3.14
N VAL F 37 -28.44 25.20 3.39
CA VAL F 37 -27.56 24.60 2.39
C VAL F 37 -27.88 23.12 2.24
N LYS F 38 -28.05 22.65 1.00
CA LYS F 38 -28.32 21.23 0.77
C LYS F 38 -27.10 20.38 1.08
N GLN F 39 -27.39 19.14 1.48
CA GLN F 39 -26.39 18.19 1.90
C GLN F 39 -25.81 17.44 0.72
N TRP F 40 -24.48 17.49 0.56
CA TRP F 40 -23.84 16.83 -0.58
C TRP F 40 -23.87 15.31 -0.41
N PRO F 41 -24.04 14.57 -1.49
CA PRO F 41 -24.13 13.09 -1.39
C PRO F 41 -22.83 12.48 -0.91
N LEU F 42 -22.94 11.29 -0.32
CA LEU F 42 -21.79 10.67 0.32
C LEU F 42 -21.61 9.21 -0.05
N THR F 43 -20.35 8.75 0.04
CA THR F 43 -20.05 7.34 -0.13
C THR F 43 -20.70 6.57 1.01
N GLU F 44 -21.21 5.38 0.68
CA GLU F 44 -21.96 4.61 1.66
C GLU F 44 -21.16 4.29 2.92
N GLU F 45 -19.81 4.27 2.84
CA GLU F 45 -19.05 4.00 4.04
C GLU F 45 -19.06 5.17 5.00
N LYS F 46 -19.28 6.38 4.51
CA LYS F 46 -19.42 7.51 5.42
C LYS F 46 -20.87 7.74 5.84
N ILE F 47 -21.82 6.98 5.29
CA ILE F 47 -23.18 7.04 5.80
C ILE F 47 -23.33 6.17 7.03
N LYS F 48 -22.98 4.89 6.88
CA LYS F 48 -23.10 3.95 7.98
C LYS F 48 -22.24 4.36 9.15
N ALA F 49 -21.22 5.19 8.92
CA ALA F 49 -20.40 5.72 9.99
C ALA F 49 -21.07 6.91 10.67
N LEU F 50 -21.77 7.76 9.91
CA LEU F 50 -22.53 8.84 10.52
C LEU F 50 -23.90 8.39 11.01
N VAL F 51 -24.44 7.30 10.48
CA VAL F 51 -25.61 6.68 11.12
C VAL F 51 -25.23 6.18 12.51
N GLU F 52 -23.98 5.74 12.67
CA GLU F 52 -23.50 5.16 13.92
C GLU F 52 -23.15 6.23 14.94
N ILE F 53 -22.24 7.15 14.60
CA ILE F 53 -21.80 8.20 15.52
C ILE F 53 -22.94 9.12 15.91
N CYS F 54 -24.00 9.18 15.10
CA CYS F 54 -25.16 10.00 15.44
C CYS F 54 -26.23 9.26 16.23
N THR F 55 -26.34 7.94 16.09
CA THR F 55 -27.27 7.20 16.94
C THR F 55 -26.83 7.30 18.40
N GLU F 56 -25.55 7.05 18.65
CA GLU F 56 -25.03 7.07 20.02
C GLU F 56 -24.86 8.48 20.56
N MET F 57 -24.67 9.47 19.70
CA MET F 57 -24.72 10.85 20.19
C MET F 57 -26.13 11.26 20.57
N GLU F 58 -27.14 10.60 20.00
CA GLU F 58 -28.53 10.83 20.39
C GLU F 58 -28.92 10.06 21.65
N LYS F 59 -28.35 8.86 21.84
CA LYS F 59 -28.54 8.07 23.05
C LYS F 59 -28.02 8.81 24.28
N GLU F 60 -26.93 9.56 24.14
CA GLU F 60 -26.45 10.45 25.19
C GLU F 60 -27.13 11.81 25.19
N GLY F 61 -27.91 12.13 24.16
CA GLY F 61 -28.61 13.40 24.17
C GLY F 61 -27.84 14.58 23.60
N LYS F 62 -26.63 14.37 23.06
CA LYS F 62 -25.93 15.50 22.44
C LYS F 62 -26.74 16.06 21.29
N ILE F 63 -27.55 15.23 20.63
CA ILE F 63 -28.41 15.63 19.52
C ILE F 63 -29.77 14.93 19.65
N SER F 64 -30.79 15.55 19.05
CA SER F 64 -32.16 15.05 19.11
C SER F 64 -32.86 15.26 17.76
N LYS F 65 -33.60 14.24 17.32
CA LYS F 65 -34.25 14.31 16.01
C LYS F 65 -35.24 15.47 15.97
N ILE F 66 -35.41 16.05 14.78
CA ILE F 66 -36.43 17.08 14.54
C ILE F 66 -37.28 16.68 13.33
N GLY F 67 -38.18 17.57 12.94
CA GLY F 67 -39.11 17.29 11.87
C GLY F 67 -39.06 18.33 10.77
N PRO F 68 -40.13 18.39 9.95
CA PRO F 68 -40.11 19.25 8.77
C PRO F 68 -40.31 20.72 9.07
N GLU F 69 -40.74 21.04 10.30
CA GLU F 69 -40.96 22.42 10.72
C GLU F 69 -39.68 23.23 10.81
N ASN F 70 -38.52 22.57 10.86
CA ASN F 70 -37.24 23.26 10.83
C ASN F 70 -36.77 23.35 9.38
N PRO F 71 -36.71 24.55 8.79
CA PRO F 71 -36.22 24.69 7.42
C PRO F 71 -34.74 24.96 7.29
N TYR F 72 -33.96 24.78 8.35
CA TYR F 72 -32.55 25.13 8.39
C TYR F 72 -31.69 23.87 8.31
N ASN F 73 -30.61 23.92 7.53
CA ASN F 73 -29.74 22.77 7.42
C ASN F 73 -28.30 23.20 7.23
N THR F 74 -27.38 22.37 7.75
CA THR F 74 -25.94 22.59 7.66
C THR F 74 -25.31 21.27 7.19
N PRO F 75 -24.40 21.30 6.21
CA PRO F 75 -23.83 20.04 5.71
C PRO F 75 -23.02 19.33 6.79
N VAL F 76 -22.87 18.02 6.63
CA VAL F 76 -22.07 17.23 7.56
C VAL F 76 -21.63 15.96 6.84
N PHE F 77 -20.43 15.49 7.15
CA PHE F 77 -19.87 14.29 6.53
C PHE F 77 -18.95 13.60 7.52
N ALA F 78 -18.15 12.66 7.02
CA ALA F 78 -17.25 11.88 7.85
C ALA F 78 -15.86 11.88 7.25
N ILE F 79 -14.89 12.30 8.05
CA ILE F 79 -13.49 12.19 7.75
C ILE F 79 -12.92 11.15 8.71
N LYS F 80 -11.73 10.69 8.44
CA LYS F 80 -10.98 9.93 9.42
C LYS F 80 -9.79 10.80 9.79
N LYS F 81 -9.83 11.36 10.99
CA LYS F 81 -8.67 12.10 11.46
C LYS F 81 -7.46 11.16 11.44
N LYS F 82 -6.27 11.75 11.32
CA LYS F 82 -5.09 11.02 10.88
C LYS F 82 -4.86 9.68 11.56
N ASP F 83 -5.08 8.60 10.83
CA ASP F 83 -4.78 7.24 11.28
C ASP F 83 -5.55 6.93 12.58
N SER F 84 -6.86 6.89 12.43
CA SER F 84 -7.81 6.53 13.47
C SER F 84 -8.54 5.25 13.17
N THR F 85 -8.93 5.05 11.91
CA THR F 85 -9.78 3.95 11.47
C THR F 85 -11.09 3.92 12.26
N LYS F 86 -11.28 4.95 13.08
CA LYS F 86 -12.53 5.20 13.78
C LYS F 86 -12.97 6.58 13.35
N TRP F 87 -14.11 6.64 12.67
CA TRP F 87 -14.49 7.85 11.95
C TRP F 87 -14.68 9.03 12.89
N ARG F 88 -14.39 10.21 12.35
CA ARG F 88 -14.59 11.48 13.02
C ARG F 88 -15.71 12.19 12.27
N LYS F 89 -16.65 12.76 13.00
CA LYS F 89 -17.71 13.56 12.38
C LYS F 89 -17.23 15.01 12.31
N LEU F 90 -17.39 15.63 11.13
CA LEU F 90 -17.00 17.02 10.91
C LEU F 90 -18.13 17.72 10.18
N VAL F 91 -18.53 18.91 10.68
CA VAL F 91 -19.68 19.65 10.17
C VAL F 91 -19.19 20.87 9.41
N ASP F 92 -19.99 21.33 8.44
CA ASP F 92 -19.62 22.47 7.58
C ASP F 92 -20.34 23.70 8.08
N PHE F 93 -19.73 24.37 9.06
CA PHE F 93 -20.34 25.52 9.67
C PHE F 93 -19.94 26.83 9.01
N ARG F 94 -19.38 26.78 7.81
CA ARG F 94 -18.92 28.01 7.18
C ARG F 94 -20.10 28.93 6.86
N GLU F 95 -21.22 28.35 6.45
CA GLU F 95 -22.38 29.17 6.16
C GLU F 95 -23.04 29.63 7.45
N LEU F 96 -23.06 28.76 8.47
CA LEU F 96 -23.56 29.18 9.77
C LEU F 96 -22.61 30.14 10.49
N ASN F 97 -21.29 30.07 10.21
CA ASN F 97 -20.34 30.93 10.91
C ASN F 97 -20.47 32.39 10.47
N LYS F 98 -20.41 32.64 9.17
CA LYS F 98 -20.54 34.02 8.69
C LYS F 98 -21.92 34.60 8.96
N ARG F 99 -22.81 33.83 9.59
CA ARG F 99 -24.15 34.26 9.98
C ARG F 99 -24.33 34.39 11.50
N THR F 100 -23.31 34.10 12.30
CA THR F 100 -23.30 34.44 13.72
C THR F 100 -22.21 35.45 14.04
N GLN F 101 -21.58 36.05 13.02
CA GLN F 101 -20.24 36.62 13.15
C GLN F 101 -20.15 37.65 14.28
N ASP F 102 -21.24 38.34 14.61
CA ASP F 102 -21.17 39.37 15.63
C ASP F 102 -20.99 38.82 17.04
N PHE F 103 -21.42 37.58 17.28
CA PHE F 103 -21.30 37.00 18.62
C PHE F 103 -19.85 36.67 18.96
N TRP F 104 -19.13 36.01 18.05
CA TRP F 104 -17.81 35.46 18.34
C TRP F 104 -16.64 36.36 18.00
N GLU F 105 -16.88 37.54 17.43
CA GLU F 105 -15.82 38.50 17.15
C GLU F 105 -15.89 39.72 18.06
N VAL F 106 -17.06 40.35 18.14
CA VAL F 106 -17.18 41.61 18.86
C VAL F 106 -17.31 41.39 20.37
N GLN F 107 -17.83 40.25 20.83
CA GLN F 107 -18.11 40.13 22.26
C GLN F 107 -17.02 39.43 23.05
N LEU F 108 -17.05 38.10 23.07
CA LEU F 108 -16.20 37.31 23.96
C LEU F 108 -15.01 36.69 23.22
N GLY F 109 -14.35 37.46 22.34
CA GLY F 109 -13.26 36.94 21.51
C GLY F 109 -12.05 36.39 22.24
N ILE F 110 -11.06 35.92 21.48
CA ILE F 110 -9.83 35.36 22.01
C ILE F 110 -8.65 36.15 21.44
N PRO F 111 -7.73 36.65 22.26
CA PRO F 111 -6.63 37.47 21.75
C PRO F 111 -5.57 36.63 21.03
N HIS F 112 -4.63 37.32 20.38
CA HIS F 112 -3.64 36.65 19.54
C HIS F 112 -2.22 36.84 20.06
N PRO F 113 -1.50 35.76 20.32
CA PRO F 113 -0.13 35.85 20.82
C PRO F 113 0.90 36.10 19.72
N ALA F 114 1.15 37.37 19.42
CA ALA F 114 2.03 37.75 18.31
C ALA F 114 3.33 36.94 18.26
N GLY F 115 3.78 36.44 19.41
CA GLY F 115 5.06 35.77 19.49
C GLY F 115 5.01 34.29 19.31
N LEU F 116 3.82 33.71 19.12
CA LEU F 116 3.70 32.26 18.99
C LEU F 116 4.40 31.71 17.75
N LYS F 117 4.36 32.46 16.64
CA LYS F 117 5.01 32.07 15.38
C LYS F 117 6.52 32.00 15.48
N LYS F 118 7.11 32.67 16.46
CA LYS F 118 8.56 32.64 16.62
C LYS F 118 9.01 31.38 17.35
N LYS F 119 8.12 30.79 18.14
CA LYS F 119 8.47 29.70 19.04
C LYS F 119 9.17 28.57 18.29
N LYS F 120 10.19 27.98 18.93
CA LYS F 120 11.04 27.00 18.25
C LYS F 120 10.32 25.67 18.02
N SER F 121 9.21 25.41 18.72
CA SER F 121 8.42 24.20 18.53
C SER F 121 7.00 24.49 19.00
N VAL F 122 6.02 23.98 18.26
CA VAL F 122 4.61 24.19 18.59
C VAL F 122 3.84 22.93 18.30
N THR F 123 3.03 22.49 19.27
CA THR F 123 2.20 21.29 19.16
C THR F 123 0.74 21.71 19.03
N VAL F 124 -0.02 20.92 18.30
CA VAL F 124 -1.45 21.15 18.11
C VAL F 124 -2.18 20.16 19.01
N LEU F 125 -3.19 20.65 19.73
CA LEU F 125 -3.96 19.79 20.63
C LEU F 125 -5.44 19.97 20.40
N ASP F 126 -6.13 18.87 20.16
CA ASP F 126 -7.56 18.88 19.89
C ASP F 126 -8.27 18.88 21.24
N VAL F 127 -8.81 20.03 21.64
CA VAL F 127 -9.53 20.15 22.88
C VAL F 127 -11.02 20.34 22.64
N GLY F 128 -11.48 20.11 21.42
CA GLY F 128 -12.84 20.42 21.04
C GLY F 128 -13.88 19.63 21.77
N ASP F 129 -13.52 18.44 22.26
CA ASP F 129 -14.48 17.57 22.93
C ASP F 129 -15.07 18.22 24.17
N ALA F 130 -14.38 19.19 24.78
CA ALA F 130 -14.91 19.88 25.96
C ALA F 130 -16.15 20.71 25.62
N TYR F 131 -16.38 20.98 24.34
CA TYR F 131 -17.62 21.63 23.93
C TYR F 131 -18.81 20.69 24.07
N PHE F 132 -18.56 19.38 24.22
CA PHE F 132 -19.64 18.40 24.25
C PHE F 132 -20.46 18.41 25.53
N SER F 133 -19.93 18.91 26.64
CA SER F 133 -20.74 18.95 27.86
C SER F 133 -21.63 20.19 27.89
N VAL F 134 -21.04 21.35 28.17
CA VAL F 134 -21.76 22.59 28.46
C VAL F 134 -22.97 22.73 27.53
N PRO F 135 -24.16 23.03 28.05
CA PRO F 135 -25.36 23.06 27.21
C PRO F 135 -25.41 24.33 26.37
N LEU F 136 -26.40 24.37 25.49
CA LEU F 136 -26.53 25.42 24.48
C LEU F 136 -27.88 26.10 24.64
N ASP F 137 -27.91 27.42 24.45
CA ASP F 137 -29.13 28.20 24.41
C ASP F 137 -30.21 27.50 23.60
N GLU F 138 -31.45 27.63 24.04
CA GLU F 138 -32.53 26.90 23.38
C GLU F 138 -33.01 27.56 22.08
N ASP F 139 -32.84 28.87 21.94
CA ASP F 139 -33.24 29.52 20.70
C ASP F 139 -32.44 29.02 19.51
N PHE F 140 -31.15 28.73 19.73
CA PHE F 140 -30.13 28.56 18.70
C PHE F 140 -30.01 27.13 18.17
N ARG F 141 -30.61 26.13 18.83
CA ARG F 141 -30.48 24.75 18.39
C ARG F 141 -31.27 24.42 17.13
N LYS F 142 -32.13 25.33 16.67
CA LYS F 142 -32.77 25.14 15.38
C LYS F 142 -31.88 25.59 14.23
N TYR F 143 -30.84 26.37 14.53
CA TYR F 143 -29.93 26.92 13.53
C TYR F 143 -28.71 26.05 13.24
N THR F 144 -28.56 24.90 13.90
CA THR F 144 -27.42 24.01 13.65
C THR F 144 -27.89 22.63 13.20
N ALA F 145 -29.05 22.55 12.55
CA ALA F 145 -29.62 21.26 12.18
C ALA F 145 -28.96 20.69 10.93
N PHE F 146 -28.66 19.38 10.95
CA PHE F 146 -28.05 18.73 9.80
C PHE F 146 -28.86 17.50 9.36
N THR F 147 -28.82 17.21 8.06
CA THR F 147 -29.46 16.03 7.50
C THR F 147 -28.41 14.95 7.33
N ILE F 148 -28.82 13.69 7.50
CA ILE F 148 -27.99 12.54 7.13
C ILE F 148 -28.67 11.86 5.95
N PRO F 149 -28.04 11.81 4.78
CA PRO F 149 -28.70 11.29 3.58
C PRO F 149 -28.61 9.78 3.47
N SER F 150 -29.45 9.21 2.61
CA SER F 150 -29.43 7.79 2.33
C SER F 150 -29.41 7.55 0.83
N ILE F 151 -29.02 6.31 0.48
CA ILE F 151 -28.55 6.00 -0.88
C ILE F 151 -29.72 5.89 -1.85
N ASN F 152 -29.59 6.55 -2.99
CA ASN F 152 -30.60 6.65 -4.05
C ASN F 152 -31.88 7.30 -3.54
N ASN F 153 -31.75 8.24 -2.59
CA ASN F 153 -32.90 8.96 -2.04
C ASN F 153 -34.00 7.96 -1.70
N GLU F 154 -33.64 7.03 -0.81
CA GLU F 154 -34.55 5.99 -0.34
C GLU F 154 -35.32 6.48 0.88
N THR F 155 -34.68 6.51 2.04
CA THR F 155 -35.26 7.13 3.23
C THR F 155 -35.19 8.64 3.09
N PRO F 156 -36.25 9.37 3.37
CA PRO F 156 -36.09 10.81 3.55
C PRO F 156 -35.01 11.11 4.59
N GLY F 157 -34.47 12.33 4.58
CA GLY F 157 -33.27 12.60 5.35
C GLY F 157 -33.54 12.59 6.86
N ILE F 158 -32.63 11.95 7.59
CA ILE F 158 -32.84 11.70 9.04
C ILE F 158 -32.26 12.89 9.80
N ARG F 159 -33.08 13.93 9.94
CA ARG F 159 -32.61 15.25 10.39
C ARG F 159 -32.49 15.33 11.93
N TYR F 160 -31.33 15.80 12.43
CA TYR F 160 -30.98 15.97 13.84
C TYR F 160 -30.90 17.46 14.20
N GLN F 161 -30.41 17.76 15.40
CA GLN F 161 -29.94 19.11 15.73
C GLN F 161 -29.10 19.07 17.01
N TYR F 162 -28.36 20.15 17.25
CA TYR F 162 -27.29 20.15 18.25
C TYR F 162 -27.77 20.76 19.57
N ASN F 163 -27.84 19.91 20.60
CA ASN F 163 -28.29 20.22 21.95
C ASN F 163 -27.17 20.71 22.88
N VAL F 164 -25.92 20.60 22.46
CA VAL F 164 -24.78 21.11 23.21
C VAL F 164 -24.03 22.10 22.32
N LEU F 165 -22.86 22.54 22.75
CA LEU F 165 -22.01 23.39 21.93
C LEU F 165 -21.34 22.48 20.89
N PRO F 166 -21.68 22.59 19.61
CA PRO F 166 -21.22 21.59 18.65
C PRO F 166 -19.72 21.69 18.38
N GLN F 167 -19.19 20.63 17.79
CA GLN F 167 -17.79 20.61 17.37
C GLN F 167 -17.66 21.33 16.03
N GLY F 168 -16.76 22.30 15.98
CA GLY F 168 -16.47 23.01 14.75
C GLY F 168 -17.19 24.32 14.58
N TRP F 169 -18.16 24.65 15.43
CA TRP F 169 -18.75 25.99 15.40
C TRP F 169 -17.73 26.99 15.96
N LYS F 170 -17.90 28.26 15.58
CA LYS F 170 -17.01 29.34 16.02
C LYS F 170 -17.57 30.11 17.19
N GLY F 171 -18.72 29.71 17.72
CA GLY F 171 -19.26 30.23 18.96
C GLY F 171 -18.92 29.42 20.18
N SER F 172 -18.40 28.21 19.97
CA SER F 172 -17.95 27.32 21.01
C SER F 172 -16.70 27.82 21.74
N PRO F 173 -15.70 28.42 21.08
CA PRO F 173 -14.58 28.98 21.83
C PRO F 173 -14.84 30.35 22.45
N ALA F 174 -16.01 30.95 22.22
CA ALA F 174 -16.35 32.21 22.88
C ALA F 174 -17.14 32.01 24.16
N ILE F 175 -18.15 31.13 24.11
CA ILE F 175 -18.94 30.81 25.30
C ILE F 175 -18.07 30.14 26.34
N PHE F 176 -17.23 29.20 25.90
CA PHE F 176 -16.45 28.31 26.76
C PHE F 176 -15.15 28.92 27.25
N GLN F 177 -14.74 30.08 26.74
CA GLN F 177 -13.45 30.62 27.15
C GLN F 177 -13.39 30.90 28.65
N SER F 178 -14.55 31.07 29.29
CA SER F 178 -14.58 31.25 30.73
C SER F 178 -14.13 29.98 31.45
N SER F 179 -14.83 28.87 31.21
CA SER F 179 -14.50 27.61 31.86
C SER F 179 -13.10 27.11 31.52
N MET F 180 -12.51 27.54 30.41
CA MET F 180 -11.19 27.04 30.01
C MET F 180 -10.05 27.78 30.72
N THR F 181 -10.09 29.11 30.71
CA THR F 181 -9.05 29.88 31.39
C THR F 181 -8.96 29.46 32.86
N LYS F 182 -10.12 29.12 33.44
CA LYS F 182 -10.16 28.56 34.78
C LYS F 182 -9.40 27.25 34.85
N ILE F 183 -9.55 26.41 33.82
CA ILE F 183 -8.91 25.10 33.81
C ILE F 183 -7.42 25.17 33.47
N LEU F 184 -7.01 26.10 32.62
CA LEU F 184 -5.60 26.20 32.25
C LEU F 184 -4.79 27.01 33.26
N GLU F 185 -5.45 27.79 34.10
CA GLU F 185 -4.74 28.74 34.95
C GLU F 185 -3.63 28.13 35.79
N PRO F 186 -3.74 26.91 36.32
CA PRO F 186 -2.57 26.32 36.98
C PRO F 186 -1.38 26.10 36.07
N PHE F 187 -1.58 25.62 34.84
CA PHE F 187 -0.43 25.19 34.05
C PHE F 187 0.36 26.36 33.47
N LYS F 188 -0.27 27.51 33.27
CA LYS F 188 0.50 28.67 32.82
C LYS F 188 1.35 29.24 33.95
N LYS F 189 0.89 29.09 35.20
CA LYS F 189 1.69 29.52 36.36
C LYS F 189 2.85 28.57 36.62
N GLN F 190 2.65 27.27 36.38
CA GLN F 190 3.74 26.31 36.57
C GLN F 190 4.80 26.47 35.49
N ASN F 191 4.38 26.70 34.25
CA ASN F 191 5.29 26.91 33.13
C ASN F 191 4.99 28.28 32.57
N PRO F 192 5.80 29.31 32.86
CA PRO F 192 5.44 30.66 32.41
C PRO F 192 5.85 30.95 30.99
N ASP F 193 6.83 30.22 30.45
CA ASP F 193 7.30 30.49 29.09
C ASP F 193 6.39 29.88 28.04
N ILE F 194 5.78 28.74 28.35
CA ILE F 194 4.98 28.03 27.35
C ILE F 194 3.80 28.88 26.94
N VAL F 195 3.50 28.89 25.65
CA VAL F 195 2.48 29.74 25.07
C VAL F 195 1.34 28.85 24.59
N ILE F 196 0.13 29.19 24.98
CA ILE F 196 -1.05 28.43 24.63
C ILE F 196 -1.93 29.33 23.79
N TYR F 197 -2.36 28.81 22.64
CA TYR F 197 -3.33 29.47 21.80
C TYR F 197 -4.39 28.47 21.35
N GLN F 198 -5.63 28.93 21.32
CA GLN F 198 -6.79 28.09 21.07
C GLN F 198 -7.55 28.61 19.86
N TYR F 199 -7.74 27.76 18.86
CA TYR F 199 -8.44 28.11 17.63
C TYR F 199 -9.55 27.10 17.39
N MET F 200 -10.81 27.53 17.53
CA MET F 200 -11.95 26.64 17.31
C MET F 200 -11.65 25.38 18.11
N ASP F 201 -11.72 24.21 17.49
CA ASP F 201 -11.55 22.93 18.18
C ASP F 201 -10.11 22.60 18.54
N ASP F 202 -9.15 23.47 18.23
CA ASP F 202 -7.73 23.12 18.36
C ASP F 202 -7.07 23.96 19.45
N LEU F 203 -5.96 23.44 19.99
CA LEU F 203 -5.13 24.13 20.96
C LEU F 203 -3.68 24.07 20.51
N TYR F 204 -3.01 25.22 20.45
CA TYR F 204 -1.62 25.29 20.00
C TYR F 204 -0.70 25.63 21.18
N VAL F 205 0.17 24.70 21.54
CA VAL F 205 1.09 24.83 22.66
C VAL F 205 2.49 25.06 22.11
N GLY F 206 3.14 26.13 22.53
CA GLY F 206 4.44 26.48 21.95
C GLY F 206 5.54 26.88 22.92
N SER F 207 6.71 26.23 22.83
CA SER F 207 7.84 26.54 23.68
C SER F 207 9.12 26.69 22.87
N ASP F 208 10.10 27.35 23.49
CA ASP F 208 11.47 27.43 22.97
C ASP F 208 12.35 26.29 23.46
N LEU F 209 11.78 25.33 24.19
CA LEU F 209 12.55 24.25 24.79
C LEU F 209 13.14 23.35 23.71
N GLU F 210 14.10 22.52 24.12
CA GLU F 210 14.72 21.62 23.18
C GLU F 210 13.85 20.38 23.05
N ILE F 211 13.93 19.77 21.87
CA ILE F 211 12.85 18.94 21.32
C ILE F 211 12.30 17.95 22.34
N GLY F 212 13.15 17.45 23.23
CA GLY F 212 12.70 16.58 24.28
C GLY F 212 11.97 17.30 25.38
N GLN F 213 12.61 18.32 25.95
CA GLN F 213 12.00 19.11 27.02
C GLN F 213 10.64 19.68 26.62
N HIS F 214 10.43 19.92 25.33
CA HIS F 214 9.10 20.32 24.86
C HIS F 214 8.14 19.13 24.90
N ARG F 215 8.59 17.98 24.38
CA ARG F 215 7.74 16.80 24.39
C ARG F 215 7.30 16.44 25.81
N THR F 216 8.11 16.79 26.82
CA THR F 216 7.75 16.49 28.21
C THR F 216 6.56 17.33 28.65
N LYS F 217 6.62 18.63 28.39
CA LYS F 217 5.59 19.54 28.87
C LYS F 217 4.20 19.16 28.35
N ILE F 218 4.13 18.55 27.16
CA ILE F 218 2.83 18.23 26.58
C ILE F 218 2.16 17.10 27.36
N GLU F 219 2.88 15.98 27.57
CA GLU F 219 2.34 14.90 28.38
C GLU F 219 1.98 15.38 29.77
N GLU F 220 2.74 16.33 30.32
CA GLU F 220 2.33 16.99 31.54
C GLU F 220 1.06 17.81 31.30
N LEU F 221 1.08 18.68 30.30
CA LEU F 221 -0.12 19.42 29.95
C LEU F 221 -1.24 18.50 29.46
N ARG F 222 -0.90 17.33 28.93
CA ARG F 222 -1.91 16.39 28.46
C ARG F 222 -2.71 15.82 29.63
N GLN F 223 -2.01 15.47 30.72
CA GLN F 223 -2.68 14.96 31.91
C GLN F 223 -3.32 16.09 32.73
N HIS F 224 -2.69 17.25 32.82
CA HIS F 224 -3.35 18.36 33.51
C HIS F 224 -4.63 18.77 32.79
N LEU F 225 -4.68 18.57 31.47
CA LEU F 225 -5.93 18.75 30.74
C LEU F 225 -6.77 17.49 30.73
N LEU F 226 -6.17 16.31 30.82
CA LEU F 226 -6.97 15.10 30.98
C LEU F 226 -7.70 15.07 32.32
N ARG F 227 -7.16 15.76 33.33
CA ARG F 227 -7.75 15.69 34.67
C ARG F 227 -8.92 16.65 34.88
N TRP F 228 -9.15 17.61 33.98
CA TRP F 228 -10.30 18.47 34.10
C TRP F 228 -11.48 17.96 33.30
N GLY F 229 -11.38 16.74 32.75
CA GLY F 229 -12.41 16.13 31.95
C GLY F 229 -12.18 16.21 30.45
N LEU F 230 -11.09 16.82 30.02
CA LEU F 230 -10.78 16.95 28.60
C LEU F 230 -10.14 15.67 28.09
N THR F 231 -10.66 15.17 26.98
CA THR F 231 -10.17 13.93 26.40
C THR F 231 -9.19 14.28 25.28
N THR F 232 -7.92 14.02 25.51
CA THR F 232 -6.88 14.29 24.54
C THR F 232 -6.82 13.14 23.52
N PRO F 233 -6.05 13.29 22.42
CA PRO F 233 -5.97 12.16 21.49
C PRO F 233 -5.33 10.90 22.08
N LEU F 244 -0.61 5.93 16.32
CA LEU F 244 0.00 6.96 15.50
C LEU F 244 1.53 6.90 15.59
N TRP F 245 2.18 7.07 14.43
CA TRP F 245 3.64 7.12 14.40
C TRP F 245 4.15 8.35 15.16
N MET F 246 3.76 9.54 14.71
CA MET F 246 4.16 10.80 15.33
C MET F 246 2.93 11.68 15.46
N GLY F 247 3.09 12.82 16.14
CA GLY F 247 2.01 13.75 16.36
C GLY F 247 2.18 15.01 15.53
N TYR F 248 1.09 15.77 15.43
CA TYR F 248 1.12 16.98 14.62
C TYR F 248 1.99 17.99 15.36
N GLU F 249 3.22 18.14 14.90
CA GLU F 249 4.23 18.94 15.58
C GLU F 249 4.73 20.00 14.61
N LEU F 250 4.62 21.26 14.99
CA LEU F 250 5.00 22.39 14.14
C LEU F 250 6.34 22.96 14.55
N HIS F 251 6.95 23.71 13.63
CA HIS F 251 8.22 24.41 13.86
C HIS F 251 8.21 25.80 13.25
N PRO F 252 7.46 26.73 13.82
CA PRO F 252 7.32 28.06 13.20
C PRO F 252 8.64 28.84 13.03
N ASP F 253 9.75 28.41 13.66
CA ASP F 253 11.03 29.08 13.41
C ASP F 253 11.64 28.63 12.08
N LYS F 254 11.53 27.34 11.75
CA LYS F 254 12.05 26.84 10.48
C LYS F 254 11.30 27.37 9.27
N TRP F 255 10.18 28.10 9.47
CA TRP F 255 9.37 28.54 8.34
C TRP F 255 10.15 29.50 7.44
N THR F 256 10.24 29.16 6.16
CA THR F 256 10.88 29.96 5.14
C THR F 256 9.83 30.73 4.35
N VAL F 257 10.28 31.74 3.61
CA VAL F 257 9.42 32.48 2.69
C VAL F 257 9.91 32.19 1.27
N GLN F 258 9.10 32.56 0.28
CA GLN F 258 9.45 32.20 -1.10
C GLN F 258 9.92 33.44 -1.86
N PRO F 259 11.21 33.52 -2.18
CA PRO F 259 11.77 34.72 -2.82
C PRO F 259 11.58 34.72 -4.33
N ILE F 260 11.23 35.89 -4.87
CA ILE F 260 11.10 36.04 -6.31
C ILE F 260 12.48 36.01 -6.95
N VAL F 261 12.87 34.86 -7.49
CA VAL F 261 14.22 34.59 -7.97
C VAL F 261 14.33 34.92 -9.45
N LEU F 262 15.38 35.56 -9.80
CA LEU F 262 15.77 35.71 -11.20
C LEU F 262 16.79 34.65 -11.56
N PRO F 263 16.89 34.27 -12.82
CA PRO F 263 17.90 33.27 -13.18
C PRO F 263 19.29 33.86 -13.10
N GLU F 264 20.26 32.99 -12.90
CA GLU F 264 21.66 33.38 -13.03
C GLU F 264 22.23 32.54 -14.16
N LYS F 265 22.70 33.20 -15.20
CA LYS F 265 23.19 32.57 -16.41
C LYS F 265 24.46 33.30 -16.81
N ASP F 266 25.38 32.55 -17.40
CA ASP F 266 26.55 33.19 -17.99
C ASP F 266 26.18 33.92 -19.27
N SER F 267 25.53 33.22 -20.21
CA SER F 267 25.09 33.81 -21.48
C SER F 267 23.58 33.77 -21.54
N TRP F 268 23.01 34.82 -22.10
CA TRP F 268 21.57 34.99 -22.24
C TRP F 268 21.19 34.99 -23.72
N THR F 269 20.16 34.22 -24.07
CA THR F 269 19.62 34.25 -25.42
C THR F 269 18.45 35.21 -25.47
N VAL F 270 18.14 35.69 -26.68
CA VAL F 270 17.07 36.69 -26.85
C VAL F 270 15.81 36.25 -26.14
N ASN F 271 15.50 34.96 -26.21
CA ASN F 271 14.33 34.43 -25.54
C ASN F 271 14.49 34.49 -24.02
N ASP F 272 15.69 34.20 -23.50
CA ASP F 272 15.92 34.25 -22.06
C ASP F 272 15.70 35.64 -21.50
N ILE F 273 16.06 36.67 -22.28
CA ILE F 273 15.94 38.03 -21.79
C ILE F 273 14.49 38.51 -21.86
N GLN F 274 13.70 37.97 -22.78
CA GLN F 274 12.27 38.31 -22.79
C GLN F 274 11.55 37.67 -21.59
N LYS F 275 11.87 36.41 -21.28
CA LYS F 275 11.34 35.81 -20.06
C LYS F 275 11.76 36.65 -18.84
N LEU F 276 13.02 37.10 -18.82
CA LEU F 276 13.52 37.93 -17.72
C LEU F 276 12.76 39.24 -17.62
N VAL F 277 12.63 39.96 -18.74
CA VAL F 277 11.91 41.23 -18.70
C VAL F 277 10.45 41.01 -18.34
N GLY F 278 9.90 39.84 -18.63
CA GLY F 278 8.52 39.57 -18.27
C GLY F 278 8.35 39.46 -16.77
N LYS F 279 9.25 38.75 -16.11
CA LYS F 279 9.18 38.60 -14.66
C LYS F 279 9.40 39.94 -13.98
N LEU F 280 10.43 40.67 -14.42
CA LEU F 280 10.75 41.96 -13.81
C LEU F 280 9.57 42.93 -13.92
N ASN F 281 8.88 42.97 -15.07
CA ASN F 281 7.71 43.85 -15.15
C ASN F 281 6.56 43.28 -14.36
N TRP F 282 6.45 41.96 -14.27
CA TRP F 282 5.45 41.41 -13.36
C TRP F 282 5.75 41.77 -11.92
N ALA F 283 7.04 41.90 -11.57
CA ALA F 283 7.42 42.24 -10.21
C ALA F 283 7.29 43.73 -9.91
N SER F 284 7.55 44.59 -10.89
CA SER F 284 7.54 46.04 -10.67
C SER F 284 6.23 46.55 -10.11
N GLN F 285 5.20 45.71 -10.04
CA GLN F 285 3.94 46.12 -9.45
C GLN F 285 3.96 46.02 -7.93
N ILE F 286 4.88 45.24 -7.37
CA ILE F 286 5.07 45.19 -5.92
C ILE F 286 6.24 46.10 -5.54
N TYR F 287 7.45 45.78 -6.06
CA TYR F 287 8.67 46.53 -5.78
C TYR F 287 8.83 47.68 -6.78
N PRO F 288 8.44 48.91 -6.44
CA PRO F 288 8.45 49.98 -7.45
C PRO F 288 9.84 50.35 -7.93
N GLY F 289 10.90 49.76 -7.37
CA GLY F 289 12.25 50.17 -7.68
C GLY F 289 12.90 49.47 -8.84
N ILE F 290 12.33 48.37 -9.34
CA ILE F 290 12.96 47.65 -10.44
C ILE F 290 12.87 48.47 -11.73
N LYS F 291 13.80 48.21 -12.65
CA LYS F 291 13.83 48.91 -13.92
C LYS F 291 14.23 47.94 -15.04
N VAL F 292 13.61 48.10 -16.20
CA VAL F 292 13.94 47.33 -17.40
C VAL F 292 14.43 48.20 -18.54
N ARG F 293 14.61 49.50 -18.29
CA ARG F 293 14.91 50.44 -19.36
C ARG F 293 16.19 50.02 -20.08
N GLN F 294 17.23 49.68 -19.31
CA GLN F 294 18.51 49.28 -19.86
C GLN F 294 18.51 47.83 -20.35
N LEU F 295 17.62 46.97 -19.82
CA LEU F 295 17.45 45.62 -20.38
C LEU F 295 16.54 45.60 -21.60
N SER F 296 15.73 46.64 -21.80
CA SER F 296 14.95 46.72 -23.04
C SER F 296 15.83 47.11 -24.21
N LYS F 297 16.79 48.03 -23.98
CA LYS F 297 17.79 48.37 -24.98
C LYS F 297 18.43 47.11 -25.55
N LEU F 298 18.70 46.11 -24.69
CA LEU F 298 19.27 44.85 -25.15
C LEU F 298 18.42 44.15 -26.19
N LEU F 299 17.12 44.41 -26.21
CA LEU F 299 16.26 43.74 -27.18
C LEU F 299 15.54 44.73 -28.09
N ARG F 300 16.28 45.69 -28.65
CA ARG F 300 15.63 46.79 -29.37
C ARG F 300 15.34 46.46 -30.83
N GLY F 301 16.12 45.53 -31.44
CA GLY F 301 15.88 45.15 -32.81
C GLY F 301 14.86 44.03 -32.93
N THR F 302 14.46 43.73 -34.16
CA THR F 302 13.47 42.69 -34.42
C THR F 302 14.14 41.35 -34.69
N LYS F 303 14.82 40.86 -33.64
CA LYS F 303 15.79 39.79 -33.80
C LYS F 303 15.12 38.41 -33.70
N ALA F 304 15.88 37.39 -34.10
CA ALA F 304 15.50 36.00 -33.88
C ALA F 304 15.47 35.71 -32.39
N LEU F 305 14.79 34.63 -32.01
CA LEU F 305 14.63 34.33 -30.59
C LEU F 305 15.81 33.56 -29.99
N THR F 306 16.50 32.71 -30.76
CA THR F 306 17.59 31.90 -30.21
C THR F 306 18.97 32.56 -30.29
N GLU F 307 19.04 33.80 -30.76
CA GLU F 307 20.31 34.53 -30.89
C GLU F 307 20.89 34.91 -29.53
N VAL F 308 22.16 34.53 -29.28
CA VAL F 308 22.83 34.89 -28.02
C VAL F 308 23.30 36.33 -28.12
N ILE F 309 23.11 37.11 -27.07
CA ILE F 309 23.59 38.49 -27.11
C ILE F 309 24.35 38.83 -25.84
N PRO F 310 25.35 39.71 -25.91
CA PRO F 310 26.08 40.09 -24.68
C PRO F 310 25.28 41.08 -23.85
N LEU F 311 25.24 40.84 -22.54
CA LEU F 311 24.59 41.80 -21.66
C LEU F 311 25.46 43.04 -21.51
N THR F 312 24.86 44.21 -21.71
CA THR F 312 25.59 45.46 -21.50
C THR F 312 25.84 45.70 -20.02
N GLU F 313 26.66 46.72 -19.76
CA GLU F 313 27.03 47.06 -18.39
C GLU F 313 25.91 47.79 -17.66
N GLU F 314 25.17 48.65 -18.35
CA GLU F 314 24.04 49.30 -17.71
C GLU F 314 22.94 48.30 -17.38
N ALA F 315 22.84 47.21 -18.14
CA ALA F 315 21.88 46.16 -17.85
C ALA F 315 22.44 45.08 -16.93
N GLU F 316 23.73 44.76 -17.02
CA GLU F 316 24.33 43.92 -16.00
C GLU F 316 24.23 44.61 -14.63
N LEU F 317 24.43 45.93 -14.58
CA LEU F 317 24.27 46.67 -13.34
C LEU F 317 22.80 46.75 -12.94
N GLU F 318 21.93 47.03 -13.90
CA GLU F 318 20.49 46.98 -13.63
C GLU F 318 20.07 45.58 -13.18
N LEU F 319 20.67 44.55 -13.78
CA LEU F 319 20.35 43.17 -13.40
C LEU F 319 20.71 42.91 -11.95
N ALA F 320 21.89 43.37 -11.53
CA ALA F 320 22.33 43.17 -10.16
C ALA F 320 21.46 43.98 -9.20
N GLU F 321 21.40 45.30 -9.40
CA GLU F 321 20.59 46.16 -8.56
C GLU F 321 19.16 45.65 -8.44
N ASN F 322 18.69 44.89 -9.44
CA ASN F 322 17.41 44.23 -9.32
C ASN F 322 17.50 42.98 -8.45
N ARG F 323 18.50 42.13 -8.68
CA ARG F 323 18.68 40.99 -7.78
C ARG F 323 18.76 41.43 -6.32
N GLU F 324 19.12 42.71 -6.09
CA GLU F 324 19.13 43.27 -4.74
C GLU F 324 17.74 43.70 -4.31
N ILE F 325 17.12 44.61 -5.07
CA ILE F 325 15.83 45.20 -4.72
C ILE F 325 14.81 44.11 -4.44
N LEU F 326 15.02 42.91 -5.02
CA LEU F 326 14.20 41.75 -4.75
C LEU F 326 14.59 40.99 -3.49
N LYS F 327 15.75 41.27 -2.89
CA LYS F 327 16.14 40.57 -1.66
C LYS F 327 15.42 41.06 -0.41
N GLU F 328 14.93 42.28 -0.39
CA GLU F 328 14.35 42.86 0.81
C GLU F 328 12.86 42.59 0.89
N PRO F 329 12.26 42.70 2.07
CA PRO F 329 10.80 42.60 2.15
C PRO F 329 10.12 43.78 1.49
N VAL F 330 8.85 43.57 1.16
CA VAL F 330 8.02 44.59 0.56
C VAL F 330 7.90 45.80 1.51
N HIS F 331 7.50 46.95 0.93
CA HIS F 331 7.39 48.21 1.64
C HIS F 331 5.97 48.43 2.16
N GLY F 332 5.87 48.83 3.43
CA GLY F 332 4.60 49.21 4.01
C GLY F 332 3.58 48.10 4.07
N VAL F 333 4.03 46.85 4.14
CA VAL F 333 3.15 45.69 4.15
C VAL F 333 2.99 45.21 5.59
N TYR F 334 1.79 45.41 6.14
CA TYR F 334 1.50 45.05 7.52
C TYR F 334 0.09 44.48 7.61
N TYR F 335 -0.09 43.53 8.51
CA TYR F 335 -1.36 42.84 8.64
C TYR F 335 -2.44 43.77 9.19
N ASP F 336 -3.63 43.65 8.65
CA ASP F 336 -4.74 44.54 9.01
C ASP F 336 -5.91 43.74 9.56
N PRO F 337 -6.05 43.65 10.89
CA PRO F 337 -7.13 42.83 11.47
C PRO F 337 -8.54 43.15 10.95
N SER F 338 -8.75 44.32 10.37
CA SER F 338 -10.06 44.59 9.80
C SER F 338 -10.25 43.89 8.47
N LYS F 339 -9.19 43.78 7.67
CA LYS F 339 -9.26 43.13 6.36
C LYS F 339 -9.16 41.61 6.47
N ASP F 340 -9.80 40.93 5.53
CA ASP F 340 -9.74 39.48 5.48
C ASP F 340 -8.47 39.02 4.76
N LEU F 341 -8.03 37.81 5.09
CA LEU F 341 -6.86 37.17 4.47
C LEU F 341 -7.25 36.43 3.21
N ILE F 342 -6.38 36.49 2.19
CA ILE F 342 -6.55 35.83 0.90
C ILE F 342 -5.29 35.01 0.63
N ALA F 343 -5.46 33.79 0.10
CA ALA F 343 -4.34 32.90 -0.22
C ALA F 343 -4.51 32.30 -1.62
N GLU F 344 -3.46 32.41 -2.45
CA GLU F 344 -3.46 31.94 -3.83
C GLU F 344 -2.47 30.78 -3.94
N ILE F 345 -2.82 29.72 -4.72
CA ILE F 345 -2.01 28.52 -4.85
C ILE F 345 -1.76 28.21 -6.32
N GLN F 346 -0.50 27.91 -6.69
CA GLN F 346 -0.09 27.64 -8.07
C GLN F 346 0.52 26.24 -8.21
N LYS F 347 0.09 25.50 -9.23
CA LYS F 347 0.51 24.10 -9.43
C LYS F 347 1.74 24.07 -10.32
N GLN F 348 2.93 23.98 -9.73
CA GLN F 348 4.16 24.25 -10.46
C GLN F 348 4.76 23.05 -11.18
N GLY F 349 4.01 21.97 -11.34
CA GLY F 349 4.54 20.77 -11.97
C GLY F 349 5.50 20.06 -11.04
N GLN F 350 5.73 18.75 -11.22
CA GLN F 350 6.69 18.01 -10.40
C GLN F 350 6.35 18.04 -8.92
N GLY F 351 5.06 17.92 -8.60
CA GLY F 351 4.66 17.75 -7.22
C GLY F 351 5.11 18.86 -6.31
N GLN F 352 5.25 20.07 -6.84
CA GLN F 352 5.58 21.25 -6.06
C GLN F 352 4.55 22.34 -6.29
N TRP F 353 4.17 22.99 -5.19
CA TRP F 353 3.17 24.02 -5.17
C TRP F 353 3.79 25.29 -4.60
N THR F 354 3.42 26.43 -5.18
CA THR F 354 3.72 27.72 -4.61
C THR F 354 2.42 28.30 -4.08
N TYR F 355 2.52 29.16 -3.08
CA TYR F 355 1.33 29.82 -2.57
C TYR F 355 1.72 31.19 -2.04
N GLN F 356 0.73 32.07 -1.92
CA GLN F 356 0.93 33.39 -1.33
C GLN F 356 -0.25 33.69 -0.43
N ILE F 357 0.02 34.29 0.72
CA ILE F 357 -1.00 34.79 1.65
C ILE F 357 -0.96 36.31 1.55
N TYR F 358 -2.08 36.93 1.15
CA TYR F 358 -2.10 38.38 0.99
C TYR F 358 -3.46 38.94 1.36
N GLN F 359 -3.52 40.30 1.46
CA GLN F 359 -4.74 41.05 1.75
C GLN F 359 -5.06 42.14 0.75
N GLU F 360 -4.06 42.86 0.25
CA GLU F 360 -4.28 43.74 -0.89
C GLU F 360 -3.48 43.27 -2.08
N PRO F 361 -4.05 43.32 -3.29
CA PRO F 361 -3.34 42.82 -4.46
C PRO F 361 -1.95 43.43 -4.51
N PHE F 362 -0.97 42.60 -4.85
CA PHE F 362 0.45 42.99 -5.00
C PHE F 362 1.11 43.31 -3.67
N LYS F 363 0.46 43.03 -2.54
CA LYS F 363 1.05 43.21 -1.20
C LYS F 363 1.06 41.90 -0.41
N ASN F 364 2.16 41.15 -0.52
CA ASN F 364 2.23 39.79 0.01
C ASN F 364 2.66 39.77 1.47
N LEU F 365 1.85 39.10 2.31
CA LEU F 365 2.15 38.89 3.73
C LEU F 365 2.97 37.63 4.01
N LYS F 366 2.93 36.63 3.12
CA LYS F 366 3.78 35.45 3.23
C LYS F 366 3.76 34.72 1.90
N THR F 367 4.88 34.04 1.60
CA THR F 367 4.94 33.13 0.47
C THR F 367 5.60 31.83 0.93
N GLY F 368 5.36 30.77 0.15
CA GLY F 368 5.77 29.45 0.56
C GLY F 368 5.75 28.46 -0.59
N LYS F 369 6.12 27.22 -0.27
CA LYS F 369 6.21 26.15 -1.26
C LYS F 369 5.93 24.82 -0.56
N TYR F 370 5.44 23.84 -1.33
CA TYR F 370 5.16 22.50 -0.81
C TYR F 370 5.76 21.48 -1.75
N ALA F 371 6.28 20.39 -1.21
CA ALA F 371 6.98 19.43 -2.05
C ALA F 371 6.70 18.00 -1.59
N ARG F 372 6.43 17.11 -2.57
CA ARG F 372 6.49 15.66 -2.38
C ARG F 372 5.82 15.21 -1.07
N MET F 373 4.70 15.86 -0.76
CA MET F 373 3.92 15.59 0.45
C MET F 373 3.29 14.21 0.39
N ARG F 374 2.30 13.94 1.25
CA ARG F 374 1.57 12.69 1.10
C ARG F 374 0.70 12.77 -0.15
N GLY F 375 0.52 11.63 -0.81
CA GLY F 375 0.01 11.66 -2.16
C GLY F 375 0.98 12.21 -3.17
N ALA F 376 2.27 12.20 -2.84
CA ALA F 376 3.29 12.69 -3.76
C ALA F 376 3.34 11.81 -5.01
N HIS F 377 3.45 12.46 -6.17
CA HIS F 377 3.62 11.81 -7.47
C HIS F 377 2.53 10.79 -7.75
N THR F 378 1.46 10.77 -6.95
CA THR F 378 0.34 9.85 -7.18
C THR F 378 -1.01 10.53 -7.38
N ASN F 379 -1.24 11.70 -6.79
CA ASN F 379 -2.55 12.34 -6.90
C ASN F 379 -2.43 13.84 -6.70
N ASP F 380 -3.18 14.60 -7.52
CA ASP F 380 -3.15 16.05 -7.42
C ASP F 380 -4.10 16.59 -6.36
N VAL F 381 -5.35 16.10 -6.33
CA VAL F 381 -6.32 16.67 -5.39
C VAL F 381 -5.91 16.37 -3.95
N LYS F 382 -5.52 15.12 -3.70
CA LYS F 382 -4.83 14.78 -2.46
C LYS F 382 -3.71 15.77 -2.17
N GLN F 383 -2.95 16.15 -3.20
CA GLN F 383 -1.84 17.10 -3.03
C GLN F 383 -2.36 18.47 -2.64
N LEU F 384 -3.46 18.93 -3.24
CA LEU F 384 -3.98 20.26 -2.92
C LEU F 384 -4.56 20.29 -1.52
N THR F 385 -5.35 19.27 -1.17
CA THR F 385 -5.98 19.24 0.14
C THR F 385 -4.94 19.24 1.26
N GLU F 386 -3.80 18.62 1.00
CA GLU F 386 -2.64 18.79 1.87
C GLU F 386 -2.17 20.24 1.90
N ALA F 387 -2.11 20.88 0.72
CA ALA F 387 -1.68 22.27 0.66
C ALA F 387 -2.69 23.16 1.38
N VAL F 388 -3.98 22.95 1.14
CA VAL F 388 -5.01 23.77 1.78
C VAL F 388 -4.87 23.68 3.29
N GLN F 389 -4.63 22.50 3.81
CA GLN F 389 -4.56 22.31 5.25
C GLN F 389 -3.34 22.99 5.86
N LYS F 390 -2.17 22.78 5.27
CA LYS F 390 -0.93 23.32 5.85
C LYS F 390 -0.83 24.84 5.72
N ILE F 391 -1.51 25.45 4.74
CA ILE F 391 -1.54 26.92 4.70
C ILE F 391 -2.46 27.43 5.80
N THR F 392 -3.63 26.80 5.97
CA THR F 392 -4.53 27.21 7.05
C THR F 392 -3.84 27.07 8.39
N THR F 393 -2.94 26.11 8.52
CA THR F 393 -2.17 25.99 9.75
C THR F 393 -1.19 27.15 9.89
N GLU F 394 -0.42 27.46 8.83
CA GLU F 394 0.57 28.53 8.95
C GLU F 394 -0.08 29.86 9.30
N SER F 395 -1.32 30.06 8.87
CA SER F 395 -1.96 31.35 9.10
C SER F 395 -2.48 31.49 10.52
N ILE F 396 -3.13 30.44 11.04
CA ILE F 396 -3.67 30.48 12.39
C ILE F 396 -2.57 30.77 13.40
N VAL F 397 -1.36 30.30 13.12
CA VAL F 397 -0.22 30.53 14.01
C VAL F 397 0.25 31.99 13.91
N ILE F 398 0.25 32.56 12.70
CA ILE F 398 0.78 33.91 12.52
C ILE F 398 -0.29 35.01 12.65
N TRP F 399 -1.57 34.71 12.40
CA TRP F 399 -2.59 35.74 12.37
C TRP F 399 -3.91 35.43 13.10
N GLY F 400 -4.13 34.19 13.54
CA GLY F 400 -5.40 33.84 14.15
C GLY F 400 -6.57 33.90 13.20
N LYS F 401 -6.36 33.54 11.94
CA LYS F 401 -7.40 33.61 10.92
C LYS F 401 -7.26 32.45 9.95
N THR F 402 -8.39 32.06 9.34
CA THR F 402 -8.41 31.05 8.28
C THR F 402 -8.37 31.76 6.94
N PRO F 403 -7.27 31.70 6.20
CA PRO F 403 -7.20 32.45 4.95
C PRO F 403 -8.23 31.96 3.94
N LYS F 404 -8.78 32.89 3.17
CA LYS F 404 -9.75 32.56 2.12
C LYS F 404 -9.00 32.09 0.88
N PHE F 405 -9.45 30.97 0.30
CA PHE F 405 -8.66 30.23 -0.66
C PHE F 405 -9.13 30.41 -2.11
N LYS F 406 -8.17 30.65 -3.00
CA LYS F 406 -8.36 30.64 -4.45
C LYS F 406 -7.74 29.35 -5.00
N LEU F 407 -8.60 28.32 -5.26
CA LEU F 407 -8.16 26.97 -5.62
C LEU F 407 -8.03 26.81 -7.11
N PRO F 408 -6.89 26.39 -7.62
CA PRO F 408 -6.78 26.03 -9.04
C PRO F 408 -7.30 24.62 -9.33
N ILE F 409 -8.62 24.49 -9.34
CA ILE F 409 -9.29 23.22 -9.57
C ILE F 409 -10.74 23.51 -9.92
N GLN F 410 -11.39 22.56 -10.58
CA GLN F 410 -12.77 22.71 -11.00
C GLN F 410 -13.70 22.43 -9.83
N LYS F 411 -14.93 22.95 -9.88
CA LYS F 411 -15.78 22.87 -8.69
C LYS F 411 -16.15 21.43 -8.37
N GLU F 412 -16.52 20.65 -9.38
CA GLU F 412 -16.89 19.25 -9.14
C GLU F 412 -15.70 18.41 -8.76
N THR F 413 -14.50 18.77 -9.25
CA THR F 413 -13.30 18.00 -8.93
C THR F 413 -12.99 18.12 -7.45
N TRP F 414 -13.13 19.32 -6.89
CA TRP F 414 -12.84 19.52 -5.47
C TRP F 414 -13.91 18.87 -4.61
N GLU F 415 -15.19 19.11 -4.94
CA GLU F 415 -16.26 18.55 -4.13
C GLU F 415 -16.13 17.04 -4.03
N THR F 416 -15.87 16.38 -5.16
CA THR F 416 -15.96 14.93 -5.21
C THR F 416 -15.00 14.27 -4.24
N TRP F 417 -13.84 14.87 -4.00
CA TRP F 417 -12.79 14.16 -3.30
C TRP F 417 -12.27 14.83 -2.04
N TRP F 418 -12.63 16.09 -1.76
CA TRP F 418 -11.92 16.79 -0.71
C TRP F 418 -12.06 16.09 0.65
N THR F 419 -13.26 15.67 1.02
CA THR F 419 -13.42 15.03 2.33
C THR F 419 -12.72 13.67 2.41
N GLU F 420 -12.33 13.08 1.27
CA GLU F 420 -11.51 11.87 1.33
C GLU F 420 -10.11 12.17 1.87
N TYR F 421 -9.51 13.28 1.47
CA TYR F 421 -8.15 13.62 1.84
C TYR F 421 -8.04 14.64 2.96
N TRP F 422 -9.16 15.12 3.50
CA TRP F 422 -9.20 16.17 4.51
C TRP F 422 -9.14 15.60 5.92
N GLN F 423 -8.26 16.15 6.77
CA GLN F 423 -8.08 15.68 8.13
C GLN F 423 -8.24 16.74 9.22
N ALA F 424 -8.46 18.01 8.86
CA ALA F 424 -8.56 19.08 9.84
C ALA F 424 -9.96 19.12 10.48
N THR F 425 -10.09 19.99 11.49
CA THR F 425 -11.36 20.18 12.19
C THR F 425 -12.04 21.49 11.87
N TRP F 426 -11.32 22.43 11.25
CA TRP F 426 -11.87 23.66 10.72
C TRP F 426 -11.97 23.57 9.19
N ILE F 427 -12.65 24.54 8.58
CA ILE F 427 -12.86 24.47 7.13
C ILE F 427 -12.80 25.86 6.52
N PRO F 428 -11.82 26.16 5.68
CA PRO F 428 -11.67 27.51 5.13
C PRO F 428 -12.62 27.78 3.96
N GLU F 429 -12.89 29.07 3.73
CA GLU F 429 -13.78 29.50 2.66
C GLU F 429 -12.95 29.69 1.40
N TRP F 430 -13.44 29.15 0.28
CA TRP F 430 -12.64 29.01 -0.93
C TRP F 430 -13.43 29.43 -2.15
N GLU F 431 -12.70 29.78 -3.20
CA GLU F 431 -13.25 30.00 -4.54
C GLU F 431 -12.29 29.39 -5.54
N PHE F 432 -12.81 29.02 -6.72
CA PHE F 432 -12.05 28.29 -7.75
C PHE F 432 -11.71 29.20 -8.92
N VAL F 433 -10.42 29.34 -9.22
CA VAL F 433 -9.99 30.25 -10.29
C VAL F 433 -9.37 29.45 -11.42
N ASN F 434 -9.63 29.91 -12.64
CA ASN F 434 -9.01 29.39 -13.85
C ASN F 434 -8.05 30.46 -14.36
N THR F 435 -6.85 30.47 -13.81
CA THR F 435 -5.81 31.41 -14.19
C THR F 435 -4.61 30.62 -14.69
N PRO F 436 -4.19 30.80 -15.93
CA PRO F 436 -2.93 30.20 -16.39
C PRO F 436 -1.74 31.06 -16.00
N PRO F 437 -0.54 30.48 -15.96
CA PRO F 437 0.65 31.23 -15.55
C PRO F 437 1.42 31.89 -16.71
N LEU F 438 0.89 33.02 -17.18
CA LEU F 438 1.66 33.80 -18.14
C LEU F 438 3.01 34.14 -17.54
N VAL F 439 3.03 34.51 -16.28
CA VAL F 439 4.25 34.56 -15.48
C VAL F 439 4.07 33.62 -14.30
N LYS F 440 4.95 32.62 -14.22
CA LYS F 440 5.13 31.82 -13.02
C LYS F 440 6.13 32.55 -12.15
N LEU F 441 5.66 33.68 -11.62
CA LEU F 441 6.56 34.58 -10.91
C LEU F 441 7.15 33.87 -9.70
N TRP F 442 6.32 33.09 -9.00
CA TRP F 442 6.63 32.68 -7.64
C TRP F 442 7.71 31.61 -7.60
N TYR F 443 7.65 30.67 -8.53
CA TYR F 443 8.62 29.60 -8.65
C TYR F 443 9.25 29.73 -10.01
N GLN F 444 10.56 29.51 -10.09
CA GLN F 444 11.14 29.39 -11.40
C GLN F 444 10.58 28.10 -11.97
#